data_5DUN
# 
_entry.id   5DUN 
# 
_audit_conform.dict_name       mmcif_pdbx.dic 
_audit_conform.dict_version    5.379 
_audit_conform.dict_location   http://mmcif.pdb.org/dictionaries/ascii/mmcif_pdbx.dic 
# 
loop_
_database_2.database_id 
_database_2.database_code 
_database_2.pdbx_database_accession 
_database_2.pdbx_DOI 
PDB   5DUN         pdb_00005dun 10.2210/pdb5dun/pdb 
WWPDB D_1000213838 ?            ?                   
# 
_pdbx_database_status.status_code                     REL 
_pdbx_database_status.status_code_sf                  REL 
_pdbx_database_status.status_code_mr                  ? 
_pdbx_database_status.entry_id                        5DUN 
_pdbx_database_status.recvd_initial_deposition_date   2015-09-19 
_pdbx_database_status.SG_entry                        N 
_pdbx_database_status.deposit_site                    RCSB 
_pdbx_database_status.process_site                    RCSB 
_pdbx_database_status.status_code_cs                  ? 
_pdbx_database_status.methods_development_category    ? 
_pdbx_database_status.pdb_format_compatible           Y 
_pdbx_database_status.status_code_nmr_data            ? 
# 
loop_
_audit_author.name 
_audit_author.pdbx_ordinal 
'Ren, A.'           1 
'Patel, D.J.'       2 
'Micura, R.'        3 
'Rajashankar, K.R.' 4 
# 
_citation.abstract                  ? 
_citation.abstract_id_CAS           ? 
_citation.book_id_ISBN              ? 
_citation.book_publisher            ? 
_citation.book_publisher_city       ? 
_citation.book_title                ? 
_citation.coordinate_linkage        ? 
_citation.country                   GE 
_citation.database_id_Medline       ? 
_citation.details                   ? 
_citation.id                        primary 
_citation.journal_abbrev            Angew.Chem.Int.Ed.Engl. 
_citation.journal_id_ASTM           ACIEAY 
_citation.journal_id_CSD            0179 
_citation.journal_id_ISSN           1521-3773 
_citation.journal_full              ? 
_citation.journal_issue             ? 
_citation.journal_volume            54 
_citation.language                  ? 
_citation.page_first                15128 
_citation.page_last                 15133 
_citation.title                     
'A Mini-Twister Variant and Impact of Residues/Cations on the Phosphodiester Cleavage of this Ribozyme Class.' 
_citation.year                      2015 
_citation.database_id_CSD           ? 
_citation.pdbx_database_id_DOI      10.1002/anie.201506601 
_citation.pdbx_database_id_PubMed   26473980 
_citation.unpublished_flag          ? 
# 
loop_
_citation_author.citation_id 
_citation_author.name 
_citation_author.ordinal 
_citation_author.identifier_ORCID 
primary 'Kosutic, M.'    1  ? 
primary 'Neuner, S.'     2  ? 
primary 'Ren, A.'        3  ? 
primary 'Flur, S.'       4  ? 
primary 'Wunderlich, C.' 5  ? 
primary 'Mairhofer, E.'  6  ? 
primary 'Vusurovic, N.'  7  ? 
primary 'Seikowski, J.'  8  ? 
primary 'Breuker, K.'    9  ? 
primary 'Hobartner, C.'  10 ? 
primary 'Patel, D.J.'    11 ? 
primary 'Kreutz, C.'     12 ? 
primary 'Micura, R.'     13 ? 
# 
_cell.angle_alpha                  90.00 
_cell.angle_alpha_esd              ? 
_cell.angle_beta                   90.00 
_cell.angle_beta_esd               ? 
_cell.angle_gamma                  90.00 
_cell.angle_gamma_esd              ? 
_cell.entry_id                     5DUN 
_cell.details                      ? 
_cell.formula_units_Z              ? 
_cell.length_a                     46.819 
_cell.length_a_esd                 ? 
_cell.length_b                     46.819 
_cell.length_b_esd                 ? 
_cell.length_c                     143.751 
_cell.length_c_esd                 ? 
_cell.volume                       ? 
_cell.volume_esd                   ? 
_cell.Z_PDB                        8 
_cell.reciprocal_angle_alpha       ? 
_cell.reciprocal_angle_beta        ? 
_cell.reciprocal_angle_gamma       ? 
_cell.reciprocal_angle_alpha_esd   ? 
_cell.reciprocal_angle_beta_esd    ? 
_cell.reciprocal_angle_gamma_esd   ? 
_cell.reciprocal_length_a          ? 
_cell.reciprocal_length_b          ? 
_cell.reciprocal_length_c          ? 
_cell.reciprocal_length_a_esd      ? 
_cell.reciprocal_length_b_esd      ? 
_cell.reciprocal_length_c_esd      ? 
_cell.pdbx_unique_axis             ? 
# 
_symmetry.entry_id                         5DUN 
_symmetry.cell_setting                     ? 
_symmetry.Int_Tables_number                96 
_symmetry.space_group_name_Hall            ? 
_symmetry.space_group_name_H-M             'P 43 21 2' 
_symmetry.pdbx_full_space_group_name_H-M   ? 
# 
loop_
_entity.id 
_entity.type 
_entity.src_method 
_entity.pdbx_description 
_entity.formula_weight 
_entity.pdbx_number_of_molecules 
_entity.pdbx_ec 
_entity.pdbx_mutation 
_entity.pdbx_fragment 
_entity.details 
1 polymer     syn 'RNA (54-MER)'  17406.396 1  ? ? ? ? 
2 non-polymer syn 'MAGNESIUM ION' 24.305    8  ? ? ? ? 
3 non-polymer syn 'POTASSIUM ION' 39.098    1  ? ? ? ? 
4 water       nat water           18.015    19 ? ? ? ? 
# 
_entity_poly.entity_id                      1 
_entity_poly.type                           polyribonucleotide 
_entity_poly.nstd_linkage                   no 
_entity_poly.nstd_monomer                   yes 
_entity_poly.pdbx_seq_one_letter_code       'UUUU(OMU)AAUGAAGCCACAGGCUGUGAGGGUCCUAAGCCCCUAAUUCAGAAGGGAA' 
_entity_poly.pdbx_seq_one_letter_code_can   UUUUUAAUGAAGCCACAGGCUGUGAGGGUCCUAAGCCCCUAAUUCAGAAGGGAA 
_entity_poly.pdbx_strand_id                 A 
_entity_poly.pdbx_target_identifier         ? 
# 
loop_
_entity_poly_seq.entity_id 
_entity_poly_seq.num 
_entity_poly_seq.mon_id 
_entity_poly_seq.hetero 
1 1  U   n 
1 2  U   n 
1 3  U   n 
1 4  U   n 
1 5  OMU n 
1 6  A   n 
1 7  A   n 
1 8  U   n 
1 9  G   n 
1 10 A   n 
1 11 A   n 
1 12 G   n 
1 13 C   n 
1 14 C   n 
1 15 A   n 
1 16 C   n 
1 17 A   n 
1 18 G   n 
1 19 G   n 
1 20 C   n 
1 21 U   n 
1 22 G   n 
1 23 U   n 
1 24 G   n 
1 25 A   n 
1 26 G   n 
1 27 G   n 
1 28 G   n 
1 29 U   n 
1 30 C   n 
1 31 C   n 
1 32 U   n 
1 33 A   n 
1 34 A   n 
1 35 G   n 
1 36 C   n 
1 37 C   n 
1 38 C   n 
1 39 C   n 
1 40 U   n 
1 41 A   n 
1 42 A   n 
1 43 U   n 
1 44 U   n 
1 45 C   n 
1 46 A   n 
1 47 G   n 
1 48 A   n 
1 49 A   n 
1 50 G   n 
1 51 G   n 
1 52 G   n 
1 53 A   n 
1 54 A   n 
# 
_pdbx_entity_src_syn.entity_id              1 
_pdbx_entity_src_syn.pdbx_src_id            1 
_pdbx_entity_src_syn.pdbx_alt_source_flag   sample 
_pdbx_entity_src_syn.pdbx_beg_seq_num       1 
_pdbx_entity_src_syn.pdbx_end_seq_num       54 
_pdbx_entity_src_syn.organism_scientific    'synthetic construct' 
_pdbx_entity_src_syn.organism_common_name   ? 
_pdbx_entity_src_syn.ncbi_taxonomy_id       32630 
_pdbx_entity_src_syn.details                ? 
# 
_struct_ref.id                         1 
_struct_ref.db_name                    PDB 
_struct_ref.db_code                    5DUN 
_struct_ref.pdbx_db_accession          5DUN 
_struct_ref.pdbx_db_isoform            ? 
_struct_ref.entity_id                  1 
_struct_ref.pdbx_seq_one_letter_code   ? 
_struct_ref.pdbx_align_begin           1 
# 
_struct_ref_seq.align_id                      1 
_struct_ref_seq.ref_id                        1 
_struct_ref_seq.pdbx_PDB_id_code              5DUN 
_struct_ref_seq.pdbx_strand_id                A 
_struct_ref_seq.seq_align_beg                 1 
_struct_ref_seq.pdbx_seq_align_beg_ins_code   ? 
_struct_ref_seq.seq_align_end                 54 
_struct_ref_seq.pdbx_seq_align_end_ins_code   ? 
_struct_ref_seq.pdbx_db_accession             5DUN 
_struct_ref_seq.db_align_beg                  1 
_struct_ref_seq.pdbx_db_align_beg_ins_code    ? 
_struct_ref_seq.db_align_end                  55 
_struct_ref_seq.pdbx_db_align_end_ins_code    ? 
_struct_ref_seq.pdbx_auth_seq_align_beg       1 
_struct_ref_seq.pdbx_auth_seq_align_end       55 
# 
loop_
_chem_comp.id 
_chem_comp.type 
_chem_comp.mon_nstd_flag 
_chem_comp.name 
_chem_comp.pdbx_synonyms 
_chem_comp.formula 
_chem_comp.formula_weight 
A   'RNA linking' y "ADENOSINE-5'-MONOPHOSPHATE"         ? 'C10 H14 N5 O7 P' 347.221 
C   'RNA linking' y "CYTIDINE-5'-MONOPHOSPHATE"          ? 'C9 H14 N3 O8 P'  323.197 
G   'RNA linking' y "GUANOSINE-5'-MONOPHOSPHATE"         ? 'C10 H14 N5 O8 P' 363.221 
HOH non-polymer   . WATER                                ? 'H2 O'            18.015  
K   non-polymer   . 'POTASSIUM ION'                      ? 'K 1'             39.098  
MG  non-polymer   . 'MAGNESIUM ION'                      ? 'Mg 2'            24.305  
OMU 'RNA linking' n 
;O2'-METHYLURIDINE 5'-MONOPHOSPHATE
;
? 'C10 H15 N2 O9 P' 338.208 
U   'RNA linking' y "URIDINE-5'-MONOPHOSPHATE"           ? 'C9 H13 N2 O9 P'  324.181 
# 
_exptl.absorpt_coefficient_mu     ? 
_exptl.absorpt_correction_T_max   ? 
_exptl.absorpt_correction_T_min   ? 
_exptl.absorpt_correction_type    ? 
_exptl.absorpt_process_details    ? 
_exptl.entry_id                   5DUN 
_exptl.crystals_number            ? 
_exptl.details                    ? 
_exptl.method                     'X-RAY DIFFRACTION' 
_exptl.method_details             ? 
# 
_exptl_crystal.colour                      ? 
_exptl_crystal.density_diffrn              ? 
_exptl_crystal.density_Matthews            2.26 
_exptl_crystal.density_method              ? 
_exptl_crystal.density_percent_sol         45.64 
_exptl_crystal.description                 ? 
_exptl_crystal.F_000                       ? 
_exptl_crystal.id                          1 
_exptl_crystal.preparation                 ? 
_exptl_crystal.size_max                    ? 
_exptl_crystal.size_mid                    ? 
_exptl_crystal.size_min                    ? 
_exptl_crystal.size_rad                    ? 
_exptl_crystal.colour_lustre               ? 
_exptl_crystal.colour_modifier             ? 
_exptl_crystal.colour_primary              ? 
_exptl_crystal.density_meas                ? 
_exptl_crystal.density_meas_esd            ? 
_exptl_crystal.density_meas_gt             ? 
_exptl_crystal.density_meas_lt             ? 
_exptl_crystal.density_meas_temp           ? 
_exptl_crystal.density_meas_temp_esd       ? 
_exptl_crystal.density_meas_temp_gt        ? 
_exptl_crystal.density_meas_temp_lt        ? 
_exptl_crystal.pdbx_crystal_image_url      ? 
_exptl_crystal.pdbx_crystal_image_format   ? 
_exptl_crystal.pdbx_mosaicity              ? 
_exptl_crystal.pdbx_mosaicity_esd          ? 
# 
_exptl_crystal_grow.apparatus       ? 
_exptl_crystal_grow.atmosphere      ? 
_exptl_crystal_grow.crystal_id      1 
_exptl_crystal_grow.details         ? 
_exptl_crystal_grow.method          EVAPORATION 
_exptl_crystal_grow.method_ref      ? 
_exptl_crystal_grow.pH              8.0 
_exptl_crystal_grow.pressure        ? 
_exptl_crystal_grow.pressure_esd    ? 
_exptl_crystal_grow.seeding         ? 
_exptl_crystal_grow.seeding_ref     ? 
_exptl_crystal_grow.temp            293 
_exptl_crystal_grow.temp_details    ? 
_exptl_crystal_grow.temp_esd        ? 
_exptl_crystal_grow.time            ? 
_exptl_crystal_grow.pdbx_details    '0.2 M Calcium acetate, 0.1 M Imidazole pH 8.0, 20% PEG 1000' 
_exptl_crystal_grow.pdbx_pH_range   8.0-8.2 
# 
_diffrn.ambient_environment    ? 
_diffrn.ambient_temp           100 
_diffrn.ambient_temp_details   ? 
_diffrn.ambient_temp_esd       ? 
_diffrn.crystal_id             1 
_diffrn.crystal_support        ? 
_diffrn.crystal_treatment      ? 
_diffrn.details                ? 
_diffrn.id                     1 
_diffrn.ambient_pressure       ? 
_diffrn.ambient_pressure_esd   ? 
_diffrn.ambient_pressure_gt    ? 
_diffrn.ambient_pressure_lt    ? 
_diffrn.ambient_temp_gt        ? 
_diffrn.ambient_temp_lt        ? 
# 
_diffrn_detector.details                      ? 
_diffrn_detector.detector                     CCD 
_diffrn_detector.diffrn_id                    1 
_diffrn_detector.type                         'ADSC QUANTUM 315' 
_diffrn_detector.area_resol_mean              ? 
_diffrn_detector.dtime                        ? 
_diffrn_detector.pdbx_frames_total            ? 
_diffrn_detector.pdbx_collection_time_total   ? 
_diffrn_detector.pdbx_collection_date         2015-02-23 
# 
_diffrn_radiation.collimation                      ? 
_diffrn_radiation.diffrn_id                        1 
_diffrn_radiation.filter_edge                      ? 
_diffrn_radiation.inhomogeneity                    ? 
_diffrn_radiation.monochromator                    ? 
_diffrn_radiation.polarisn_norm                    ? 
_diffrn_radiation.polarisn_ratio                   ? 
_diffrn_radiation.probe                            ? 
_diffrn_radiation.type                             ? 
_diffrn_radiation.xray_symbol                      ? 
_diffrn_radiation.wavelength_id                    1 
_diffrn_radiation.pdbx_monochromatic_or_laue_m_l   M 
_diffrn_radiation.pdbx_wavelength_list             ? 
_diffrn_radiation.pdbx_wavelength                  ? 
_diffrn_radiation.pdbx_diffrn_protocol             'SINGLE WAVELENGTH' 
_diffrn_radiation.pdbx_analyzer                    ? 
_diffrn_radiation.pdbx_scattering_type             x-ray 
# 
_diffrn_radiation_wavelength.id           1 
_diffrn_radiation_wavelength.wavelength   0.9792 
_diffrn_radiation_wavelength.wt           1.0 
# 
_diffrn_source.current                     ? 
_diffrn_source.details                     ? 
_diffrn_source.diffrn_id                   1 
_diffrn_source.power                       ? 
_diffrn_source.size                        ? 
_diffrn_source.source                      SYNCHROTRON 
_diffrn_source.target                      ? 
_diffrn_source.type                        'APS BEAMLINE 24-ID-E' 
_diffrn_source.voltage                     ? 
_diffrn_source.take-off_angle              ? 
_diffrn_source.pdbx_wavelength_list        0.9792 
_diffrn_source.pdbx_wavelength             ? 
_diffrn_source.pdbx_synchrotron_beamline   24-ID-E 
_diffrn_source.pdbx_synchrotron_site       APS 
# 
_reflns.B_iso_Wilson_estimate            ? 
_reflns.entry_id                         5DUN 
_reflns.data_reduction_details           ? 
_reflns.data_reduction_method            ? 
_reflns.d_resolution_high                2.64 
_reflns.d_resolution_low                 143.7 
_reflns.details                          ? 
_reflns.limit_h_max                      ? 
_reflns.limit_h_min                      ? 
_reflns.limit_k_max                      ? 
_reflns.limit_k_min                      ? 
_reflns.limit_l_max                      ? 
_reflns.limit_l_min                      ? 
_reflns.number_all                       5164 
_reflns.number_obs                       5164 
_reflns.observed_criterion               ? 
_reflns.observed_criterion_F_max         ? 
_reflns.observed_criterion_F_min         ? 
_reflns.observed_criterion_I_max         ? 
_reflns.observed_criterion_I_min         ? 
_reflns.observed_criterion_sigma_F       ? 
_reflns.observed_criterion_sigma_I       ? 
_reflns.percent_possible_obs             99.9 
_reflns.R_free_details                   ? 
_reflns.Rmerge_F_all                     ? 
_reflns.Rmerge_F_obs                     ? 
_reflns.Friedel_coverage                 ? 
_reflns.number_gt                        ? 
_reflns.threshold_expression             ? 
_reflns.pdbx_redundancy                  2.0 
_reflns.pdbx_Rmerge_I_obs                0.183 
_reflns.pdbx_Rmerge_I_all                ? 
_reflns.pdbx_Rsym_value                  ? 
_reflns.pdbx_netI_over_av_sigmaI         ? 
_reflns.pdbx_netI_over_sigmaI            14.5 
_reflns.pdbx_res_netI_over_av_sigmaI_2   ? 
_reflns.pdbx_res_netI_over_sigmaI_2      ? 
_reflns.pdbx_chi_squared                 ? 
_reflns.pdbx_scaling_rejects             ? 
_reflns.pdbx_d_res_high_opt              ? 
_reflns.pdbx_d_res_low_opt               ? 
_reflns.pdbx_d_res_opt_method            ? 
_reflns.phase_calculation_details        ? 
_reflns.pdbx_Rrim_I_all                  ? 
_reflns.pdbx_Rpim_I_all                  ? 
_reflns.pdbx_d_opt                       ? 
_reflns.pdbx_number_measured_all         ? 
_reflns.pdbx_diffrn_id                   1 
_reflns.pdbx_ordinal                     1 
_reflns.pdbx_CC_half                     ? 
_reflns.pdbx_R_split                     ? 
# 
_reflns_shell.Rmerge_F_all                ? 
_reflns_shell.Rmerge_F_gt                 ? 
_reflns_shell.Rmerge_F_obs                ? 
_reflns_shell.Rmerge_I_all                ? 
_reflns_shell.Rmerge_I_gt                 ? 
_reflns_shell.Rmerge_I_obs                1.611 
_reflns_shell.d_res_high                  2.64 
_reflns_shell.d_res_low                   2.73 
_reflns_shell.meanI_over_sigI_all         ? 
_reflns_shell.meanI_over_sigI_gt          ? 
_reflns_shell.meanI_over_sigI_obs         ? 
_reflns_shell.meanI_over_uI_all           ? 
_reflns_shell.meanI_over_uI_gt            ? 
_reflns_shell.number_measured_all         ? 
_reflns_shell.number_measured_gt          ? 
_reflns_shell.number_measured_obs         ? 
_reflns_shell.number_possible             ? 
_reflns_shell.number_unique_all           492 
_reflns_shell.number_unique_gt            ? 
_reflns_shell.number_unique_obs           ? 
_reflns_shell.pdbx_CC_half                ? 
_reflns_shell.pdbx_R_split                ? 
_reflns_shell.pdbx_Rpim_I_all             ? 
_reflns_shell.pdbx_Rrim_I_all             ? 
_reflns_shell.pdbx_Rsym_value             ? 
_reflns_shell.pdbx_chi_squared            ? 
_reflns_shell.pdbx_diffrn_id              1 
_reflns_shell.pdbx_netI_over_sigmaI_all   ? 
_reflns_shell.pdbx_netI_over_sigmaI_obs   ? 
_reflns_shell.pdbx_ordinal                1 
_reflns_shell.pdbx_redundancy             2.0 
_reflns_shell.pdbx_rejects                ? 
_reflns_shell.percent_possible_all        100 
_reflns_shell.percent_possible_gt         ? 
_reflns_shell.percent_possible_obs        ? 
# 
_refine.aniso_B[1][1]                            ? 
_refine.aniso_B[1][2]                            ? 
_refine.aniso_B[1][3]                            ? 
_refine.aniso_B[2][2]                            ? 
_refine.aniso_B[2][3]                            ? 
_refine.aniso_B[3][3]                            ? 
_refine.B_iso_max                                ? 
_refine.B_iso_mean                               ? 
_refine.B_iso_min                                ? 
_refine.correlation_coeff_Fo_to_Fc               ? 
_refine.correlation_coeff_Fo_to_Fc_free          ? 
_refine.details                                  ? 
_refine.diff_density_max                         ? 
_refine.diff_density_max_esd                     ? 
_refine.diff_density_min                         ? 
_refine.diff_density_min_esd                     ? 
_refine.diff_density_rms                         ? 
_refine.diff_density_rms_esd                     ? 
_refine.entry_id                                 5DUN 
_refine.pdbx_refine_id                           'X-RAY DIFFRACTION' 
_refine.ls_abs_structure_details                 ? 
_refine.ls_abs_structure_Flack                   ? 
_refine.ls_abs_structure_Flack_esd               ? 
_refine.ls_abs_structure_Rogers                  ? 
_refine.ls_abs_structure_Rogers_esd              ? 
_refine.ls_d_res_high                            2.640 
_refine.ls_d_res_low                             44.517 
_refine.ls_extinction_coef                       ? 
_refine.ls_extinction_coef_esd                   ? 
_refine.ls_extinction_expression                 ? 
_refine.ls_extinction_method                     ? 
_refine.ls_goodness_of_fit_all                   ? 
_refine.ls_goodness_of_fit_all_esd               ? 
_refine.ls_goodness_of_fit_obs                   ? 
_refine.ls_goodness_of_fit_obs_esd               ? 
_refine.ls_hydrogen_treatment                    ? 
_refine.ls_matrix_type                           ? 
_refine.ls_number_constraints                    ? 
_refine.ls_number_parameters                     ? 
_refine.ls_number_reflns_all                     ? 
_refine.ls_number_reflns_obs                     5154 
_refine.ls_number_reflns_R_free                  240 
_refine.ls_number_reflns_R_work                  ? 
_refine.ls_number_restraints                     ? 
_refine.ls_percent_reflns_obs                    99.75 
_refine.ls_percent_reflns_R_free                 4.66 
_refine.ls_R_factor_all                          ? 
_refine.ls_R_factor_obs                          0.1969 
_refine.ls_R_factor_R_free                       0.2523 
_refine.ls_R_factor_R_free_error                 ? 
_refine.ls_R_factor_R_free_error_details         ? 
_refine.ls_R_factor_R_work                       0.1942 
_refine.ls_R_Fsqd_factor_obs                     ? 
_refine.ls_R_I_factor_obs                        ? 
_refine.ls_redundancy_reflns_all                 ? 
_refine.ls_redundancy_reflns_obs                 ? 
_refine.ls_restrained_S_all                      ? 
_refine.ls_restrained_S_obs                      ? 
_refine.ls_shift_over_esd_max                    ? 
_refine.ls_shift_over_esd_mean                   ? 
_refine.ls_structure_factor_coef                 ? 
_refine.ls_weighting_details                     ? 
_refine.ls_weighting_scheme                      ? 
_refine.ls_wR_factor_all                         ? 
_refine.ls_wR_factor_obs                         ? 
_refine.ls_wR_factor_R_free                      ? 
_refine.ls_wR_factor_R_work                      ? 
_refine.occupancy_max                            ? 
_refine.occupancy_min                            ? 
_refine.solvent_model_details                    'FLAT BULK SOLVENT MODEL' 
_refine.solvent_model_param_bsol                 ? 
_refine.solvent_model_param_ksol                 ? 
_refine.ls_R_factor_gt                           ? 
_refine.ls_goodness_of_fit_gt                    ? 
_refine.ls_goodness_of_fit_ref                   ? 
_refine.ls_shift_over_su_max                     ? 
_refine.ls_shift_over_su_max_lt                  ? 
_refine.ls_shift_over_su_mean                    ? 
_refine.ls_shift_over_su_mean_lt                 ? 
_refine.pdbx_ls_sigma_I                          ? 
_refine.pdbx_ls_sigma_F                          1.35 
_refine.pdbx_ls_sigma_Fsqd                       ? 
_refine.pdbx_data_cutoff_high_absF               ? 
_refine.pdbx_data_cutoff_high_rms_absF           ? 
_refine.pdbx_data_cutoff_low_absF                ? 
_refine.pdbx_isotropic_thermal_model             ? 
_refine.pdbx_ls_cross_valid_method               'FREE R-VALUE' 
_refine.pdbx_method_to_determine_struct          'MOLECULAR REPLACEMENT' 
_refine.pdbx_starting_model                      4RGE 
_refine.pdbx_stereochemistry_target_values       ML 
_refine.pdbx_R_Free_selection_details            ? 
_refine.pdbx_stereochem_target_val_spec_case     ? 
_refine.pdbx_overall_ESU_R                       ? 
_refine.pdbx_overall_ESU_R_Free                  ? 
_refine.pdbx_solvent_vdw_probe_radii             1.11 
_refine.pdbx_solvent_ion_probe_radii             ? 
_refine.pdbx_solvent_shrinkage_radii             0.90 
_refine.pdbx_real_space_R                        ? 
_refine.pdbx_density_correlation                 ? 
_refine.pdbx_pd_number_of_powder_patterns        ? 
_refine.pdbx_pd_number_of_points                 ? 
_refine.pdbx_pd_meas_number_of_points            ? 
_refine.pdbx_pd_proc_ls_prof_R_factor            ? 
_refine.pdbx_pd_proc_ls_prof_wR_factor           ? 
_refine.pdbx_pd_Marquardt_correlation_coeff      ? 
_refine.pdbx_pd_Fsqrd_R_factor                   ? 
_refine.pdbx_pd_ls_matrix_band_width             ? 
_refine.pdbx_overall_phase_error                 26.35 
_refine.pdbx_overall_SU_R_free_Cruickshank_DPI   ? 
_refine.pdbx_overall_SU_R_free_Blow_DPI          ? 
_refine.pdbx_overall_SU_R_Blow_DPI               ? 
_refine.pdbx_TLS_residual_ADP_flag               ? 
_refine.pdbx_diffrn_id                           1 
_refine.overall_SU_B                             ? 
_refine.overall_SU_ML                            0.31 
_refine.overall_SU_R_Cruickshank_DPI             ? 
_refine.overall_SU_R_free                        ? 
_refine.overall_FOM_free_R_set                   ? 
_refine.overall_FOM_work_R_set                   ? 
_refine.pdbx_average_fsc_overall                 ? 
_refine.pdbx_average_fsc_work                    ? 
_refine.pdbx_average_fsc_free                    ? 
# 
_refine_hist.pdbx_refine_id                   'X-RAY DIFFRACTION' 
_refine_hist.cycle_id                         LAST 
_refine_hist.pdbx_number_atoms_protein        0 
_refine_hist.pdbx_number_atoms_nucleic_acid   1151 
_refine_hist.pdbx_number_atoms_ligand         9 
_refine_hist.number_atoms_solvent             21 
_refine_hist.number_atoms_total               1181 
_refine_hist.d_res_high                       2.640 
_refine_hist.d_res_low                        44.517 
# 
loop_
_refine_ls_restr.pdbx_refine_id 
_refine_ls_restr.criterion 
_refine_ls_restr.dev_ideal 
_refine_ls_restr.dev_ideal_target 
_refine_ls_restr.number 
_refine_ls_restr.rejects 
_refine_ls_restr.type 
_refine_ls_restr.weight 
_refine_ls_restr.pdbx_restraint_function 
'X-RAY DIFFRACTION' ? 0.010  ? 1325 ? f_bond_d           ? ? 
'X-RAY DIFFRACTION' ? 1.650  ? 2001 ? f_angle_d          ? ? 
'X-RAY DIFFRACTION' ? 16.382 ? 640  ? f_dihedral_angle_d ? ? 
'X-RAY DIFFRACTION' ? 0.071  ? 267  ? f_chiral_restr     ? ? 
'X-RAY DIFFRACTION' ? 0.010  ? 54   ? f_plane_restr      ? ? 
# 
loop_
_refine_ls_shell.pdbx_refine_id 
_refine_ls_shell.d_res_high 
_refine_ls_shell.d_res_low 
_refine_ls_shell.number_reflns_all 
_refine_ls_shell.number_reflns_obs 
_refine_ls_shell.number_reflns_R_free 
_refine_ls_shell.number_reflns_R_work 
_refine_ls_shell.percent_reflns_obs 
_refine_ls_shell.percent_reflns_R_free 
_refine_ls_shell.R_factor_all 
_refine_ls_shell.R_factor_obs 
_refine_ls_shell.R_factor_R_free 
_refine_ls_shell.R_factor_R_free_error 
_refine_ls_shell.R_factor_R_work 
_refine_ls_shell.redundancy_reflns_all 
_refine_ls_shell.redundancy_reflns_obs 
_refine_ls_shell.wR_factor_all 
_refine_ls_shell.wR_factor_obs 
_refine_ls_shell.wR_factor_R_free 
_refine_ls_shell.wR_factor_R_work 
_refine_ls_shell.pdbx_total_number_of_bins_used 
_refine_ls_shell.pdbx_phase_error 
_refine_ls_shell.pdbx_fsc_work 
_refine_ls_shell.pdbx_fsc_free 
'X-RAY DIFFRACTION' 2.6402 3.3262  . . 118 2374 100.00 . . . 0.2995 . 0.2332 . . . . . . . . . . 
'X-RAY DIFFRACTION' 3.3262 44.5237 . . 122 2540 100.00 . . . 0.2328 . 0.1789 . . . . . . . . . . 
# 
_struct.entry_id                     5DUN 
_struct.title                        'The crystal structure of OMe substituted twister ribozyme' 
_struct.pdbx_model_details           ? 
_struct.pdbx_formula_weight          ? 
_struct.pdbx_formula_weight_method   ? 
_struct.pdbx_model_type_details      ? 
_struct.pdbx_CASP_flag               ? 
# 
_struct_keywords.entry_id        5DUN 
_struct_keywords.text            'OMe, twister, RNA, ribozyme' 
_struct_keywords.pdbx_keywords   RNA 
# 
loop_
_struct_asym.id 
_struct_asym.pdbx_blank_PDB_chainid_flag 
_struct_asym.pdbx_modified 
_struct_asym.entity_id 
_struct_asym.details 
A N N 1 ? 
B N N 2 ? 
C N N 2 ? 
D N N 2 ? 
E N N 2 ? 
F N N 2 ? 
G N N 2 ? 
H N N 2 ? 
I N N 2 ? 
J N N 3 ? 
K N N 4 ? 
# 
loop_
_struct_conn.id 
_struct_conn.conn_type_id 
_struct_conn.pdbx_leaving_atom_flag 
_struct_conn.pdbx_PDB_id 
_struct_conn.ptnr1_label_asym_id 
_struct_conn.ptnr1_label_comp_id 
_struct_conn.ptnr1_label_seq_id 
_struct_conn.ptnr1_label_atom_id 
_struct_conn.pdbx_ptnr1_label_alt_id 
_struct_conn.pdbx_ptnr1_PDB_ins_code 
_struct_conn.pdbx_ptnr1_standard_comp_id 
_struct_conn.ptnr1_symmetry 
_struct_conn.ptnr2_label_asym_id 
_struct_conn.ptnr2_label_comp_id 
_struct_conn.ptnr2_label_seq_id 
_struct_conn.ptnr2_label_atom_id 
_struct_conn.pdbx_ptnr2_label_alt_id 
_struct_conn.pdbx_ptnr2_PDB_ins_code 
_struct_conn.ptnr1_auth_asym_id 
_struct_conn.ptnr1_auth_comp_id 
_struct_conn.ptnr1_auth_seq_id 
_struct_conn.ptnr2_auth_asym_id 
_struct_conn.ptnr2_auth_comp_id 
_struct_conn.ptnr2_auth_seq_id 
_struct_conn.ptnr2_symmetry 
_struct_conn.pdbx_ptnr3_label_atom_id 
_struct_conn.pdbx_ptnr3_label_seq_id 
_struct_conn.pdbx_ptnr3_label_comp_id 
_struct_conn.pdbx_ptnr3_label_asym_id 
_struct_conn.pdbx_ptnr3_label_alt_id 
_struct_conn.pdbx_ptnr3_PDB_ins_code 
_struct_conn.details 
_struct_conn.pdbx_dist_value 
_struct_conn.pdbx_value_order 
_struct_conn.pdbx_role 
covale1  covale both ? A U   4  "O3'" ? ? ? 1_555 A OMU 5  P  ? ? A U   4   A OMU 5   1_555 ? ? ? ? ? ? ?                    1.617 
? ? 
covale2  covale both ? A OMU 5  "O3'" ? ? ? 1_555 A A   6  P  ? ? A OMU 5   A A   6   1_555 ? ? ? ? ? ? ?                    1.605 
? ? 
metalc1  metalc ?    ? A A   6  OP1   ? ? ? 1_555 B MG  .  MG ? ? A A   6   A MG  101 1_555 ? ? ? ? ? ? ?                    2.088 
? ? 
metalc2  metalc ?    ? A A   7  OP2   ? ? ? 1_555 B MG  .  MG ? ? A A   7   A MG  101 1_555 ? ? ? ? ? ? ?                    2.105 
? ? 
metalc3  metalc ?    ? A A   7  OP1   ? ? ? 1_555 H MG  .  MG ? ? A A   7   A MG  107 1_555 ? ? ? ? ? ? ?                    2.100 
? ? 
metalc4  metalc ?    ? A A   7  "O5'" ? ? ? 1_555 H MG  .  MG ? ? A A   7   A MG  107 1_555 ? ? ? ? ? ? ?                    2.163 
? ? 
metalc5  metalc ?    ? A U   8  O4    ? ? ? 1_555 B MG  .  MG ? ? A U   8   A MG  101 1_555 ? ? ? ? ? ? ?                    2.117 
? ? 
metalc6  metalc ?    ? A U   8  OP2   ? ? ? 1_555 H MG  .  MG ? ? A U   8   A MG  107 1_555 ? ? ? ? ? ? ?                    2.118 
? ? 
metalc7  metalc ?    ? A U   23 O4    ? ? ? 1_555 J K   .  K  ? ? A U   24  A K   109 1_555 ? ? ? ? ? ? ?                    2.841 
? ? 
metalc8  metalc ?    ? A G   26 O6    ? ? ? 1_555 E MG  .  MG ? ? A G   27  A MG  104 1_555 ? ? ? ? ? ? ?                    2.141 
? ? 
metalc9  metalc ?    ? A U   29 O4    ? ? ? 1_555 D MG  .  MG ? ? A U   30  A MG  103 1_555 ? ? ? ? ? ? ?                    2.114 
? ? 
metalc10 metalc ?    ? A U   29 OP2   ? ? ? 1_555 G MG  .  MG ? ? A U   30  A MG  106 1_555 ? ? ? ? ? ? ?                    2.095 
? ? 
metalc11 metalc ?    ? A C   30 "O3'" ? ? ? 1_555 G MG  .  MG ? ? A C   31  A MG  106 1_555 ? ? ? ? ? ? ?                    2.144 
? ? 
metalc12 metalc ?    ? A C   31 OP1   ? ? ? 1_555 G MG  .  MG ? ? A C   32  A MG  106 1_555 ? ? ? ? ? ? ?                    2.091 
? ? 
metalc13 metalc ?    ? A A   34 OP2   ? ? ? 1_555 D MG  .  MG ? ? A A   35  A MG  103 1_555 ? ? ? ? ? ? ?                    2.116 
? ? 
metalc14 metalc ?    ? A U   40 OP2   ? ? ? 1_555 I MG  .  MG ? ? A U   41  A MG  108 3_454 ? ? ? ? ? ? ?                    2.115 
? ? 
metalc15 metalc ?    ? A A   41 OP2   ? ? ? 1_555 C MG  .  MG ? ? A A   42  A MG  102 1_555 ? ? ? ? ? ? ?                    2.092 
? ? 
metalc16 metalc ?    ? A A   42 OP2   ? ? ? 1_555 C MG  .  MG ? ? A A   43  A MG  102 1_555 ? ? ? ? ? ? ?                    2.107 
? ? 
metalc17 metalc ?    ? A G   51 O6    ? ? ? 1_555 F MG  .  MG ? ? A G   52  A MG  105 1_555 ? ? ? ? ? ? ?                    2.135 
? ? 
metalc18 metalc ?    ? A A   54 OP2   ? ? ? 1_555 I MG  .  MG ? ? A A   55  A MG  108 1_555 ? ? ? ? ? ? ?                    2.083 
? ? 
metalc19 metalc ?    ? B MG  .  MG    ? ? ? 1_555 K HOH .  O  ? ? A MG  101 A HOH 206 1_555 ? ? ? ? ? ? ?                    2.066 
? ? 
metalc20 metalc ?    ? B MG  .  MG    ? ? ? 1_555 K HOH .  O  ? ? A MG  101 A HOH 210 1_555 ? ? ? ? ? ? ?                    2.067 
? ? 
metalc21 metalc ?    ? B MG  .  MG    ? ? ? 1_555 K HOH .  O  ? ? A MG  101 A HOH 218 1_555 ? ? ? ? ? ? ?                    2.058 
? ? 
metalc22 metalc ?    ? C MG  .  MG    ? ? ? 1_555 K HOH .  O  ? ? A MG  102 A HOH 203 1_555 ? ? ? ? ? ? ?                    2.053 
? ? 
metalc23 metalc ?    ? C MG  .  MG    ? ? ? 1_555 K HOH .  O  ? ? A MG  102 A HOH 204 1_555 ? ? ? ? ? ? ?                    2.070 
? ? 
metalc24 metalc ?    ? C MG  .  MG    ? ? ? 1_555 K HOH .  O  ? ? A MG  102 A HOH 207 1_555 ? ? ? ? ? ? ?                    2.064 
? ? 
metalc25 metalc ?    ? C MG  .  MG    ? ? ? 1_555 K HOH .  O  ? ? A MG  102 A HOH 214 1_555 ? ? ? ? ? ? ?                    2.063 
? ? 
metalc26 metalc ?    ? D MG  .  MG    ? ? ? 1_555 K HOH .  O  ? ? A MG  103 A HOH 212 1_555 ? ? ? ? ? ? ?                    2.068 
? ? 
metalc27 metalc ?    ? E MG  .  MG    ? ? ? 1_555 K HOH .  O  ? ? A MG  104 A HOH 202 1_555 ? ? ? ? ? ? ?                    2.083 
? ? 
metalc28 metalc ?    ? E MG  .  MG    ? ? ? 1_555 K HOH .  O  ? ? A MG  104 A HOH 209 1_555 ? ? ? ? ? ? ?                    2.091 
? ? 
metalc29 metalc ?    ? E MG  .  MG    ? ? ? 1_555 K HOH .  O  ? ? A MG  104 A HOH 215 1_555 ? ? ? ? ? ? ?                    2.083 
? ? 
metalc30 metalc ?    ? E MG  .  MG    ? ? ? 1_555 K HOH .  O  ? ? A MG  104 A HOH 217 1_555 ? ? ? ? ? ? ?                    2.078 
? ? 
metalc31 metalc ?    ? E MG  .  MG    ? ? ? 1_555 K HOH .  O  ? ? A MG  104 A HOH 220 1_555 ? ? ? ? ? ? ?                    2.069 
? ? 
metalc32 metalc ?    ? F MG  .  MG    ? ? ? 1_555 K HOH .  O  ? ? A MG  105 A HOH 211 1_555 ? ? ? ? ? ? ?                    2.070 
? ? 
metalc33 metalc ?    ? F MG  .  MG    ? ? ? 1_555 K HOH .  O  ? ? A MG  105 A HOH 216 1_555 ? ? ? ? ? ? ?                    2.086 
? ? 
metalc34 metalc ?    ? F MG  .  MG    ? ? ? 1_555 K HOH .  O  ? ? A MG  105 A HOH 219 1_555 ? ? ? ? ? ? ?                    2.088 
? ? 
metalc35 metalc ?    ? G MG  .  MG    ? ? ? 1_555 K HOH .  O  ? ? A MG  106 A HOH 208 1_555 ? ? ? ? ? ? ?                    2.072 
? ? 
hydrog1  hydrog ?    ? A U   1  N3    ? ? ? 1_555 A A   49 N7 ? ? A U   1   A A   50  1_555 ? ? ? ? ? ? HOOGSTEEN            ?     
? ? 
hydrog2  hydrog ?    ? A U   1  O4    ? ? ? 1_555 A A   49 N6 ? ? A U   1   A A   50  1_555 ? ? ? ? ? ? HOOGSTEEN            ?     
? ? 
hydrog3  hydrog ?    ? A U   2  N3    ? ? ? 1_555 A A   54 N1 ? ? A U   2   A A   55  1_555 ? ? ? ? ? ? WATSON-CRICK         ?     
? ? 
hydrog4  hydrog ?    ? A U   2  O4    ? ? ? 1_555 A A   54 N6 ? ? A U   2   A A   55  1_555 ? ? ? ? ? ? WATSON-CRICK         ?     
? ? 
hydrog5  hydrog ?    ? A U   3  N3    ? ? ? 1_555 A A   53 N1 ? ? A U   3   A A   54  1_555 ? ? ? ? ? ? WATSON-CRICK         ?     
? ? 
hydrog6  hydrog ?    ? A U   3  O4    ? ? ? 1_555 A A   53 N6 ? ? A U   3   A A   54  1_555 ? ? ? ? ? ? WATSON-CRICK         ?     
? ? 
hydrog7  hydrog ?    ? A U   4  N3    ? ? ? 1_555 A A   48 N7 ? ? A U   4   A A   49  1_555 ? ? ? ? ? ? 'REVERSED HOOGSTEEN' ?     
? ? 
hydrog8  hydrog ?    ? A U   4  O2    ? ? ? 1_555 A A   48 N6 ? ? A U   4   A A   49  1_555 ? ? ? ? ? ? 'REVERSED HOOGSTEEN' ?     
? ? 
hydrog9  hydrog ?    ? A A   7  N6    ? ? ? 1_555 A G   47 N3 ? ? A A   7   A G   48  1_555 ? ? ? ? ? ? TYPE_11_PAIR         ?     
? ? 
hydrog10 hydrog ?    ? A A   7  N7    ? ? ? 1_555 A G   47 N2 ? ? A A   7   A G   48  1_555 ? ? ? ? ? ? TYPE_11_PAIR         ?     
? ? 
hydrog11 hydrog ?    ? A U   8  N3    ? ? ? 1_555 A A   46 N1 ? ? A U   8   A A   47  1_555 ? ? ? ? ? ? WATSON-CRICK         ?     
? ? 
hydrog12 hydrog ?    ? A U   8  O4    ? ? ? 1_555 A A   46 N6 ? ? A U   8   A A   47  1_555 ? ? ? ? ? ? WATSON-CRICK         ?     
? ? 
hydrog13 hydrog ?    ? A G   9  N1    ? ? ? 1_555 A C   45 N3 ? ? A G   9   A C   46  1_555 ? ? ? ? ? ? WATSON-CRICK         ?     
? ? 
hydrog14 hydrog ?    ? A G   9  N2    ? ? ? 1_555 A C   45 O2 ? ? A G   9   A C   46  1_555 ? ? ? ? ? ? WATSON-CRICK         ?     
? ? 
hydrog15 hydrog ?    ? A G   9  O6    ? ? ? 1_555 A C   45 N4 ? ? A G   9   A C   46  1_555 ? ? ? ? ? ? WATSON-CRICK         ?     
? ? 
hydrog16 hydrog ?    ? A A   10 N1    ? ? ? 1_555 A U   44 N3 ? ? A A   10  A U   45  1_555 ? ? ? ? ? ? WATSON-CRICK         ?     
? ? 
hydrog17 hydrog ?    ? A A   10 N6    ? ? ? 1_555 A U   44 O4 ? ? A A   10  A U   45  1_555 ? ? ? ? ? ? WATSON-CRICK         ?     
? ? 
hydrog18 hydrog ?    ? A A   11 N1    ? ? ? 1_555 A U   43 N3 ? ? A A   11  A U   44  1_555 ? ? ? ? ? ? WATSON-CRICK         ?     
? ? 
hydrog19 hydrog ?    ? A A   11 N6    ? ? ? 1_555 A U   43 O4 ? ? A A   11  A U   44  1_555 ? ? ? ? ? ? WATSON-CRICK         ?     
? ? 
hydrog20 hydrog ?    ? A G   12 N1    ? ? ? 1_555 A C   36 N3 ? ? A G   12  A C   37  1_555 ? ? ? ? ? ? WATSON-CRICK         ?     
? ? 
hydrog21 hydrog ?    ? A G   12 N2    ? ? ? 1_555 A C   36 O2 ? ? A G   12  A C   37  1_555 ? ? ? ? ? ? WATSON-CRICK         ?     
? ? 
hydrog22 hydrog ?    ? A G   12 O6    ? ? ? 1_555 A C   36 N4 ? ? A G   12  A C   37  1_555 ? ? ? ? ? ? WATSON-CRICK         ?     
? ? 
hydrog23 hydrog ?    ? A C   13 N3    ? ? ? 1_555 A G   35 N1 ? ? A C   13  A G   36  1_555 ? ? ? ? ? ? WATSON-CRICK         ?     
? ? 
hydrog24 hydrog ?    ? A C   13 N4    ? ? ? 1_555 A G   35 O6 ? ? A C   13  A G   36  1_555 ? ? ? ? ? ? WATSON-CRICK         ?     
? ? 
hydrog25 hydrog ?    ? A C   13 O2    ? ? ? 1_555 A G   35 N2 ? ? A C   13  A G   36  1_555 ? ? ? ? ? ? WATSON-CRICK         ?     
? ? 
hydrog26 hydrog ?    ? A C   14 N3    ? ? ? 1_555 A G   24 N1 ? ? A C   14  A G   25  1_555 ? ? ? ? ? ? WATSON-CRICK         ?     
? ? 
hydrog27 hydrog ?    ? A C   14 N4    ? ? ? 1_555 A G   24 O6 ? ? A C   14  A G   25  1_555 ? ? ? ? ? ? WATSON-CRICK         ?     
? ? 
hydrog28 hydrog ?    ? A C   14 O2    ? ? ? 1_555 A G   24 N2 ? ? A C   14  A G   25  1_555 ? ? ? ? ? ? WATSON-CRICK         ?     
? ? 
hydrog29 hydrog ?    ? A A   15 N1    ? ? ? 1_555 A U   23 N3 ? ? A A   15  A U   24  1_555 ? ? ? ? ? ? WATSON-CRICK         ?     
? ? 
hydrog30 hydrog ?    ? A A   15 N6    ? ? ? 1_555 A U   23 O4 ? ? A A   15  A U   24  1_555 ? ? ? ? ? ? WATSON-CRICK         ?     
? ? 
hydrog31 hydrog ?    ? A C   16 N3    ? ? ? 1_555 A G   22 N1 ? ? A C   16  A G   23  1_555 ? ? ? ? ? ? WATSON-CRICK         ?     
? ? 
hydrog32 hydrog ?    ? A C   16 N4    ? ? ? 1_555 A G   22 O6 ? ? A C   16  A G   23  1_555 ? ? ? ? ? ? WATSON-CRICK         ?     
? ? 
hydrog33 hydrog ?    ? A C   16 O2    ? ? ? 1_555 A G   22 N2 ? ? A C   16  A G   23  1_555 ? ? ? ? ? ? WATSON-CRICK         ?     
? ? 
hydrog34 hydrog ?    ? A A   17 N1    ? ? ? 1_555 A U   21 N3 ? ? A A   17  A U   22  1_555 ? ? ? ? ? ? WATSON-CRICK         ?     
? ? 
hydrog35 hydrog ?    ? A A   17 N6    ? ? ? 1_555 A U   21 O4 ? ? A A   17  A U   22  1_555 ? ? ? ? ? ? WATSON-CRICK         ?     
? ? 
hydrog36 hydrog ?    ? A G   18 N1    ? ? ? 1_555 A C   20 N3 ? ? A G   18  A C   21  1_555 ? ? ? ? ? ? WATSON-CRICK         ?     
? ? 
hydrog37 hydrog ?    ? A G   18 N2    ? ? ? 1_555 A C   20 O2 ? ? A G   18  A C   21  1_555 ? ? ? ? ? ? WATSON-CRICK         ?     
? ? 
hydrog38 hydrog ?    ? A G   18 O6    ? ? ? 1_555 A C   20 N4 ? ? A G   18  A C   21  1_555 ? ? ? ? ? ? WATSON-CRICK         ?     
? ? 
hydrog39 hydrog ?    ? A A   25 N6    ? ? ? 1_555 A U   40 O4 ? ? A A   26  A U   41  1_555 ? ? ? ? ? ? 'A-U PAIR'           ?     
? ? 
hydrog40 hydrog ?    ? A G   26 N1    ? ? ? 1_555 A C   39 N3 ? ? A G   27  A C   40  1_555 ? ? ? ? ? ? WATSON-CRICK         ?     
? ? 
hydrog41 hydrog ?    ? A G   26 N2    ? ? ? 1_555 A C   39 O2 ? ? A G   27  A C   40  1_555 ? ? ? ? ? ? WATSON-CRICK         ?     
? ? 
hydrog42 hydrog ?    ? A G   26 O6    ? ? ? 1_555 A C   39 N4 ? ? A G   27  A C   40  1_555 ? ? ? ? ? ? WATSON-CRICK         ?     
? ? 
hydrog43 hydrog ?    ? A G   27 N1    ? ? ? 1_555 A C   38 N3 ? ? A G   28  A C   39  1_555 ? ? ? ? ? ? WATSON-CRICK         ?     
? ? 
hydrog44 hydrog ?    ? A G   27 N2    ? ? ? 1_555 A C   38 O2 ? ? A G   28  A C   39  1_555 ? ? ? ? ? ? WATSON-CRICK         ?     
? ? 
hydrog45 hydrog ?    ? A G   27 O6    ? ? ? 1_555 A C   38 N4 ? ? A G   28  A C   39  1_555 ? ? ? ? ? ? WATSON-CRICK         ?     
? ? 
hydrog46 hydrog ?    ? A G   28 N1    ? ? ? 1_555 A C   37 N3 ? ? A G   29  A C   38  1_555 ? ? ? ? ? ? WATSON-CRICK         ?     
? ? 
hydrog47 hydrog ?    ? A G   28 N2    ? ? ? 1_555 A C   37 O2 ? ? A G   29  A C   38  1_555 ? ? ? ? ? ? WATSON-CRICK         ?     
? ? 
hydrog48 hydrog ?    ? A G   28 O6    ? ? ? 1_555 A C   37 N4 ? ? A G   29  A C   38  1_555 ? ? ? ? ? ? WATSON-CRICK         ?     
? ? 
hydrog49 hydrog ?    ? A U   29 N3    ? ? ? 1_555 A A   34 N7 ? ? A U   30  A A   35  1_555 ? ? ? ? ? ? 'REVERSED HOOGSTEEN' ?     
? ? 
hydrog50 hydrog ?    ? A U   29 O2    ? ? ? 1_555 A A   34 N6 ? ? A U   30  A A   35  1_555 ? ? ? ? ? ? 'REVERSED HOOGSTEEN' ?     
? ? 
hydrog51 hydrog ?    ? A C   30 N3    ? ? ? 1_555 A G   51 N1 ? ? A C   31  A G   52  1_555 ? ? ? ? ? ? WATSON-CRICK         ?     
? ? 
hydrog52 hydrog ?    ? A C   30 N4    ? ? ? 1_555 A G   51 O6 ? ? A C   31  A G   52  1_555 ? ? ? ? ? ? WATSON-CRICK         ?     
? ? 
hydrog53 hydrog ?    ? A C   30 O2    ? ? ? 1_555 A G   51 N2 ? ? A C   31  A G   52  1_555 ? ? ? ? ? ? WATSON-CRICK         ?     
? ? 
hydrog54 hydrog ?    ? A C   31 N3    ? ? ? 1_555 A G   50 N1 ? ? A C   32  A G   51  1_555 ? ? ? ? ? ? WATSON-CRICK         ?     
? ? 
hydrog55 hydrog ?    ? A C   31 N4    ? ? ? 1_555 A G   50 O6 ? ? A C   32  A G   51  1_555 ? ? ? ? ? ? WATSON-CRICK         ?     
? ? 
hydrog56 hydrog ?    ? A C   31 O2    ? ? ? 1_555 A G   50 N2 ? ? A C   32  A G   51  1_555 ? ? ? ? ? ? WATSON-CRICK         ?     
? ? 
hydrog57 hydrog ?    ? A U   32 N3    ? ? ? 1_555 A A   49 N1 ? ? A U   33  A A   50  1_555 ? ? ? ? ? ? WATSON-CRICK         ?     
? ? 
hydrog58 hydrog ?    ? A U   32 O4    ? ? ? 1_555 A A   49 N6 ? ? A U   33  A A   50  1_555 ? ? ? ? ? ? WATSON-CRICK         ?     
? ? 
hydrog59 hydrog ?    ? A A   33 N1    ? ? ? 1_555 A A   48 N6 ? ? A A   34  A A   49  1_555 ? ? ? ? ? ? TYPE_1_PAIR          ?     
? ? 
hydrog60 hydrog ?    ? A A   33 N6    ? ? ? 1_555 A A   48 N1 ? ? A A   34  A A   49  1_555 ? ? ? ? ? ? TYPE_1_PAIR          ?     
? ? 
hydrog61 hydrog ?    ? A G   35 N2    ? ? ? 1_555 A A   42 N3 ? ? A G   36  A A   43  1_555 ? ? ? ? ? ? 'G-A MISPAIR'        ?     
? ? 
hydrog62 hydrog ?    ? A U   40 O2    ? ? ? 1_555 A A   42 N6 ? ? A U   41  A A   43  1_555 ? ? ? ? ? ? 'U-A PAIR'           ?     
? ? 
# 
loop_
_struct_conn_type.id 
_struct_conn_type.criteria 
_struct_conn_type.reference 
covale ? ? 
metalc ? ? 
hydrog ? ? 
# 
loop_
_struct_site.id 
_struct_site.pdbx_evidence_code 
_struct_site.pdbx_auth_asym_id 
_struct_site.pdbx_auth_comp_id 
_struct_site.pdbx_auth_seq_id 
_struct_site.pdbx_auth_ins_code 
_struct_site.pdbx_num_residues 
_struct_site.details 
AC1 Software A MG 101 ? 6 'binding site for residue MG A 101' 
AC2 Software A MG 102 ? 6 'binding site for residue MG A 102' 
AC3 Software A MG 103 ? 3 'binding site for residue MG A 103' 
AC4 Software A MG 104 ? 6 'binding site for residue MG A 104' 
AC5 Software A MG 105 ? 5 'binding site for residue MG A 105' 
AC6 Software A MG 106 ? 4 'binding site for residue MG A 106' 
AC7 Software A MG 107 ? 2 'binding site for residue MG A 107' 
AC8 Software A MG 108 ? 2 'binding site for residue MG A 108' 
AC9 Software A K  109 ? 1 'binding site for residue K A 109'  
# 
loop_
_struct_site_gen.id 
_struct_site_gen.site_id 
_struct_site_gen.pdbx_num_res 
_struct_site_gen.label_comp_id 
_struct_site_gen.label_asym_id 
_struct_site_gen.label_seq_id 
_struct_site_gen.pdbx_auth_ins_code 
_struct_site_gen.auth_comp_id 
_struct_site_gen.auth_asym_id 
_struct_site_gen.auth_seq_id 
_struct_site_gen.label_atom_id 
_struct_site_gen.label_alt_id 
_struct_site_gen.symmetry 
_struct_site_gen.details 
1  AC1 6 A   A 6  ? A   A 6   . ? 1_555 ? 
2  AC1 6 A   A 7  ? A   A 7   . ? 1_555 ? 
3  AC1 6 U   A 8  ? U   A 8   . ? 1_555 ? 
4  AC1 6 HOH K .  ? HOH A 206 . ? 1_555 ? 
5  AC1 6 HOH K .  ? HOH A 210 . ? 1_555 ? 
6  AC1 6 HOH K .  ? HOH A 218 . ? 1_555 ? 
7  AC2 6 A   A 41 ? A   A 42  . ? 1_555 ? 
8  AC2 6 A   A 42 ? A   A 43  . ? 1_555 ? 
9  AC2 6 HOH K .  ? HOH A 203 . ? 1_555 ? 
10 AC2 6 HOH K .  ? HOH A 204 . ? 1_555 ? 
11 AC2 6 HOH K .  ? HOH A 207 . ? 1_555 ? 
12 AC2 6 HOH K .  ? HOH A 214 . ? 1_555 ? 
13 AC3 3 U   A 29 ? U   A 30  . ? 1_555 ? 
14 AC3 3 A   A 34 ? A   A 35  . ? 1_555 ? 
15 AC3 3 HOH K .  ? HOH A 212 . ? 1_555 ? 
16 AC4 6 G   A 26 ? G   A 27  . ? 1_555 ? 
17 AC4 6 HOH K .  ? HOH A 202 . ? 1_555 ? 
18 AC4 6 HOH K .  ? HOH A 209 . ? 1_555 ? 
19 AC4 6 HOH K .  ? HOH A 215 . ? 1_555 ? 
20 AC4 6 HOH K .  ? HOH A 217 . ? 1_555 ? 
21 AC4 6 HOH K .  ? HOH A 220 . ? 1_555 ? 
22 AC5 5 G   A 50 ? G   A 51  . ? 1_555 ? 
23 AC5 5 G   A 51 ? G   A 52  . ? 1_555 ? 
24 AC5 5 HOH K .  ? HOH A 211 . ? 1_555 ? 
25 AC5 5 HOH K .  ? HOH A 216 . ? 1_555 ? 
26 AC5 5 HOH K .  ? HOH A 219 . ? 1_555 ? 
27 AC6 4 U   A 29 ? U   A 30  . ? 1_555 ? 
28 AC6 4 C   A 30 ? C   A 31  . ? 1_555 ? 
29 AC6 4 C   A 31 ? C   A 32  . ? 1_555 ? 
30 AC6 4 HOH K .  ? HOH A 208 . ? 1_555 ? 
31 AC7 2 A   A 7  ? A   A 7   . ? 1_555 ? 
32 AC7 2 U   A 8  ? U   A 8   . ? 1_555 ? 
33 AC8 2 U   A 40 ? U   A 41  . ? 4_445 ? 
34 AC8 2 A   A 54 ? A   A 55  . ? 1_555 ? 
35 AC9 1 U   A 23 ? U   A 24  . ? 1_555 ? 
# 
_atom_sites.entry_id                    5DUN 
_atom_sites.fract_transf_matrix[1][1]   -0.00318718 
_atom_sites.fract_transf_matrix[1][2]   0.01934088 
_atom_sites.fract_transf_matrix[1][3]   -0.00848405 
_atom_sites.fract_transf_matrix[2][1]   -0.00591770 
_atom_sites.fract_transf_matrix[2][2]   -0.00905423 
_atom_sites.fract_transf_matrix[2][3]   -0.01841762 
_atom_sites.fract_transf_matrix[3][1]   -0.00660260 
_atom_sites.fract_transf_matrix[3][2]   -0.00012952 
_atom_sites.fract_transf_matrix[3][3]   0.00218513 
_atom_sites.fract_transf_vector[1]      -0.481579 
_atom_sites.fract_transf_vector[2]      -0.138758 
_atom_sites.fract_transf_vector[3]      -0.096554 
# 
loop_
_atom_type.symbol 
C  
K  
MG 
N  
O  
P  
# 
loop_
_atom_site.group_PDB 
_atom_site.id 
_atom_site.type_symbol 
_atom_site.label_atom_id 
_atom_site.label_alt_id 
_atom_site.label_comp_id 
_atom_site.label_asym_id 
_atom_site.label_entity_id 
_atom_site.label_seq_id 
_atom_site.pdbx_PDB_ins_code 
_atom_site.Cartn_x 
_atom_site.Cartn_y 
_atom_site.Cartn_z 
_atom_site.occupancy 
_atom_site.B_iso_or_equiv 
_atom_site.pdbx_formal_charge 
_atom_site.auth_seq_id 
_atom_site.auth_comp_id 
_atom_site.auth_asym_id 
_atom_site.auth_atom_id 
_atom_site.pdbx_PDB_model_num 
ATOM   1    O  "O5'" . U   A 1 1  ? -14.067 -1.532  9.494   1.00 40.05  ? 1   U   A "O5'" 1 
ATOM   2    C  "C5'" . U   A 1 1  ? -15.302 -1.078  8.978   1.00 32.07  ? 1   U   A "C5'" 1 
ATOM   3    C  "C4'" . U   A 1 1  ? -15.376 0.421   9.015   1.00 33.09  ? 1   U   A "C4'" 1 
ATOM   4    O  "O4'" . U   A 1 1  ? -14.186 1.018   8.420   1.00 37.14  ? 1   U   A "O4'" 1 
ATOM   5    C  "C3'" . U   A 1 1  ? -16.507 1.041   8.235   1.00 30.52  ? 1   U   A "C3'" 1 
ATOM   6    O  "O3'" . U   A 1 1  ? -17.727 0.917   8.902   1.00 30.57  ? 1   U   A "O3'" 1 
ATOM   7    C  "C2'" . U   A 1 1  ? -16.038 2.481   8.044   1.00 33.96  ? 1   U   A "C2'" 1 
ATOM   8    O  "O2'" . U   A 1 1  ? -16.370 3.272   9.178   1.00 37.27  ? 1   U   A "O2'" 1 
ATOM   9    C  "C1'" . U   A 1 1  ? -14.503 2.309   7.943   1.00 33.24  ? 1   U   A "C1'" 1 
ATOM   10   N  N1    . U   A 1 1  ? -14.013 2.434   6.555   1.00 30.41  ? 1   U   A N1    1 
ATOM   11   C  C2    . U   A 1 1  ? -13.824 3.716   6.011   1.00 34.31  ? 1   U   A C2    1 
ATOM   12   O  O2    . U   A 1 1  ? -14.035 4.788   6.589   1.00 33.26  ? 1   U   A O2    1 
ATOM   13   N  N3    . U   A 1 1  ? -13.377 3.710   4.713   1.00 33.42  ? 1   U   A N3    1 
ATOM   14   C  C4    . U   A 1 1  ? -13.127 2.605   3.916   1.00 29.90  ? 1   U   A C4    1 
ATOM   15   O  O4    . U   A 1 1  ? -12.746 2.792   2.763   1.00 29.79  ? 1   U   A O4    1 
ATOM   16   C  C5    . U   A 1 1  ? -13.347 1.341   4.539   1.00 29.33  ? 1   U   A C5    1 
ATOM   17   C  C6    . U   A 1 1  ? -13.773 1.299   5.816   1.00 30.62  ? 1   U   A C6    1 
ATOM   18   P  P     . U   A 1 2  ? -19.108 1.034   8.098   1.00 31.70  ? 2   U   A P     1 
ATOM   19   O  OP1   . U   A 1 2  ? -18.975 2.151   7.126   1.00 30.11  ? 2   U   A OP1   1 
ATOM   20   O  OP2   . U   A 1 2  ? -20.188 1.136   9.124   1.00 40.58  ? 2   U   A OP2   1 
ATOM   21   O  "O5'" . U   A 1 2  ? -19.274 -0.373  7.386   1.00 31.89  ? 2   U   A "O5'" 1 
ATOM   22   C  "C5'" . U   A 1 2  ? -19.199 -1.582  8.117   1.00 28.28  ? 2   U   A "C5'" 1 
ATOM   23   C  "C4'" . U   A 1 2  ? -19.665 -2.769  7.300   1.00 29.98  ? 2   U   A "C4'" 1 
ATOM   24   O  "O4'" . U   A 1 2  ? -21.005 -2.547  6.808   1.00 33.99  ? 2   U   A "O4'" 1 
ATOM   25   C  "C3'" . U   A 1 2  ? -18.893 -3.094  6.041   1.00 32.05  ? 2   U   A "C3'" 1 
ATOM   26   O  "O3'" . U   A 1 2  ? -17.667 -3.738  6.282   1.00 35.12  ? 2   U   A "O3'" 1 
ATOM   27   C  "C2'" . U   A 1 2  ? -19.879 -3.954  5.274   1.00 35.80  ? 2   U   A "C2'" 1 
ATOM   28   O  "O2'" . U   A 1 2  ? -19.951 -5.247  5.859   1.00 37.78  ? 2   U   A "O2'" 1 
ATOM   29   C  "C1'" . U   A 1 2  ? -21.182 -3.244  5.592   1.00 33.16  ? 2   U   A "C1'" 1 
ATOM   30   N  N1    . U   A 1 2  ? -21.624 -2.281  4.560   1.00 30.00  ? 2   U   A N1    1 
ATOM   31   C  C2    . U   A 1 2  ? -22.235 -2.773  3.430   1.00 30.41  ? 2   U   A C2    1 
ATOM   32   O  O2    . U   A 1 2  ? -22.336 -3.958  3.225   1.00 33.49  ? 2   U   A O2    1 
ATOM   33   N  N3    . U   A 1 2  ? -22.695 -1.839  2.541   1.00 28.98  ? 2   U   A N3    1 
ATOM   34   C  C4    . U   A 1 2  ? -22.620 -0.470  2.708   1.00 29.60  ? 2   U   A C4    1 
ATOM   35   O  O4    . U   A 1 2  ? -23.073 0.299   1.851   1.00 31.19  ? 2   U   A O4    1 
ATOM   36   C  C5    . U   A 1 2  ? -21.984 -0.060  3.911   1.00 26.43  ? 2   U   A C5    1 
ATOM   37   C  C6    . U   A 1 2  ? -21.532 -0.945  4.786   1.00 26.96  ? 2   U   A C6    1 
ATOM   38   P  P     . U   A 1 3  ? -16.347 -3.009  5.788   1.00 35.34  ? 3   U   A P     1 
ATOM   39   O  OP1   . U   A 1 3  ? -15.241 -3.565  6.574   1.00 42.33  ? 3   U   A OP1   1 
ATOM   40   O  OP2   . U   A 1 3  ? -16.625 -1.549  5.772   1.00 31.80  ? 3   U   A OP2   1 
ATOM   41   O  "O5'" . U   A 1 3  ? -16.222 -3.461  4.264   1.00 39.58  ? 3   U   A "O5'" 1 
ATOM   42   C  "C5'" . U   A 1 3  ? -15.964 -4.805  3.910   1.00 37.00  ? 3   U   A "C5'" 1 
ATOM   43   C  "C4'" . U   A 1 3  ? -16.636 -5.194  2.611   1.00 41.12  ? 3   U   A "C4'" 1 
ATOM   44   O  "O4'" . U   A 1 3  ? -18.043 -4.842  2.639   1.00 34.98  ? 3   U   A "O4'" 1 
ATOM   45   C  "C3'" . U   A 1 3  ? -16.153 -4.536  1.329   1.00 37.81  ? 3   U   A "C3'" 1 
ATOM   46   O  "O3'" . U   A 1 3  ? -14.917 -5.008  0.859   1.00 41.25  ? 3   U   A "O3'" 1 
ATOM   47   C  "C2'" . U   A 1 3  ? -17.297 -4.825  0.380   1.00 36.03  ? 3   U   A "C2'" 1 
ATOM   48   O  "O2'" . U   A 1 3  ? -17.249 -6.177  -0.043  1.00 38.87  ? 3   U   A "O2'" 1 
ATOM   49   C  "C1'" . U   A 1 3  ? -18.498 -4.634  1.310   1.00 32.58  ? 3   U   A "C1'" 1 
ATOM   50   N  N1    . U   A 1 3  ? -19.026 -3.261  1.194   1.00 30.12  ? 3   U   A N1    1 
ATOM   51   C  C2    . U   A 1 3  ? -19.845 -2.980  0.113   1.00 33.53  ? 3   U   A C2    1 
ATOM   52   O  O2    . U   A 1 3  ? -20.160 -3.828  -0.703  1.00 35.48  ? 3   U   A O2    1 
ATOM   53   N  N3    . U   A 1 3  ? -20.313 -1.689  0.027   1.00 29.44  ? 3   U   A N3    1 
ATOM   54   C  C4    . U   A 1 3  ? -20.004 -0.686  0.906   1.00 30.33  ? 3   U   A C4    1 
ATOM   55   O  O4    . U   A 1 3  ? -20.459 0.433   0.722   1.00 34.76  ? 3   U   A O4    1 
ATOM   56   C  C5    . U   A 1 3  ? -19.154 -1.056  1.990   1.00 31.06  ? 3   U   A C5    1 
ATOM   57   C  C6    . U   A 1 3  ? -18.700 -2.302  2.102   1.00 30.39  ? 3   U   A C6    1 
ATOM   58   P  P     . U   A 1 4  ? -13.670 -3.999  0.841   1.00 42.90  ? 4   U   A P     1 
ATOM   59   O  OP1   . U   A 1 4  ? -14.291 -2.699  0.507   1.00 41.16  ? 4   U   A OP1   1 
ATOM   60   O  OP2   . U   A 1 4  ? -12.555 -4.539  -0.004  1.00 44.20  ? 4   U   A OP2   1 
ATOM   61   O  "O5'" . U   A 1 4  ? -13.089 -4.092  2.323   1.00 37.55  ? 4   U   A "O5'" 1 
ATOM   62   C  "C5'" . U   A 1 4  ? -12.859 -2.953  3.116   1.00 33.93  ? 4   U   A "C5'" 1 
ATOM   63   C  "C4'" . U   A 1 4  ? -11.403 -2.577  3.137   1.00 36.41  ? 4   U   A "C4'" 1 
ATOM   64   O  "O4'" . U   A 1 4  ? -11.284 -1.191  3.535   1.00 42.96  ? 4   U   A "O4'" 1 
ATOM   65   C  "C3'" . U   A 1 4  ? -10.486 -3.327  4.091   1.00 33.94  ? 4   U   A "C3'" 1 
ATOM   66   O  "O3'" . U   A 1 4  ? -10.062 -4.553  3.505   1.00 38.33  ? 4   U   A "O3'" 1 
ATOM   67   C  "C2'" . U   A 1 4  ? -9.352  -2.314  4.332   1.00 34.40  ? 4   U   A "C2'" 1 
ATOM   68   O  "O2'" . U   A 1 4  ? -8.385  -2.353  3.295   1.00 34.79  ? 4   U   A "O2'" 1 
ATOM   69   C  "C1'" . U   A 1 4  ? -10.078 -0.972  4.209   1.00 31.68  ? 4   U   A "C1'" 1 
ATOM   70   N  N1    . U   A 1 4  ? -10.399 -0.333  5.499   1.00 31.33  ? 4   U   A N1    1 
ATOM   71   C  C2    . U   A 1 4  ? -10.232 1.027   5.544   1.00 29.36  ? 4   U   A C2    1 
ATOM   72   O  O2    . U   A 1 4  ? -9.884  1.685   4.605   1.00 29.73  ? 4   U   A O2    1 
ATOM   73   N  N3    . U   A 1 4  ? -10.510 1.621   6.725   1.00 29.54  ? 4   U   A N3    1 
ATOM   74   C  C4    . U   A 1 4  ? -10.934 0.994   7.856   1.00 30.15  ? 4   U   A C4    1 
ATOM   75   O  O4    . U   A 1 4  ? -11.154 1.691   8.835   1.00 39.59  ? 4   U   A O4    1 
ATOM   76   C  C5    . U   A 1 4  ? -11.089 -0.416  7.765   1.00 29.29  ? 4   U   A C5    1 
ATOM   77   C  C6    . U   A 1 4  ? -10.824 -1.024  6.606   1.00 34.02  ? 4   U   A C6    1 
HETATM 78   N  N1    . OMU A 1 5  ? -3.765  -6.324  5.982   1.00 49.23  ? 5   OMU A N1    1 
HETATM 79   C  C2    . OMU A 1 5  ? -3.135  -6.394  7.255   1.00 50.99  ? 5   OMU A C2    1 
HETATM 80   N  N3    . OMU A 1 5  ? -3.018  -7.578  7.886   1.00 51.60  ? 5   OMU A N3    1 
HETATM 81   C  C4    . OMU A 1 5  ? -3.521  -8.696  7.338   1.00 52.84  ? 5   OMU A C4    1 
HETATM 82   C  C5    . OMU A 1 5  ? -4.166  -8.640  6.092   1.00 54.94  ? 5   OMU A C5    1 
HETATM 83   C  C6    . OMU A 1 5  ? -4.303  -7.418  5.422   1.00 50.70  ? 5   OMU A C6    1 
HETATM 84   O  O2    . OMU A 1 5  ? -2.667  -5.354  7.796   1.00 45.31  ? 5   OMU A O2    1 
HETATM 85   O  O4    . OMU A 1 5  ? -3.398  -9.785  7.953   1.00 57.45  ? 5   OMU A O4    1 
HETATM 86   C  "C1'" . OMU A 1 5  ? -3.940  -5.007  5.371   1.00 45.72  ? 5   OMU A "C1'" 1 
HETATM 87   C  "C2'" . OMU A 1 5  ? -3.728  -4.910  3.852   1.00 46.37  ? 5   OMU A "C2'" 1 
HETATM 88   O  "O2'" . OMU A 1 5  ? -2.374  -4.669  3.516   1.00 50.57  ? 5   OMU A "O2'" 1 
HETATM 89   C  CM2   . OMU A 1 5  ? -1.742  -5.732  2.786   1.00 47.59  ? 5   OMU A CM2   1 
HETATM 90   C  "C3'" . OMU A 1 5  ? -4.657  -3.755  3.518   1.00 40.44  ? 5   OMU A "C3'" 1 
HETATM 91   C  "C4'" . OMU A 1 5  ? -5.855  -4.071  4.399   1.00 44.06  ? 5   OMU A "C4'" 1 
HETATM 92   O  "O3'" . OMU A 1 5  ? -4.073  -2.566  4.039   1.00 40.17  ? 5   OMU A "O3'" 1 
HETATM 93   O  "O4'" . OMU A 1 5  ? -5.307  -4.697  5.585   1.00 46.36  ? 5   OMU A "O4'" 1 
HETATM 94   C  "C5'" . OMU A 1 5  ? -6.912  -4.966  3.813   1.00 40.15  ? 5   OMU A "C5'" 1 
HETATM 95   O  "O5'" . OMU A 1 5  ? -7.936  -5.184  4.753   1.00 34.64  ? 5   OMU A "O5'" 1 
HETATM 96   P  P     . OMU A 1 5  ? -9.353  -5.756  4.320   1.00 42.86  ? 5   OMU A P     1 
HETATM 97   O  OP1   . OMU A 1 5  ? -9.092  -6.817  3.279   1.00 42.16  ? 5   OMU A OP1   1 
HETATM 98   O  OP2   . OMU A 1 5  ? -10.081 -6.121  5.603   1.00 34.43  ? 5   OMU A OP2   1 
ATOM   99   P  P     . A   A 1 6  ? -4.770  -1.132  3.851   1.00 40.75  ? 6   A   A P     1 
ATOM   100  O  OP1   . A   A 1 6  ? -3.817  -0.104  4.348   1.00 32.50  ? 6   A   A OP1   1 
ATOM   101  O  OP2   . A   A 1 6  ? -6.193  -1.137  4.275   1.00 38.40  ? 6   A   A OP2   1 
ATOM   102  O  "O5'" . A   A 1 6  ? -4.784  -0.951  2.276   1.00 41.55  ? 6   A   A "O5'" 1 
ATOM   103  C  "C5'" . A   A 1 6  ? -3.570  -1.039  1.560   1.00 34.93  ? 6   A   A "C5'" 1 
ATOM   104  C  "C4'" . A   A 1 6  ? -3.476  -0.023  0.461   1.00 29.48  ? 6   A   A "C4'" 1 
ATOM   105  O  "O4'" . A   A 1 6  ? -4.136  -0.517  -0.728  1.00 27.56  ? 6   A   A "O4'" 1 
ATOM   106  C  "C3'" . A   A 1 6  ? -4.052  1.384   0.716   1.00 29.06  ? 6   A   A "C3'" 1 
ATOM   107  O  "O3'" . A   A 1 6  ? -3.048  2.379   0.484   1.00 31.11  ? 6   A   A "O3'" 1 
ATOM   108  C  "C2'" . A   A 1 6  ? -5.139  1.513   -0.365  1.00 28.89  ? 6   A   A "C2'" 1 
ATOM   109  O  "O2'" . A   A 1 6  ? -5.326  2.815   -0.879  1.00 30.37  ? 6   A   A "O2'" 1 
ATOM   110  C  "C1'" . A   A 1 6  ? -4.580  0.598   -1.424  1.00 28.01  ? 6   A   A "C1'" 1 
ATOM   111  N  N9    . A   A 1 6  ? -5.394  0.279   -2.600  1.00 27.74  ? 6   A   A N9    1 
ATOM   112  C  C8    . A   A 1 6  ? -5.336  1.052   -3.745  1.00 33.01  ? 6   A   A C8    1 
ATOM   113  N  N7    . A   A 1 6  ? -6.068  0.667   -4.756  1.00 31.67  ? 6   A   A N7    1 
ATOM   114  C  C5    . A   A 1 6  ? -6.648  -0.452  -4.213  1.00 28.13  ? 6   A   A C5    1 
ATOM   115  C  C6    . A   A 1 6  ? -7.572  -1.301  -4.796  1.00 35.55  ? 6   A   A C6    1 
ATOM   116  N  N6    . A   A 1 6  ? -8.000  -1.071  -6.050  1.00 32.37  ? 6   A   A N6    1 
ATOM   117  N  N1    . A   A 1 6  ? -8.009  -2.363  -4.034  1.00 41.86  ? 6   A   A N1    1 
ATOM   118  C  C2    . A   A 1 6  ? -7.516  -2.492  -2.785  1.00 34.29  ? 6   A   A C2    1 
ATOM   119  N  N3    . A   A 1 6  ? -6.634  -1.710  -2.137  1.00 31.92  ? 6   A   A N3    1 
ATOM   120  C  C4    . A   A 1 6  ? -6.250  -0.714  -2.911  1.00 25.20  ? 6   A   A C4    1 
ATOM   121  P  P     . A   A 1 7  ? -2.290  3.091   1.718   1.00 33.49  ? 7   A   A P     1 
ATOM   122  O  OP1   . A   A 1 7  ? -0.836  2.984   1.479   1.00 49.47  ? 7   A   A OP1   1 
ATOM   123  O  OP2   . A   A 1 7  ? -2.780  2.593   3.029   1.00 36.20  ? 7   A   A OP2   1 
ATOM   124  O  "O5'" . A   A 1 7  ? -2.561  4.640   1.523   1.00 34.76  ? 7   A   A "O5'" 1 
ATOM   125  C  "C5'" . A   A 1 7  ? -3.632  5.046   0.679   1.00 31.50  ? 7   A   A "C5'" 1 
ATOM   126  C  "C4'" . A   A 1 7  ? -4.220  6.392   1.042   1.00 33.21  ? 7   A   A "C4'" 1 
ATOM   127  O  "O4'" . A   A 1 7  ? -5.573  6.204   1.514   1.00 36.08  ? 7   A   A "O4'" 1 
ATOM   128  C  "C3'" . A   A 1 7  ? -3.551  7.196   2.142   1.00 32.13  ? 7   A   A "C3'" 1 
ATOM   129  O  "O3'" . A   A 1 7  ? -2.487  7.981   1.666   1.00 32.63  ? 7   A   A "O3'" 1 
ATOM   130  C  "C2'" . A   A 1 7  ? -4.684  8.073   2.659   1.00 34.80  ? 7   A   A "C2'" 1 
ATOM   131  O  "O2'" . A   A 1 7  ? -4.849  9.197   1.826   1.00 33.34  ? 7   A   A "O2'" 1 
ATOM   132  C  "C1'" . A   A 1 7  ? -5.886  7.169   2.488   1.00 32.03  ? 7   A   A "C1'" 1 
ATOM   133  N  N9    . A   A 1 7  ? -6.175  6.461   3.722   1.00 30.61  ? 7   A   A N9    1 
ATOM   134  C  C8    . A   A 1 7  ? -5.964  5.151   3.977   1.00 31.76  ? 7   A   A C8    1 
ATOM   135  N  N7    . A   A 1 7  ? -6.356  4.829   5.177   1.00 34.12  ? 7   A   A N7    1 
ATOM   136  C  C5    . A   A 1 7  ? -6.851  5.999   5.722   1.00 32.40  ? 7   A   A C5    1 
ATOM   137  C  C6    . A   A 1 7  ? -7.420  6.311   6.970   1.00 34.70  ? 7   A   A C6    1 
ATOM   138  N  N6    . A   A 1 7  ? -7.581  5.432   7.958   1.00 32.91  ? 7   A   A N6    1 
ATOM   139  N  N1    . A   A 1 7  ? -7.820  7.593   7.166   1.00 37.76  ? 7   A   A N1    1 
ATOM   140  C  C2    . A   A 1 7  ? -7.652  8.500   6.175   1.00 32.67  ? 7   A   A C2    1 
ATOM   141  N  N3    . A   A 1 7  ? -7.139  8.320   4.960   1.00 36.73  ? 7   A   A N3    1 
ATOM   142  C  C4    . A   A 1 7  ? -6.742  7.030   4.818   1.00 35.47  ? 7   A   A C4    1 
ATOM   143  P  P     . U   A 1 8  ? -1.173  8.217   2.561   1.00 34.31  ? 8   U   A P     1 
ATOM   144  O  OP1   . U   A 1 8  ? -0.573  9.483   2.068   1.00 33.73  ? 8   U   A OP1   1 
ATOM   145  O  OP2   . U   A 1 8  ? -0.369  6.933   2.513   1.00 42.46  ? 8   U   A OP2   1 
ATOM   146  O  "O5'" . U   A 1 8  ? -1.730  8.442   4.042   1.00 40.28  ? 8   U   A "O5'" 1 
ATOM   147  C  "C5'" . U   A 1 8  ? -2.296  9.683   4.452   1.00 39.67  ? 8   U   A "C5'" 1 
ATOM   148  C  "C4'" . U   A 1 8  ? -2.796  9.598   5.869   1.00 35.17  ? 8   U   A "C4'" 1 
ATOM   149  O  "O4'" . U   A 1 8  ? -3.875  8.632   5.927   1.00 40.56  ? 8   U   A "O4'" 1 
ATOM   150  C  "C3'" . U   A 1 8  ? -1.782  9.081   6.879   1.00 42.87  ? 8   U   A "C3'" 1 
ATOM   151  O  "O3'" . U   A 1 8  ? -0.940  10.099  7.378   1.00 51.37  ? 8   U   A "O3'" 1 
ATOM   152  C  "C2'" . U   A 1 8  ? -2.662  8.495   7.962   1.00 45.32  ? 8   U   A "C2'" 1 
ATOM   153  O  "O2'" . U   A 1 8  ? -3.179  9.561   8.733   1.00 46.09  ? 8   U   A "O2'" 1 
ATOM   154  C  "C1'" . U   A 1 8  ? -3.796  7.892   7.133   1.00 40.26  ? 8   U   A "C1'" 1 
ATOM   155  N  N1    . U   A 1 8  ? -3.552  6.469   6.787   1.00 39.64  ? 8   U   A N1    1 
ATOM   156  C  C2    . U   A 1 8  ? -3.800  5.512   7.729   1.00 37.97  ? 8   U   A C2    1 
ATOM   157  O  O2    . U   A 1 8  ? -4.203  5.791   8.834   1.00 38.61  ? 8   U   A O2    1 
ATOM   158  N  N3    . U   A 1 8  ? -3.575  4.213   7.337   1.00 34.59  ? 8   U   A N3    1 
ATOM   159  C  C4    . U   A 1 8  ? -3.154  3.756   6.115   1.00 33.85  ? 8   U   A C4    1 
ATOM   160  O  O4    . U   A 1 8  ? -3.001  2.536   5.920   1.00 40.42  ? 8   U   A O4    1 
ATOM   161  C  C5    . U   A 1 8  ? -2.906  4.804   5.183   1.00 34.11  ? 8   U   A C5    1 
ATOM   162  C  C6    . U   A 1 8  ? -3.106  6.076   5.546   1.00 37.85  ? 8   U   A C6    1 
ATOM   163  P  P     . G   A 1 9  ? 0.571   9.785   7.839   1.00 46.55  ? 9   G   A P     1 
ATOM   164  O  OP1   . G   A 1 9  ? 1.147   11.146  7.995   1.00 50.18  ? 9   G   A OP1   1 
ATOM   165  O  OP2   . G   A 1 9  ? 1.244   8.805   6.961   1.00 42.37  ? 9   G   A OP2   1 
ATOM   166  O  "O5'" . G   A 1 9  ? 0.413   9.041   9.235   1.00 42.94  ? 9   G   A "O5'" 1 
ATOM   167  C  "C5'" . G   A 1 9  ? -0.133  9.703   10.359  1.00 41.31  ? 9   G   A "C5'" 1 
ATOM   168  C  "C4'" . G   A 1 9  ? -0.263  8.751   11.518  1.00 44.19  ? 9   G   A "C4'" 1 
ATOM   169  O  "O4'" . G   A 1 9  ? -1.237  7.719   11.217  1.00 48.91  ? 9   G   A "O4'" 1 
ATOM   170  C  "C3'" . G   A 1 9  ? 0.977   7.967   11.860  1.00 45.98  ? 9   G   A "C3'" 1 
ATOM   171  O  "O3'" . G   A 1 9  ? 1.929   8.727   12.569  1.00 48.08  ? 9   G   A "O3'" 1 
ATOM   172  C  "C2'" . G   A 1 9  ? 0.419   6.751   12.613  1.00 47.71  ? 9   G   A "C2'" 1 
ATOM   173  O  "O2'" . G   A 1 9  ? 0.092   7.062   13.961  1.00 52.16  ? 9   G   A "O2'" 1 
ATOM   174  C  "C1'" . G   A 1 9  ? -0.885  6.511   11.871  1.00 39.68  ? 9   G   A "C1'" 1 
ATOM   175  N  N9    . G   A 1 9  ? -0.811  5.429   10.877  1.00 37.76  ? 9   G   A N9    1 
ATOM   176  C  C8    . G   A 1 9  ? -0.674  5.547   9.512   1.00 37.28  ? 9   G   A C8    1 
ATOM   177  N  N7    . G   A 1 9  ? -0.695  4.391   8.898   1.00 37.13  ? 9   G   A N7    1 
ATOM   178  C  C5    . G   A 1 9  ? -0.874  3.463   9.909   1.00 34.76  ? 9   G   A C5    1 
ATOM   179  C  C6    . G   A 1 9  ? -0.968  2.054   9.844   1.00 35.82  ? 9   G   A C6    1 
ATOM   180  O  O6    . G   A 1 9  ? -0.925  1.332   8.851   1.00 38.89  ? 9   G   A O6    1 
ATOM   181  N  N1    . G   A 1 9  ? -1.133  1.491   11.096  1.00 37.58  ? 9   G   A N1    1 
ATOM   182  C  C2    . G   A 1 9  ? -1.212  2.229   12.266  1.00 40.21  ? 9   G   A C2    1 
ATOM   183  N  N2    . G   A 1 9  ? -1.366  1.531   13.387  1.00 38.25  ? 9   G   A N2    1 
ATOM   184  N  N3    . G   A 1 9  ? -1.128  3.550   12.352  1.00 37.20  ? 9   G   A N3    1 
ATOM   185  C  C4    . G   A 1 9  ? -0.959  4.093   11.134  1.00 38.32  ? 9   G   A C4    1 
ATOM   186  P  P     . A   A 1 10 ? 3.482   8.464   12.287  1.00 60.18  ? 10  A   A P     1 
ATOM   187  O  OP1   . A   A 1 10 ? 4.234   9.546   12.987  1.00 56.66  ? 10  A   A OP1   1 
ATOM   188  O  OP2   . A   A 1 10 ? 3.703   8.270   10.833  1.00 48.42  ? 10  A   A OP2   1 
ATOM   189  O  "O5'" . A   A 1 10 ? 3.718   7.059   12.996  1.00 46.64  ? 10  A   A "O5'" 1 
ATOM   190  C  "C5'" . A   A 1 10 ? 3.523   6.957   14.391  1.00 43.63  ? 10  A   A "C5'" 1 
ATOM   191  C  "C4'" . A   A 1 10 ? 3.406   5.527   14.847  1.00 46.36  ? 10  A   A "C4'" 1 
ATOM   192  O  "O4'" . A   A 1 10 ? 2.318   4.861   14.169  1.00 42.28  ? 10  A   A "O4'" 1 
ATOM   193  C  "C3'" . A   A 1 10 ? 4.592   4.628   14.576  1.00 46.18  ? 10  A   A "C3'" 1 
ATOM   194  O  "O3'" . A   A 1 10 ? 5.671   4.873   15.464  1.00 51.74  ? 10  A   A "O3'" 1 
ATOM   195  C  "C2'" . A   A 1 10 ? 3.968   3.240   14.691  1.00 43.71  ? 10  A   A "C2'" 1 
ATOM   196  O  "O2'" . A   A 1 10 ? 3.744   2.904   16.052  1.00 41.97  ? 10  A   A "O2'" 1 
ATOM   197  C  "C1'" . A   A 1 10 ? 2.603   3.482   14.050  1.00 40.05  ? 10  A   A "C1'" 1 
ATOM   198  N  N9    . A   A 1 10 ? 2.541   3.119   12.619  1.00 39.33  ? 10  A   A N9    1 
ATOM   199  C  C8    . A   A 1 10 ? 2.606   3.965   11.531  1.00 39.27  ? 10  A   A C8    1 
ATOM   200  N  N7    . A   A 1 10 ? 2.477   3.351   10.373  1.00 36.84  ? 10  A   A N7    1 
ATOM   201  C  C5    . A   A 1 10 ? 2.302   2.022   10.719  1.00 34.29  ? 10  A   A C5    1 
ATOM   202  C  C6    . A   A 1 10 ? 2.123   0.863   9.952   1.00 36.53  ? 10  A   A C6    1 
ATOM   203  N  N6    . A   A 1 10 ? 2.072   0.823   8.611   1.00 31.38  ? 10  A   A N6    1 
ATOM   204  N  N1    . A   A 1 10 ? 1.989   -0.296  10.638  1.00 40.31  ? 10  A   A N1    1 
ATOM   205  C  C2    . A   A 1 10 ? 2.033   -0.295  11.972  1.00 40.10  ? 10  A   A C2    1 
ATOM   206  N  N3    . A   A 1 10 ? 2.204   0.740   12.794  1.00 40.44  ? 10  A   A N3    1 
ATOM   207  C  C4    . A   A 1 10 ? 2.336   1.872   12.096  1.00 36.65  ? 10  A   A C4    1 
ATOM   208  P  P     . A   A 1 11 ? 7.201   4.846   14.950  1.00 51.79  ? 11  A   A P     1 
ATOM   209  O  OP1   . A   A 1 11 ? 8.034   5.337   16.090  1.00 55.63  ? 11  A   A OP1   1 
ATOM   210  O  OP2   . A   A 1 11 ? 7.340   5.612   13.672  1.00 42.80  ? 11  A   A OP2   1 
ATOM   211  O  "O5'" . A   A 1 11 ? 7.483   3.284   14.811  1.00 37.93  ? 11  A   A "O5'" 1 
ATOM   212  C  "C5'" . A   A 1 11 ? 7.460   2.472   15.975  1.00 40.36  ? 11  A   A "C5'" 1 
ATOM   213  C  "C4'" . A   A 1 11 ? 7.401   1.009   15.652  1.00 38.46  ? 11  A   A "C4'" 1 
ATOM   214  O  "O4'" . A   A 1 11 ? 6.147   0.726   14.989  1.00 41.50  ? 11  A   A "O4'" 1 
ATOM   215  C  "C3'" . A   A 1 11 ? 8.451   0.495   14.687  1.00 39.71  ? 11  A   A "C3'" 1 
ATOM   216  O  "O3'" . A   A 1 11 ? 9.707   0.251   15.312  1.00 43.59  ? 11  A   A "O3'" 1 
ATOM   217  C  "C2'" . A   A 1 11 ? 7.776   -0.749  14.124  1.00 42.14  ? 11  A   A "C2'" 1 
ATOM   218  O  "O2'" . A   A 1 11 ? 7.833   -1.829  15.050  1.00 37.61  ? 11  A   A "O2'" 1 
ATOM   219  C  "C1'" . A   A 1 11 ? 6.330   -0.271  14.013  1.00 36.51  ? 11  A   A "C1'" 1 
ATOM   220  N  N9    . A   A 1 11 ? 6.068   0.325   12.689  1.00 38.48  ? 11  A   A N9    1 
ATOM   221  C  C8    . A   A 1 11 ? 6.179   1.646   12.297  1.00 40.30  ? 11  A   A C8    1 
ATOM   222  N  N7    . A   A 1 11 ? 5.907   1.880   11.024  1.00 36.85  ? 11  A   A N7    1 
ATOM   223  C  C5    . A   A 1 11 ? 5.584   0.611   10.553  1.00 39.68  ? 11  A   A C5    1 
ATOM   224  C  C6    . A   A 1 11 ? 5.193   0.145   9.288   1.00 38.26  ? 11  A   A C6    1 
ATOM   225  N  N6    . A   A 1 11 ? 5.066   0.946   8.236   1.00 36.85  ? 11  A   A N6    1 
ATOM   226  N  N1    . A   A 1 11 ? 4.928   -1.174  9.141   1.00 38.63  ? 11  A   A N1    1 
ATOM   227  C  C2    . A   A 1 11 ? 5.055   -1.964  10.205  1.00 34.87  ? 11  A   A C2    1 
ATOM   228  N  N3    . A   A 1 11 ? 5.416   -1.643  11.443  1.00 35.94  ? 11  A   A N3    1 
ATOM   229  C  C4    . A   A 1 11 ? 5.671   -0.341  11.558  1.00 37.51  ? 11  A   A C4    1 
ATOM   230  P  P     . G   A 1 12 ? 11.062  0.058   14.450  1.00 53.32  ? 12  G   A P     1 
ATOM   231  O  OP1   . G   A 1 12 ? 12.122  -0.277  15.436  1.00 58.45  ? 12  G   A OP1   1 
ATOM   232  O  OP2   . G   A 1 12 ? 11.291  1.201   13.524  1.00 39.28  ? 12  G   A OP2   1 
ATOM   233  O  "O5'" . G   A 1 12 ? 10.833  -1.329  13.705  1.00 37.96  ? 12  G   A "O5'" 1 
ATOM   234  C  "C5'" . G   A 1 12 ? 11.163  -1.547  12.352  1.00 33.00  ? 12  G   A "C5'" 1 
ATOM   235  C  "C4'" . G   A 1 12 ? 10.476  -2.800  11.876  1.00 37.02  ? 12  G   A "C4'" 1 
ATOM   236  O  "O4'" . G   A 1 12 ? 9.087   -2.497  11.558  1.00 39.53  ? 12  G   A "O4'" 1 
ATOM   237  C  "C3'" . G   A 1 12 ? 11.029  -3.451  10.619  1.00 35.55  ? 12  G   A "C3'" 1 
ATOM   238  O  "O3'" . G   A 1 12 ? 12.077  -4.358  10.905  1.00 37.80  ? 12  G   A "O3'" 1 
ATOM   239  C  "C2'" . G   A 1 12 ? 9.817   -4.162  10.049  1.00 36.48  ? 12  G   A "C2'" 1 
ATOM   240  O  "O2'" . G   A 1 12 ? 9.614   -5.369  10.771  1.00 38.31  ? 12  G   A "O2'" 1 
ATOM   241  C  "C1'" . G   A 1 12 ? 8.695   -3.187  10.399  1.00 34.51  ? 12  G   A "C1'" 1 
ATOM   242  N  N9    . G   A 1 12 ? 8.447   -2.174  9.352   1.00 35.83  ? 12  G   A N9    1 
ATOM   243  C  C8    . G   A 1 12 ? 8.613   -0.825  9.515   1.00 37.35  ? 12  G   A C8    1 
ATOM   244  N  N7    . G   A 1 12 ? 8.315   -0.127  8.455   1.00 36.59  ? 12  G   A N7    1 
ATOM   245  C  C5    . G   A 1 12 ? 7.894   -1.060  7.524   1.00 33.08  ? 12  G   A C5    1 
ATOM   246  C  C6    . G   A 1 12 ? 7.441   -0.868  6.185   1.00 38.02  ? 12  G   A C6    1 
ATOM   247  O  O6    . G   A 1 12 ? 7.309   0.204   5.516   1.00 38.83  ? 12  G   A O6    1 
ATOM   248  N  N1    . G   A 1 12 ? 7.147   -2.110  5.623   1.00 35.77  ? 12  G   A N1    1 
ATOM   249  C  C2    . G   A 1 12 ? 7.254   -3.326  6.257   1.00 35.51  ? 12  G   A C2    1 
ATOM   250  N  N2    . G   A 1 12 ? 6.913   -4.415  5.563   1.00 35.48  ? 12  G   A N2    1 
ATOM   251  N  N3    . G   A 1 12 ? 7.672   -3.499  7.490   1.00 35.15  ? 12  G   A N3    1 
ATOM   252  C  C4    . G   A 1 12 ? 7.973   -2.328  8.065   1.00 35.09  ? 12  G   A C4    1 
ATOM   253  P  P     . C   A 1 13 ? 13.405  -4.393  9.995   1.00 40.23  ? 13  C   A P     1 
ATOM   254  O  OP1   . C   A 1 13 ? 14.403  -5.206  10.750  1.00 40.30  ? 13  C   A OP1   1 
ATOM   255  O  OP2   . C   A 1 13 ? 13.676  -2.988  9.580   1.00 35.30  ? 13  C   A OP2   1 
ATOM   256  O  "O5'" . C   A 1 13 ? 12.984  -5.212  8.700   1.00 32.75  ? 13  C   A "O5'" 1 
ATOM   257  C  "C5'" . C   A 1 13 ? 12.210  -6.396  8.826   1.00 34.47  ? 13  C   A "C5'" 1 
ATOM   258  C  "C4'" . C   A 1 13 ? 11.542  -6.762  7.526   1.00 34.28  ? 13  C   A "C4'" 1 
ATOM   259  O  "O4'" . C   A 1 13 ? 10.459  -5.843  7.263   1.00 36.05  ? 13  C   A "O4'" 1 
ATOM   260  C  "C3'" . C   A 1 13 ? 12.391  -6.649  6.281   1.00 33.83  ? 13  C   A "C3'" 1 
ATOM   261  O  "O3'" . C   A 1 13 ? 13.276  -7.717  6.087   1.00 33.71  ? 13  C   A "O3'" 1 
ATOM   262  C  "C2'" . C   A 1 13 ? 11.344  -6.537  5.189   1.00 32.90  ? 13  C   A "C2'" 1 
ATOM   263  O  "O2'" . C   A 1 13 ? 10.759  -7.803  4.943   1.00 29.30  ? 13  C   A "O2'" 1 
ATOM   264  C  "C1'" . C   A 1 13 ? 10.310  -5.669  5.873   1.00 30.31  ? 13  C   A "C1'" 1 
ATOM   265  N  N1    . C   A 1 13 ? 10.453  -4.234  5.578   1.00 28.61  ? 13  C   A N1    1 
ATOM   266  C  C2    . C   A 1 13 ? 9.872   -3.759  4.430   1.00 31.40  ? 13  C   A C2    1 
ATOM   267  O  O2    . C   A 1 13 ? 9.318   -4.550  3.680   1.00 33.06  ? 13  C   A O2    1 
ATOM   268  N  N3    . C   A 1 13 ? 9.920   -2.461  4.149   1.00 32.74  ? 13  C   A N3    1 
ATOM   269  C  C4    . C   A 1 13 ? 10.525  -1.641  4.992   1.00 31.25  ? 13  C   A C4    1 
ATOM   270  N  N4    . C   A 1 13 ? 10.553  -0.347  4.668   1.00 26.67  ? 13  C   A N4    1 
ATOM   271  C  C5    . C   A 1 13 ? 11.123  -2.106  6.190   1.00 29.48  ? 13  C   A C5    1 
ATOM   272  C  C6    . C   A 1 13 ? 11.053  -3.402  6.447   1.00 28.85  ? 13  C   A C6    1 
ATOM   273  P  P     . C   A 1 14 ? 14.580  -7.453  5.210   1.00 41.54  ? 14  C   A P     1 
ATOM   274  O  OP1   . C   A 1 14 ? 15.353  -8.728  5.165   1.00 49.18  ? 14  C   A OP1   1 
ATOM   275  O  OP2   . C   A 1 14 ? 15.143  -6.160  5.650   1.00 36.22  ? 14  C   A OP2   1 
ATOM   276  O  "O5'" . C   A 1 14 ? 14.030  -7.277  3.731   1.00 43.19  ? 14  C   A "O5'" 1 
ATOM   277  C  "C5'" . C   A 1 14 ? 13.539  -8.414  3.042   1.00 43.41  ? 14  C   A "C5'" 1 
ATOM   278  C  "C4'" . C   A 1 14 ? 13.155  -8.098  1.624   1.00 36.02  ? 14  C   A "C4'" 1 
ATOM   279  O  "O4'" . C   A 1 14 ? 12.199  -7.032  1.635   1.00 35.17  ? 14  C   A "O4'" 1 
ATOM   280  C  "C3'" . C   A 1 14 ? 14.249  -7.585  0.716   1.00 40.95  ? 14  C   A "C3'" 1 
ATOM   281  O  "O3'" . C   A 1 14 ? 15.061  -8.626  0.203   1.00 45.17  ? 14  C   A "O3'" 1 
ATOM   282  C  "C2'" . C   A 1 14 ? 13.457  -6.872  -0.364  1.00 40.80  ? 14  C   A "C2'" 1 
ATOM   283  O  "O2'" . C   A 1 14 ? 12.908  -7.836  -1.258  1.00 38.96  ? 14  C   A "O2'" 1 
ATOM   284  C  "C1'" . C   A 1 14 ? 12.306  -6.288  0.453   1.00 35.96  ? 14  C   A "C1'" 1 
ATOM   285  N  N1    . C   A 1 14 ? 12.475  -4.881  0.843   1.00 31.85  ? 14  C   A N1    1 
ATOM   286  C  C2    . C   A 1 14 ? 12.252  -3.875  -0.099  1.00 33.20  ? 14  C   A C2    1 
ATOM   287  O  O2    . C   A 1 14 ? 11.964  -4.157  -1.272  1.00 31.83  ? 14  C   A O2    1 
ATOM   288  N  N3    . C   A 1 14 ? 12.375  -2.591  0.302   1.00 34.32  ? 14  C   A N3    1 
ATOM   289  C  C4    . C   A 1 14 ? 12.668  -2.320  1.576   1.00 32.11  ? 14  C   A C4    1 
ATOM   290  N  N4    . C   A 1 14 ? 12.750  -1.029  1.894   1.00 32.50  ? 14  C   A N4    1 
ATOM   291  C  C5    . C   A 1 14 ? 12.880  -3.338  2.559   1.00 30.00  ? 14  C   A C5    1 
ATOM   292  C  C6    . C   A 1 14 ? 12.751  -4.601  2.150   1.00 30.93  ? 14  C   A C6    1 
ATOM   293  P  P     . A   A 1 15 ? 16.625  -8.374  -0.047  1.00 46.06  ? 15  A   A P     1 
ATOM   294  O  OP1   . A   A 1 15 ? 17.160  -9.706  -0.406  1.00 57.15  ? 15  A   A OP1   1 
ATOM   295  O  OP2   . A   A 1 15 ? 17.170  -7.597  1.095   1.00 49.46  ? 15  A   A OP2   1 
ATOM   296  O  "O5'" . A   A 1 15 ? 16.695  -7.476  -1.352  1.00 41.31  ? 15  A   A "O5'" 1 
ATOM   297  C  "C5'" . A   A 1 15 ? 16.190  -7.970  -2.581  1.00 41.22  ? 15  A   A "C5'" 1 
ATOM   298  C  "C4'" . A   A 1 15 ? 16.061  -6.869  -3.594  1.00 40.78  ? 15  A   A "C4'" 1 
ATOM   299  O  "O4'" . A   A 1 15 ? 15.061  -5.917  -3.163  1.00 42.42  ? 15  A   A "O4'" 1 
ATOM   300  C  "C3'" . A   A 1 15 ? 17.285  -6.008  -3.787  1.00 45.97  ? 15  A   A "C3'" 1 
ATOM   301  O  "O3'" . A   A 1 15 ? 18.300  -6.649  -4.535  1.00 53.66  ? 15  A   A "O3'" 1 
ATOM   302  C  "C2'" . A   A 1 15 ? 16.699  -4.751  -4.429  1.00 42.89  ? 15  A   A "C2'" 1 
ATOM   303  O  "O2'" . A   A 1 15 ? 16.439  -4.953  -5.814  1.00 42.98  ? 15  A   A "O2'" 1 
ATOM   304  C  "C1'" . A   A 1 15 ? 15.358  -4.643  -3.700  1.00 37.13  ? 15  A   A "C1'" 1 
ATOM   305  N  N9    . A   A 1 15 ? 15.347  -3.658  -2.604  1.00 34.08  ? 15  A   A N9    1 
ATOM   306  C  C8    . A   A 1 15 ? 15.536  -3.925  -1.273  1.00 35.63  ? 15  A   A C8    1 
ATOM   307  N  N7    . A   A 1 15 ? 15.460  -2.868  -0.493  1.00 33.22  ? 15  A   A N7    1 
ATOM   308  C  C5    . A   A 1 15 ? 15.184  -1.844  -1.367  1.00 30.66  ? 15  A   A C5    1 
ATOM   309  C  C6    . A   A 1 15 ? 14.969  -0.489  -1.139  1.00 34.07  ? 15  A   A C6    1 
ATOM   310  N  N6    . A   A 1 15 ? 15.013  0.067   0.070   1.00 29.70  ? 15  A   A N6    1 
ATOM   311  N  N1    . A   A 1 15 ? 14.703  0.270   -2.226  1.00 39.21  ? 15  A   A N1    1 
ATOM   312  C  C2    . A   A 1 15 ? 14.665  -0.315  -3.438  1.00 35.21  ? 15  A   A C2    1 
ATOM   313  N  N3    . A   A 1 15 ? 14.846  -1.589  -3.758  1.00 31.23  ? 15  A   A N3    1 
ATOM   314  C  C4    . A   A 1 15 ? 15.098  -2.309  -2.667  1.00 31.03  ? 15  A   A C4    1 
ATOM   315  P  P     . C   A 1 16 ? 19.820  -6.143  -4.419  1.00 55.64  ? 16  C   A P     1 
ATOM   316  O  OP1   . C   A 1 16 ? 20.659  -7.104  -5.184  1.00 57.26  ? 16  C   A OP1   1 
ATOM   317  O  OP2   . C   A 1 16 ? 20.132  -5.843  -3.004  1.00 54.96  ? 16  C   A OP2   1 
ATOM   318  O  "O5'" . C   A 1 16 ? 19.801  -4.710  -5.102  1.00 45.84  ? 16  C   A "O5'" 1 
ATOM   319  C  "C5'" . C   A 1 16 ? 19.933  -4.568  -6.495  1.00 45.38  ? 16  C   A "C5'" 1 
ATOM   320  C  "C4'" . C   A 1 16 ? 19.780  -3.125  -6.855  1.00 47.85  ? 16  C   A "C4'" 1 
ATOM   321  O  "O4'" . C   A 1 16 ? 18.577  -2.617  -6.228  1.00 48.00  ? 16  C   A "O4'" 1 
ATOM   322  C  "C3'" . C   A 1 16 ? 20.854  -2.202  -6.319  1.00 51.77  ? 16  C   A "C3'" 1 
ATOM   323  O  "O3'" . C   A 1 16 ? 22.072  -2.264  -7.018  1.00 55.57  ? 16  C   A "O3'" 1 
ATOM   324  C  "C2'" . C   A 1 16 ? 20.163  -0.845  -6.341  1.00 53.01  ? 16  C   A "C2'" 1 
ATOM   325  O  "O2'" . C   A 1 16 ? 20.107  -0.286  -7.649  1.00 50.47  ? 16  C   A "O2'" 1 
ATOM   326  C  "C1'" . C   A 1 16 ? 18.751  -1.244  -5.909  1.00 47.13  ? 16  C   A "C1'" 1 
ATOM   327  N  N1    . C   A 1 16 ? 18.581  -1.071  -4.456  1.00 43.49  ? 16  C   A N1    1 
ATOM   328  C  C2    . C   A 1 16 ? 18.376  0.221   -3.998  1.00 44.94  ? 16  C   A C2    1 
ATOM   329  O  O2    . C   A 1 16 ? 18.335  1.111   -4.849  1.00 48.25  ? 16  C   A O2    1 
ATOM   330  N  N3    . C   A 1 16 ? 18.220  0.443   -2.672  1.00 41.79  ? 16  C   A N3    1 
ATOM   331  C  C4    . C   A 1 16 ? 18.282  -0.594  -1.832  1.00 38.92  ? 16  C   A C4    1 
ATOM   332  N  N4    . C   A 1 16 ? 18.141  -0.353  -0.537  1.00 41.96  ? 16  C   A N4    1 
ATOM   333  C  C5    . C   A 1 16 ? 18.501  -1.929  -2.259  1.00 39.40  ? 16  C   A C5    1 
ATOM   334  C  C6    . C   A 1 16 ? 18.660  -2.118  -3.581  1.00 46.04  ? 16  C   A C6    1 
ATOM   335  P  P     . A   A 1 17 ? 23.449  -2.158  -6.200  1.00 58.25  ? 17  A   A P     1 
ATOM   336  O  OP1   . A   A 1 17 ? 24.497  -2.350  -7.234  1.00 71.84  ? 17  A   A OP1   1 
ATOM   337  O  OP2   . A   A 1 17 ? 23.509  -3.008  -4.981  1.00 52.42  ? 17  A   A OP2   1 
ATOM   338  O  "O5'" . A   A 1 17 ? 23.496  -0.633  -5.818  1.00 48.16  ? 17  A   A "O5'" 1 
ATOM   339  C  "C5'" . A   A 1 17 ? 23.656  0.303   -6.859  1.00 54.81  ? 17  A   A "C5'" 1 
ATOM   340  C  "C4'" . A   A 1 17 ? 23.275  1.673   -6.396  1.00 62.64  ? 17  A   A "C4'" 1 
ATOM   341  O  "O4'" . A   A 1 17 ? 21.952  1.649   -5.786  1.00 63.82  ? 17  A   A "O4'" 1 
ATOM   342  C  "C3'" . A   A 1 17 ? 24.151  2.254   -5.308  1.00 64.59  ? 17  A   A "C3'" 1 
ATOM   343  O  "O3'" . A   A 1 17 ? 25.403  2.712   -5.795  1.00 73.28  ? 17  A   A "O3'" 1 
ATOM   344  C  "C2'" . A   A 1 17 ? 23.244  3.336   -4.740  1.00 61.93  ? 17  A   A "C2'" 1 
ATOM   345  O  "O2'" . A   A 1 17 ? 23.146  4.412   -5.659  1.00 61.06  ? 17  A   A "O2'" 1 
ATOM   346  C  "C1'" . A   A 1 17 ? 21.903  2.600   -4.735  1.00 60.48  ? 17  A   A "C1'" 1 
ATOM   347  N  N9    . A   A 1 17 ? 21.703  1.894   -3.454  1.00 54.84  ? 17  A   A N9    1 
ATOM   348  C  C8    . A   A 1 17 ? 21.813  0.552   -3.168  1.00 52.07  ? 17  A   A C8    1 
ATOM   349  N  N7    . A   A 1 17 ? 21.579  0.270   -1.904  1.00 49.03  ? 17  A   A N7    1 
ATOM   350  C  C5    . A   A 1 17 ? 21.326  1.510   -1.324  1.00 47.90  ? 17  A   A C5    1 
ATOM   351  C  C6    . A   A 1 17 ? 21.020  1.902   -0.015  1.00 49.45  ? 17  A   A C6    1 
ATOM   352  N  N6    . A   A 1 17 ? 20.910  1.030   0.989   1.00 51.16  ? 17  A   A N6    1 
ATOM   353  N  N1    . A   A 1 17 ? 20.818  3.220   0.235   1.00 52.15  ? 17  A   A N1    1 
ATOM   354  C  C2    . A   A 1 17 ? 20.903  4.081   -0.781  1.00 52.96  ? 17  A   A C2    1 
ATOM   355  N  N3    . A   A 1 17 ? 21.186  3.833   -2.060  1.00 52.77  ? 17  A   A N3    1 
ATOM   356  C  C4    . A   A 1 17 ? 21.391  2.516   -2.265  1.00 52.47  ? 17  A   A C4    1 
ATOM   357  P  P     . G   A 1 18 ? 26.768  2.489   -4.955  1.00 71.70  ? 18  G   A P     1 
ATOM   358  O  OP1   . G   A 1 18 ? 27.852  3.016   -5.826  1.00 77.81  ? 18  G   A OP1   1 
ATOM   359  O  OP2   . G   A 1 18 ? 26.923  1.068   -4.504  1.00 51.66  ? 18  G   A OP2   1 
ATOM   360  O  "O5'" . G   A 1 18 ? 26.618  3.558   -3.780  1.00 62.75  ? 18  G   A "O5'" 1 
ATOM   361  C  "C5'" . G   A 1 18 ? 26.166  4.869   -4.091  1.00 63.85  ? 18  G   A "C5'" 1 
ATOM   362  C  "C4'" . G   A 1 18 ? 25.966  5.692   -2.855  1.00 71.74  ? 18  G   A "C4'" 1 
ATOM   363  O  "O4'" . G   A 1 18 ? 24.752  5.313   -2.158  1.00 74.99  ? 18  G   A "O4'" 1 
ATOM   364  C  "C3'" . G   A 1 18 ? 27.031  5.522   -1.800  1.00 78.37  ? 18  G   A "C3'" 1 
ATOM   365  O  "O3'" . G   A 1 18 ? 28.230  6.181   -2.148  1.00 88.66  ? 18  G   A "O3'" 1 
ATOM   366  C  "C2'" . G   A 1 18 ? 26.340  6.065   -0.557  1.00 73.12  ? 18  G   A "C2'" 1 
ATOM   367  O  "O2'" . G   A 1 18 ? 26.304  7.484   -0.595  1.00 68.70  ? 18  G   A "O2'" 1 
ATOM   368  C  "C1'" . G   A 1 18 ? 24.913  5.553   -0.769  1.00 69.93  ? 18  G   A "C1'" 1 
ATOM   369  N  N9    . G   A 1 18 ? 24.616  4.322   0.006   1.00 61.21  ? 18  G   A N9    1 
ATOM   370  C  C8    . G   A 1 18 ? 24.742  2.996   -0.342  1.00 60.24  ? 18  G   A C8    1 
ATOM   371  N  N7    . G   A 1 18 ? 24.379  2.171   0.614   1.00 58.09  ? 18  G   A N7    1 
ATOM   372  C  C5    . G   A 1 18 ? 23.991  3.001   1.646   1.00 57.65  ? 18  G   A C5    1 
ATOM   373  C  C6    . G   A 1 18 ? 23.494  2.695   2.934   1.00 62.71  ? 18  G   A C6    1 
ATOM   374  O  O6    . G   A 1 18 ? 23.290  1.578   3.433   1.00 63.16  ? 18  G   A O6    1 
ATOM   375  N  N1    . G   A 1 18 ? 23.228  3.856   3.664   1.00 65.93  ? 18  G   A N1    1 
ATOM   376  C  C2    . G   A 1 18 ? 23.406  5.150   3.217   1.00 69.35  ? 18  G   A C2    1 
ATOM   377  N  N2    . G   A 1 18 ? 23.094  6.155   4.067   1.00 65.92  ? 18  G   A N2    1 
ATOM   378  N  N3    . G   A 1 18 ? 23.861  5.435   2.006   1.00 66.53  ? 18  G   A N3    1 
ATOM   379  C  C4    . G   A 1 18 ? 24.129  4.322   1.287   1.00 61.73  ? 18  G   A C4    1 
ATOM   380  P  P     . G   A 1 19 ? 29.636  5.631   -1.607  1.00 90.36  ? 19  G   A P     1 
ATOM   381  O  OP1   . G   A 1 19 ? 30.608  6.257   -2.539  1.00 85.54  ? 19  G   A OP1   1 
ATOM   382  O  OP2   . G   A 1 19 ? 29.587  4.133   -1.539  1.00 72.20  ? 19  G   A OP2   1 
ATOM   383  O  "O5'" . G   A 1 19 ? 29.707  6.303   -0.147  1.00 85.77  ? 19  G   A "O5'" 1 
ATOM   384  C  "C5'" . G   A 1 19 ? 29.424  7.702   -0.029  1.00 75.92  ? 19  G   A "C5'" 1 
ATOM   385  C  "C4'" . G   A 1 19 ? 29.003  8.108   1.363   1.00 73.99  ? 19  G   A "C4'" 1 
ATOM   386  O  "O4'" . G   A 1 19 ? 27.725  7.525   1.770   1.00 80.40  ? 19  G   A "O4'" 1 
ATOM   387  C  "C3'" . G   A 1 19 ? 29.951  7.821   2.515   1.00 75.92  ? 19  G   A "C3'" 1 
ATOM   388  C  "C2'" . G   A 1 19 ? 29.032  8.036   3.722   1.00 81.87  ? 19  G   A "C2'" 1 
ATOM   389  O  "O2'" . G   A 1 19 ? 28.917  9.437   3.969   1.00 74.69  ? 19  G   A "O2'" 1 
ATOM   390  C  "C1'" . G   A 1 19 ? 27.676  7.488   3.202   1.00 81.09  ? 19  G   A "C1'" 1 
ATOM   391  N  N9    . G   A 1 19 ? 27.136  6.187   3.810   1.00 77.78  ? 19  G   A N9    1 
ATOM   392  C  C8    . G   A 1 19 ? 26.400  6.153   4.997   1.00 74.79  ? 19  G   A C8    1 
ATOM   393  N  N7    . G   A 1 19 ? 25.987  4.973   5.404   1.00 65.92  ? 19  G   A N7    1 
ATOM   394  C  C5    . G   A 1 19 ? 26.467  4.124   4.412   1.00 71.37  ? 19  G   A C5    1 
ATOM   395  C  C6    . G   A 1 19 ? 26.338  2.702   4.301   1.00 68.42  ? 19  G   A C6    1 
ATOM   396  O  O6    . G   A 1 19 ? 25.766  1.924   5.069   1.00 64.14  ? 19  G   A O6    1 
ATOM   397  N  N1    . G   A 1 19 ? 26.960  2.179   3.164   1.00 67.04  ? 19  G   A N1    1 
ATOM   398  C  C2    . G   A 1 19 ? 27.636  2.937   2.238   1.00 69.20  ? 19  G   A C2    1 
ATOM   399  N  N2    . G   A 1 19 ? 28.164  2.230   1.215   1.00 66.18  ? 19  G   A N2    1 
ATOM   400  N  N3    . G   A 1 19 ? 27.764  4.274   2.317   1.00 71.50  ? 19  G   A N3    1 
ATOM   401  C  C4    . G   A 1 19 ? 27.173  4.830   3.421   1.00 74.75  ? 19  G   A C4    1 
ATOM   402  P  P     . C   A 1 20 ? 16.773  3.890   8.978   1.00 108.73 ? 21  C   A P     1 
ATOM   403  O  OP1   . C   A 1 20 ? 15.507  4.441   8.399   1.00 86.24  ? 21  C   A OP1   1 
ATOM   404  O  OP2   . C   A 1 20 ? 16.855  2.510   9.549   1.00 92.05  ? 21  C   A OP2   1 
ATOM   405  O  "O5'" . C   A 1 20 ? 17.290  4.909   10.092  1.00 91.96  ? 21  C   A "O5'" 1 
ATOM   406  C  "C5'" . C   A 1 20 ? 18.497  4.665   10.795  1.00 84.38  ? 21  C   A "C5'" 1 
ATOM   407  C  "C4'" . C   A 1 20 ? 19.604  5.476   10.199  1.00 77.89  ? 21  C   A "C4'" 1 
ATOM   408  O  "O4'" . C   A 1 20 ? 20.751  4.621   9.990   1.00 74.88  ? 21  C   A "O4'" 1 
ATOM   409  C  "C3'" . C   A 1 20 ? 19.298  6.033   8.820   1.00 79.71  ? 21  C   A "C3'" 1 
ATOM   410  O  "O3'" . C   A 1 20 ? 18.530  7.218   8.860   1.00 83.07  ? 21  C   A "O3'" 1 
ATOM   411  C  "C2'" . C   A 1 20 ? 20.675  6.193   8.203   1.00 78.64  ? 21  C   A "C2'" 1 
ATOM   412  O  "O2'" . C   A 1 20 ? 21.307  7.377   8.667   1.00 75.27  ? 21  C   A "O2'" 1 
ATOM   413  C  "C1'" . C   A 1 20 ? 21.401  4.976   8.786   1.00 79.50  ? 21  C   A "C1'" 1 
ATOM   414  N  N1    . C   A 1 20 ? 21.342  3.805   7.883   1.00 73.22  ? 21  C   A N1    1 
ATOM   415  C  C2    . C   A 1 20 ? 22.008  3.826   6.652   1.00 67.32  ? 21  C   A C2    1 
ATOM   416  O  O2    . C   A 1 20 ? 22.644  4.830   6.303   1.00 69.95  ? 21  C   A O2    1 
ATOM   417  N  N3    . C   A 1 20 ? 21.938  2.739   5.856   1.00 64.84  ? 21  C   A N3    1 
ATOM   418  C  C4    . C   A 1 20 ? 21.250  1.675   6.256   1.00 65.97  ? 21  C   A C4    1 
ATOM   419  N  N4    . C   A 1 20 ? 21.226  0.634   5.433   1.00 63.59  ? 21  C   A N4    1 
ATOM   420  C  C5    . C   A 1 20 ? 20.566  1.624   7.508   1.00 70.20  ? 21  C   A C5    1 
ATOM   421  C  C6    . C   A 1 20 ? 20.637  2.703   8.289   1.00 72.68  ? 21  C   A C6    1 
ATOM   422  P  P     . U   A 1 21 ? 17.102  7.259   8.130   1.00 85.75  ? 22  U   A P     1 
ATOM   423  O  OP1   . U   A 1 21 ? 16.039  7.162   9.162   1.00 81.15  ? 22  U   A OP1   1 
ATOM   424  O  OP2   . U   A 1 21 ? 17.136  6.258   7.039   1.00 84.11  ? 22  U   A OP2   1 
ATOM   425  O  "O5'" . U   A 1 21 ? 17.090  8.683   7.422   1.00 78.63  ? 22  U   A "O5'" 1 
ATOM   426  C  "C5'" . U   A 1 21 ? 18.307  9.384   7.230   1.00 73.23  ? 22  U   A "C5'" 1 
ATOM   427  C  "C4'" . U   A 1 21 ? 18.784  9.346   5.795   1.00 73.71  ? 22  U   A "C4'" 1 
ATOM   428  O  "O4'" . U   A 1 21 ? 19.804  8.330   5.612   1.00 74.30  ? 22  U   A "O4'" 1 
ATOM   429  C  "C3'" . U   A 1 21 ? 17.778  9.016   4.703   1.00 72.67  ? 22  U   A "C3'" 1 
ATOM   430  O  "O3'" . U   A 1 21 ? 16.868  10.069  4.417   1.00 78.63  ? 22  U   A "O3'" 1 
ATOM   431  C  "C2'" . U   A 1 21 ? 18.695  8.674   3.531   1.00 66.78  ? 22  U   A "C2'" 1 
ATOM   432  O  "O2'" . U   A 1 21 ? 19.189  9.858   2.933   1.00 63.79  ? 22  U   A "O2'" 1 
ATOM   433  C  "C1'" . U   A 1 21 ? 19.860  7.978   4.241   1.00 68.99  ? 22  U   A "C1'" 1 
ATOM   434  N  N1    . U   A 1 21 ? 19.817  6.510   4.076   1.00 67.61  ? 22  U   A N1    1 
ATOM   435  C  C2    . U   A 1 21 ? 20.300  6.030   2.865   1.00 65.91  ? 22  U   A C2    1 
ATOM   436  O  O2    . U   A 1 21 ? 20.746  6.734   1.984   1.00 67.47  ? 22  U   A O2    1 
ATOM   437  N  N3    . U   A 1 21 ? 20.277  4.675   2.696   1.00 62.38  ? 22  U   A N3    1 
ATOM   438  C  C4    . U   A 1 21 ? 19.796  3.772   3.614   1.00 62.75  ? 22  U   A C4    1 
ATOM   439  O  O4    . U   A 1 21 ? 19.836  2.586   3.305   1.00 57.22  ? 22  U   A O4    1 
ATOM   440  C  C5    . U   A 1 21 ? 19.300  4.335   4.845   1.00 68.28  ? 22  U   A C5    1 
ATOM   441  C  C6    . U   A 1 21 ? 19.327  5.660   5.037   1.00 68.79  ? 22  U   A C6    1 
ATOM   442  P  P     . G   A 1 22 ? 15.541  9.800   3.533   1.00 79.95  ? 23  G   A P     1 
ATOM   443  O  OP1   . G   A 1 22 ? 14.759  11.054  3.367   1.00 81.59  ? 23  G   A OP1   1 
ATOM   444  O  OP2   . G   A 1 22 ? 14.889  8.559   4.037   1.00 74.33  ? 23  G   A OP2   1 
ATOM   445  O  "O5'" . G   A 1 22 ? 16.104  9.527   2.079   1.00 66.82  ? 23  G   A "O5'" 1 
ATOM   446  C  "C5'" . G   A 1 22 ? 16.761  10.539  1.351   1.00 63.77  ? 23  G   A "C5'" 1 
ATOM   447  C  "C4'" . G   A 1 22 ? 16.985  10.052  -0.039  1.00 64.93  ? 23  G   A "C4'" 1 
ATOM   448  O  "O4'" . G   A 1 22 ? 17.983  8.997   -0.042  1.00 67.83  ? 23  G   A "O4'" 1 
ATOM   449  C  "C3'" . G   A 1 22 ? 15.764  9.398   -0.626  1.00 63.55  ? 23  G   A "C3'" 1 
ATOM   450  O  "O3'" . G   A 1 22 ? 14.835  10.357  -1.104  1.00 64.87  ? 23  G   A "O3'" 1 
ATOM   451  C  "C2'" . G   A 1 22 ? 16.352  8.479   -1.689  1.00 59.58  ? 23  G   A "C2'" 1 
ATOM   452  O  "O2'" . G   A 1 22 ? 16.617  9.224   -2.867  1.00 61.01  ? 23  G   A "O2'" 1 
ATOM   453  C  "C1'" . G   A 1 22 ? 17.667  8.040   -1.032  1.00 62.07  ? 23  G   A "C1'" 1 
ATOM   454  N  N9    . G   A 1 22 ? 17.571  6.699   -0.392  1.00 61.57  ? 23  G   A N9    1 
ATOM   455  C  C8    . G   A 1 22 ? 17.292  6.436   0.940   1.00 59.39  ? 23  G   A C8    1 
ATOM   456  N  N7    . G   A 1 22 ? 17.254  5.156   1.237   1.00 56.12  ? 23  G   A N7    1 
ATOM   457  C  C5    . G   A 1 22 ? 17.540  4.510   0.027   1.00 52.94  ? 23  G   A C5    1 
ATOM   458  C  C6    . G   A 1 22 ? 17.642  3.110   -0.291  1.00 46.94  ? 23  G   A C6    1 
ATOM   459  O  O6    . G   A 1 22 ? 17.516  2.113   0.427   1.00 42.73  ? 23  G   A O6    1 
ATOM   460  N  N1    . G   A 1 22 ? 17.936  2.887   -1.624  1.00 44.64  ? 23  G   A N1    1 
ATOM   461  C  C2    . G   A 1 22 ? 18.111  3.884   -2.543  1.00 51.94  ? 23  G   A C2    1 
ATOM   462  N  N2    . G   A 1 22 ? 18.391  3.429   -3.773  1.00 48.21  ? 23  G   A N2    1 
ATOM   463  N  N3    . G   A 1 22 ? 18.024  5.197   -2.281  1.00 51.53  ? 23  G   A N3    1 
ATOM   464  C  C4    . G   A 1 22 ? 17.740  5.448   -0.984  1.00 54.80  ? 23  G   A C4    1 
ATOM   465  P  P     . U   A 1 23 ? 13.494  9.864   -1.829  1.00 66.60  ? 24  U   A P     1 
ATOM   466  O  OP1   . U   A 1 23 ? 12.662  11.021  -2.244  1.00 55.98  ? 24  U   A OP1   1 
ATOM   467  O  OP2   . U   A 1 23 ? 12.877  8.919   -0.850  1.00 60.16  ? 24  U   A OP2   1 
ATOM   468  O  "O5'" . U   A 1 23 ? 14.065  9.120   -3.140  1.00 57.12  ? 24  U   A "O5'" 1 
ATOM   469  C  "C5'" . U   A 1 23 ? 13.313  8.994   -4.333  1.00 58.69  ? 24  U   A "C5'" 1 
ATOM   470  C  "C4'" . U   A 1 23 ? 13.713  7.769   -5.122  1.00 57.80  ? 24  U   A "C4'" 1 
ATOM   471  O  "O4'" . U   A 1 23 ? 14.772  7.037   -4.448  1.00 60.53  ? 24  U   A "O4'" 1 
ATOM   472  C  "C3'" . U   A 1 23 ? 12.621  6.735   -5.303  1.00 53.83  ? 24  U   A "C3'" 1 
ATOM   473  O  "O3'" . U   A 1 23 ? 11.679  7.094   -6.285  1.00 51.57  ? 24  U   A "O3'" 1 
ATOM   474  C  "C2'" . U   A 1 23 ? 13.399  5.449   -5.586  1.00 55.07  ? 24  U   A "C2'" 1 
ATOM   475  O  "O2'" . U   A 1 23 ? 13.811  5.344   -6.947  1.00 48.69  ? 24  U   A "O2'" 1 
ATOM   476  C  "C1'" . U   A 1 23 ? 14.627  5.642   -4.693  1.00 55.95  ? 24  U   A "C1'" 1 
ATOM   477  N  N1    . U   A 1 23 ? 14.497  4.923   -3.397  1.00 51.54  ? 24  U   A N1    1 
ATOM   478  C  C2    . U   A 1 23 ? 14.647  3.549   -3.418  1.00 47.96  ? 24  U   A C2    1 
ATOM   479  O  O2    . U   A 1 23 ? 14.873  2.929   -4.462  1.00 45.37  ? 24  U   A O2    1 
ATOM   480  N  N3    . U   A 1 23 ? 14.527  2.946   -2.172  1.00 42.82  ? 24  U   A N3    1 
ATOM   481  C  C4    . U   A 1 23 ? 14.289  3.560   -0.953  1.00 46.35  ? 24  U   A C4    1 
ATOM   482  O  O4    . U   A 1 23 ? 14.215  2.886   0.084   1.00 47.77  ? 24  U   A O4    1 
ATOM   483  C  C5    . U   A 1 23 ? 14.151  4.978   -1.027  1.00 46.89  ? 24  U   A C5    1 
ATOM   484  C  C6    . U   A 1 23 ? 14.259  5.581   -2.212  1.00 51.66  ? 24  U   A C6    1 
ATOM   485  P  P     . G   A 1 24 ? 10.139  7.211   -5.851  1.00 59.36  ? 25  G   A P     1 
ATOM   486  O  OP1   . G   A 1 24 ? 9.578   8.439   -6.465  1.00 74.40  ? 25  G   A OP1   1 
ATOM   487  O  OP2   . G   A 1 24 ? 10.015  7.019   -4.388  1.00 50.87  ? 25  G   A OP2   1 
ATOM   488  O  "O5'" . G   A 1 24 ? 9.486   5.963   -6.581  1.00 54.31  ? 25  G   A "O5'" 1 
ATOM   489  C  "C5'" . G   A 1 24 ? 10.202  5.275   -7.600  1.00 44.42  ? 25  G   A "C5'" 1 
ATOM   490  C  "C4'" . G   A 1 24 ? 10.165  3.785   -7.373  1.00 41.40  ? 25  G   A "C4'" 1 
ATOM   491  O  "O4'" . G   A 1 24 ? 11.115  3.405   -6.353  1.00 43.86  ? 25  G   A "O4'" 1 
ATOM   492  C  "C3'" . G   A 1 24 ? 8.855   3.196   -6.874  1.00 38.71  ? 25  G   A "C3'" 1 
ATOM   493  O  "O3'" . G   A 1 24 ? 7.928   3.026   -7.928  1.00 38.02  ? 25  G   A "O3'" 1 
ATOM   494  C  "C2'" . G   A 1 24 ? 9.303   1.862   -6.269  1.00 41.07  ? 25  G   A "C2'" 1 
ATOM   495  O  "O2'" . G   A 1 24 ? 9.388   0.864   -7.278  1.00 46.03  ? 25  G   A "O2'" 1 
ATOM   496  C  "C1'" . G   A 1 24 ? 10.724  2.181   -5.779  1.00 34.91  ? 25  G   A "C1'" 1 
ATOM   497  N  N9    . G   A 1 24 ? 10.872  2.231   -4.311  1.00 36.42  ? 25  G   A N9    1 
ATOM   498  C  C8    . G   A 1 24 ? 10.820  3.313   -3.457  1.00 40.42  ? 25  G   A C8    1 
ATOM   499  N  N7    . G   A 1 24 ? 10.984  3.008   -2.191  1.00 34.76  ? 25  G   A N7    1 
ATOM   500  C  C5    . G   A 1 24 ? 11.171  1.632   -2.223  1.00 35.94  ? 25  G   A C5    1 
ATOM   501  C  C6    . G   A 1 24 ? 11.420  0.721   -1.181  1.00 34.66  ? 25  G   A C6    1 
ATOM   502  O  O6    . G   A 1 24 ? 11.518  0.946   0.030   1.00 39.08  ? 25  G   A O6    1 
ATOM   503  N  N1    . G   A 1 24 ? 11.536  -0.573  -1.635  1.00 30.22  ? 25  G   A N1    1 
ATOM   504  C  C2    . G   A 1 24 ? 11.443  -0.957  -2.924  1.00 30.49  ? 25  G   A C2    1 
ATOM   505  N  N2    . G   A 1 24 ? 11.601  -2.264  -3.125  1.00 31.45  ? 25  G   A N2    1 
ATOM   506  N  N3    . G   A 1 24 ? 11.221  -0.136  -3.921  1.00 33.86  ? 25  G   A N3    1 
ATOM   507  C  C4    . G   A 1 24 ? 11.099  1.137   -3.505  1.00 36.95  ? 25  G   A C4    1 
ATOM   508  P  P     . A   A 1 25 ? 6.397   3.478   -7.803  1.00 35.54  ? 26  A   A P     1 
ATOM   509  O  OP1   . A   A 1 25 ? 6.310   4.671   -6.915  1.00 36.61  ? 26  A   A OP1   1 
ATOM   510  O  OP2   . A   A 1 25 ? 5.550   2.275   -7.621  1.00 32.32  ? 26  A   A OP2   1 
ATOM   511  O  "O5'" . A   A 1 25 ? 6.024   3.882   -9.293  1.00 38.46  ? 26  A   A "O5'" 1 
ATOM   512  C  "C5'" . A   A 1 25 ? 6.707   4.924   -9.979  1.00 38.43  ? 26  A   A "C5'" 1 
ATOM   513  C  "C4'" . A   A 1 25 ? 6.979   4.558   -11.418 1.00 36.69  ? 26  A   A "C4'" 1 
ATOM   514  O  "O4'" . A   A 1 25 ? 8.028   3.555   -11.489 1.00 35.58  ? 26  A   A "O4'" 1 
ATOM   515  C  "C3'" . A   A 1 25 ? 5.829   3.914   -12.165 1.00 36.39  ? 26  A   A "C3'" 1 
ATOM   516  O  "O3'" . A   A 1 25 ? 4.834   4.833   -12.567 1.00 40.07  ? 26  A   A "O3'" 1 
ATOM   517  C  "C2'" . A   A 1 25 ? 6.556   3.214   -13.302 1.00 34.41  ? 26  A   A "C2'" 1 
ATOM   518  O  "O2'" . A   A 1 25 ? 7.049   4.163   -14.221 1.00 41.98  ? 26  A   A "O2'" 1 
ATOM   519  C  "C1'" . A   A 1 25 ? 7.772   2.675   -12.566 1.00 33.69  ? 26  A   A "C1'" 1 
ATOM   520  N  N9    . A   A 1 25 ? 7.550   1.326   -12.022 1.00 31.53  ? 26  A   A N9    1 
ATOM   521  C  C8    . A   A 1 25 ? 7.637   0.987   -10.697 1.00 33.64  ? 26  A   A C8    1 
ATOM   522  N  N7    . A   A 1 25 ? 7.391   -0.278  -10.464 1.00 32.98  ? 26  A   A N7    1 
ATOM   523  C  C5    . A   A 1 25 ? 7.133   -0.806  -11.720 1.00 29.73  ? 26  A   A C5    1 
ATOM   524  C  C6    . A   A 1 25 ? 6.828   -2.114  -12.133 1.00 31.84  ? 26  A   A C6    1 
ATOM   525  N  N6    . A   A 1 25 ? 6.712   -3.156  -11.283 1.00 29.71  ? 26  A   A N6    1 
ATOM   526  N  N1    . A   A 1 25 ? 6.637   -2.300  -13.466 1.00 32.07  ? 26  A   A N1    1 
ATOM   527  C  C2    . A   A 1 25 ? 6.759   -1.249  -14.285 1.00 27.07  ? 26  A   A C2    1 
ATOM   528  N  N3    . A   A 1 25 ? 7.039   0.014   -13.999 1.00 25.30  ? 26  A   A N3    1 
ATOM   529  C  C4    . A   A 1 25 ? 7.226   0.172   -12.692 1.00 27.55  ? 26  A   A C4    1 
ATOM   530  P  P     . G   A 1 26 ? 3.274   4.539   -12.301 1.00 49.93  ? 27  G   A P     1 
ATOM   531  O  OP1   . G   A 1 26 ? 2.586   5.809   -12.643 1.00 46.18  ? 27  G   A OP1   1 
ATOM   532  O  OP2   . G   A 1 26 ? 3.012   3.963   -10.940 1.00 34.06  ? 27  G   A OP2   1 
ATOM   533  O  "O5'" . G   A 1 26 ? 2.916   3.450   -13.419 1.00 41.92  ? 27  G   A "O5'" 1 
ATOM   534  C  "C5'" . G   A 1 26 ? 3.347   3.599   -14.767 1.00 35.69  ? 27  G   A "C5'" 1 
ATOM   535  C  "C4'" . G   A 1 26 ? 3.167   2.319   -15.555 1.00 35.15  ? 27  G   A "C4'" 1 
ATOM   536  O  "O4'" . G   A 1 26 ? 4.187   1.358   -15.178 1.00 33.92  ? 27  G   A "O4'" 1 
ATOM   537  C  "C3'" . G   A 1 26 ? 1.868   1.570   -15.317 1.00 39.97  ? 27  G   A "C3'" 1 
ATOM   538  O  "O3'" . G   A 1 26 ? 0.775   2.113   -16.022 1.00 41.67  ? 27  G   A "O3'" 1 
ATOM   539  C  "C2'" . G   A 1 26 ? 2.232   0.138   -15.715 1.00 37.42  ? 27  G   A "C2'" 1 
ATOM   540  O  "O2'" . G   A 1 26 ? 2.256   -0.017  -17.124 1.00 41.20  ? 27  G   A "O2'" 1 
ATOM   541  C  "C1'" . G   A 1 26 ? 3.656   0.047   -15.191 1.00 28.78  ? 27  G   A "C1'" 1 
ATOM   542  N  N9    . G   A 1 26 ? 3.656   -0.446  -13.811 1.00 31.17  ? 27  G   A N9    1 
ATOM   543  C  C8    . G   A 1 26 ? 3.830   0.292   -12.667 1.00 31.74  ? 27  G   A C8    1 
ATOM   544  N  N7    . G   A 1 26 ? 3.781   -0.424  -11.586 1.00 29.08  ? 27  G   A N7    1 
ATOM   545  C  C5    . G   A 1 26 ? 3.542   -1.683  -12.077 1.00 26.54  ? 27  G   A C5    1 
ATOM   546  C  C6    . G   A 1 26 ? 3.376   -2.858  -11.346 1.00 32.13  ? 27  G   A C6    1 
ATOM   547  O  O6    . G   A 1 26 ? 3.419   -2.889  -10.112 1.00 41.57  ? 27  G   A O6    1 
ATOM   548  N  N1    . G   A 1 26 ? 3.137   -3.975  -12.137 1.00 31.85  ? 27  G   A N1    1 
ATOM   549  C  C2    . G   A 1 26 ? 3.079   -3.939  -13.523 1.00 31.68  ? 27  G   A C2    1 
ATOM   550  N  N2    . G   A 1 26 ? 2.850   -5.106  -14.151 1.00 26.57  ? 27  G   A N2    1 
ATOM   551  N  N3    . G   A 1 26 ? 3.229   -2.821  -14.226 1.00 33.26  ? 27  G   A N3    1 
ATOM   552  C  C4    . G   A 1 26 ? 3.453   -1.739  -13.430 1.00 31.04  ? 27  G   A C4    1 
ATOM   553  P  P     . G   A 1 27 ? -0.722  1.845   -15.520 1.00 35.80  ? 28  G   A P     1 
ATOM   554  O  OP1   . G   A 1 27 ? -1.633  2.577   -16.428 1.00 38.79  ? 28  G   A OP1   1 
ATOM   555  O  OP2   . G   A 1 27 ? -0.809  2.177   -14.083 1.00 40.49  ? 28  G   A OP2   1 
ATOM   556  O  "O5'" . G   A 1 27 ? -0.877  0.272   -15.661 1.00 34.41  ? 28  G   A "O5'" 1 
ATOM   557  C  "C5'" . G   A 1 27 ? -1.047  -0.367  -16.914 1.00 35.37  ? 28  G   A "C5'" 1 
ATOM   558  C  "C4'" . G   A 1 27 ? -1.436  -1.821  -16.733 1.00 34.44  ? 28  G   A "C4'" 1 
ATOM   559  O  "O4'" . G   A 1 27 ? -0.334  -2.556  -16.132 1.00 30.46  ? 28  G   A "O4'" 1 
ATOM   560  C  "C3'" . G   A 1 27 ? -2.594  -2.088  -15.783 1.00 33.31  ? 28  G   A "C3'" 1 
ATOM   561  O  "O3'" . G   A 1 27 ? -3.862  -1.841  -16.346 1.00 39.46  ? 28  G   A "O3'" 1 
ATOM   562  C  "C2'" . G   A 1 27 ? -2.357  -3.540  -15.381 1.00 33.79  ? 28  G   A "C2'" 1 
ATOM   563  O  "O2'" . G   A 1 27 ? -2.749  -4.432  -16.411 1.00 37.12  ? 28  G   A "O2'" 1 
ATOM   564  C  "C1'" . G   A 1 27 ? -0.836  -3.566  -15.274 1.00 31.49  ? 28  G   A "C1'" 1 
ATOM   565  N  N9    . G   A 1 27 ? -0.417  -3.257  -13.899 1.00 30.63  ? 28  G   A N9    1 
ATOM   566  C  C8    . G   A 1 27 ? -0.008  -2.039  -13.435 1.00 28.75  ? 28  G   A C8    1 
ATOM   567  N  N7    . G   A 1 27 ? 0.260   -2.057  -12.172 1.00 27.30  ? 28  G   A N7    1 
ATOM   568  C  C5    . G   A 1 27 ? 0.010   -3.360  -11.782 1.00 28.47  ? 28  G   A C5    1 
ATOM   569  C  C6    . G   A 1 27 ? 0.146   -3.963  -10.510 1.00 31.65  ? 28  G   A C6    1 
ATOM   570  O  O6    . G   A 1 27 ? 0.539   -3.400  -9.479  1.00 34.72  ? 28  G   A O6    1 
ATOM   571  N  N1    . G   A 1 27 ? -0.218  -5.306  -10.515 1.00 29.16  ? 28  G   A N1    1 
ATOM   572  C  C2    . G   A 1 27 ? -0.646  -5.965  -11.653 1.00 32.62  ? 28  G   A C2    1 
ATOM   573  N  N2    . G   A 1 27 ? -0.970  -7.256  -11.511 1.00 32.59  ? 28  G   A N2    1 
ATOM   574  N  N3    . G   A 1 27 ? -0.766  -5.414  -12.851 1.00 29.24  ? 28  G   A N3    1 
ATOM   575  C  C4    . G   A 1 27 ? -0.427  -4.113  -12.834 1.00 30.17  ? 28  G   A C4    1 
ATOM   576  P  P     . G   A 1 28 ? -5.091  -1.388  -15.408 1.00 46.67  ? 29  G   A P     1 
ATOM   577  O  OP1   . G   A 1 28 ? -6.301  -1.361  -16.266 1.00 41.46  ? 29  G   A OP1   1 
ATOM   578  O  OP2   . G   A 1 28 ? -4.699  -0.213  -14.570 1.00 47.48  ? 29  G   A OP2   1 
ATOM   579  O  "O5'" . G   A 1 28 ? -5.249  -2.587  -14.379 1.00 35.54  ? 29  G   A "O5'" 1 
ATOM   580  C  "C5'" . G   A 1 28 ? -5.896  -3.764  -14.764 1.00 30.37  ? 29  G   A "C5'" 1 
ATOM   581  C  "C4'" . G   A 1 28 ? -5.828  -4.789  -13.678 1.00 32.34  ? 29  G   A "C4'" 1 
ATOM   582  O  "O4'" . G   A 1 28 ? -4.474  -4.915  -13.190 1.00 36.79  ? 29  G   A "O4'" 1 
ATOM   583  C  "C3'" . G   A 1 28 ? -6.605  -4.521  -12.419 1.00 32.82  ? 29  G   A "C3'" 1 
ATOM   584  O  "O3'" . G   A 1 28 ? -8.006  -4.663  -12.593 1.00 38.41  ? 29  G   A "O3'" 1 
ATOM   585  C  "C2'" . G   A 1 28 ? -5.971  -5.530  -11.472 1.00 29.43  ? 29  G   A "C2'" 1 
ATOM   586  O  "O2'" . G   A 1 28 ? -6.374  -6.846  -11.788 1.00 27.35  ? 29  G   A "O2'" 1 
ATOM   587  C  "C1'" . G   A 1 28 ? -4.505  -5.416  -11.876 1.00 29.38  ? 29  G   A "C1'" 1 
ATOM   588  N  N9    . G   A 1 28 ? -3.793  -4.490  -11.012 1.00 28.62  ? 29  G   A N9    1 
ATOM   589  C  C8    . G   A 1 28 ? -3.324  -3.250  -11.310 1.00 29.47  ? 29  G   A C8    1 
ATOM   590  N  N7    . G   A 1 28 ? -2.762  -2.715  -10.258 1.00 32.50  ? 29  G   A N7    1 
ATOM   591  C  C5    . G   A 1 28 ? -2.883  -3.661  -9.234  1.00 29.08  ? 29  G   A C5    1 
ATOM   592  C  C6    . G   A 1 28 ? -2.482  -3.661  -7.871  1.00 31.13  ? 29  G   A C6    1 
ATOM   593  O  O6    . G   A 1 28 ? -1.857  -2.801  -7.211  1.00 33.24  ? 29  G   A O6    1 
ATOM   594  N  N1    . G   A 1 28 ? -2.856  -4.838  -7.243  1.00 29.96  ? 29  G   A N1    1 
ATOM   595  C  C2    . G   A 1 28 ? -3.511  -5.882  -7.821  1.00 28.76  ? 29  G   A C2    1 
ATOM   596  N  N2    . G   A 1 28 ? -3.761  -6.948  -7.047  1.00 28.48  ? 29  G   A N2    1 
ATOM   597  N  N3    . G   A 1 28 ? -3.874  -5.889  -9.079  1.00 28.45  ? 29  G   A N3    1 
ATOM   598  C  C4    . G   A 1 28 ? -3.527  -4.761  -9.706  1.00 27.63  ? 29  G   A C4    1 
ATOM   599  P  P     . U   A 1 29 ? -9.036  -3.566  -12.016 1.00 35.18  ? 30  U   A P     1 
ATOM   600  O  OP1   . U   A 1 29 ? -10.310 -3.939  -12.629 1.00 38.88  ? 30  U   A OP1   1 
ATOM   601  O  OP2   . U   A 1 29 ? -8.545  -2.148  -12.076 1.00 29.48  ? 30  U   A OP2   1 
ATOM   602  O  "O5'" . U   A 1 29 ? -9.179  -3.982  -10.495 1.00 33.21  ? 30  U   A "O5'" 1 
ATOM   603  C  "C5'" . U   A 1 29 ? -9.406  -5.329  -10.150 1.00 30.03  ? 30  U   A "C5'" 1 
ATOM   604  C  "C4'" . U   A 1 29 ? -8.902  -5.641  -8.765  1.00 29.03  ? 30  U   A "C4'" 1 
ATOM   605  O  "O4'" . U   A 1 29 ? -7.470  -5.500  -8.704  1.00 28.66  ? 30  U   A "O4'" 1 
ATOM   606  C  "C3'" . U   A 1 29 ? -9.387  -4.765  -7.630  1.00 28.30  ? 30  U   A "C3'" 1 
ATOM   607  O  "O3'" . U   A 1 29 ? -10.690 -5.111  -7.222  1.00 32.07  ? 30  U   A "O3'" 1 
ATOM   608  C  "C2'" . U   A 1 29 ? -8.374  -5.074  -6.565  1.00 29.75  ? 30  U   A "C2'" 1 
ATOM   609  O  "O2'" . U   A 1 29 ? -8.666  -6.371  -6.084  1.00 26.59  ? 30  U   A "O2'" 1 
ATOM   610  C  "C1'" . U   A 1 29 ? -7.095  -5.148  -7.394  1.00 27.33  ? 30  U   A "C1'" 1 
ATOM   611  N  N1    . U   A 1 29 ? -6.376  -3.857  -7.453  1.00 29.68  ? 30  U   A N1    1 
ATOM   612  C  C2    . U   A 1 29 ? -5.591  -3.482  -6.369  1.00 31.66  ? 30  U   A C2    1 
ATOM   613  O  O2    . U   A 1 29 ? -5.525  -4.197  -5.375  1.00 30.14  ? 30  U   A O2    1 
ATOM   614  N  N3    . U   A 1 29 ? -4.914  -2.263  -6.488  1.00 28.76  ? 30  U   A N3    1 
ATOM   615  C  C4    . U   A 1 29 ? -4.956  -1.397  -7.573  1.00 28.57  ? 30  U   A C4    1 
ATOM   616  O  O4    . U   A 1 29 ? -4.329  -0.302  -7.590  1.00 34.31  ? 30  U   A O4    1 
ATOM   617  C  C5    . U   A 1 29 ? -5.783  -1.891  -8.633  1.00 26.54  ? 30  U   A C5    1 
ATOM   618  C  C6    . U   A 1 29 ? -6.444  -3.053  -8.563  1.00 27.08  ? 30  U   A C6    1 
ATOM   619  P  P     . C   A 1 30 ? -11.666 -4.074  -6.462  1.00 34.78  ? 31  C   A P     1 
ATOM   620  O  OP1   . C   A 1 30 ? -11.148 -3.665  -5.119  1.00 34.02  ? 31  C   A OP1   1 
ATOM   621  O  OP2   . C   A 1 30 ? -12.975 -4.783  -6.537  1.00 38.60  ? 31  C   A OP2   1 
ATOM   622  O  "O5'" . C   A 1 30 ? -11.749 -2.836  -7.450  1.00 29.24  ? 31  C   A "O5'" 1 
ATOM   623  C  "C5'" . C   A 1 30 ? -11.845 -3.020  -8.856  1.00 27.05  ? 31  C   A "C5'" 1 
ATOM   624  C  "C4'" . C   A 1 30 ? -12.444 -1.806  -9.470  1.00 26.30  ? 31  C   A "C4'" 1 
ATOM   625  O  "O4'" . C   A 1 30 ? -13.792 -1.695  -8.954  1.00 26.02  ? 31  C   A "O4'" 1 
ATOM   626  C  "C3'" . C   A 1 30 ? -11.795 -0.509  -9.023  1.00 31.00  ? 31  C   A "C3'" 1 
ATOM   627  O  "O3'" . C   A 1 30 ? -10.577 -0.159  -9.658  1.00 34.51  ? 31  C   A "O3'" 1 
ATOM   628  C  "C2'" . C   A 1 30 ? -12.914 0.493   -9.196  1.00 32.18  ? 31  C   A "C2'" 1 
ATOM   629  O  "O2'" . C   A 1 30 ? -13.112 0.768   -10.557 1.00 30.46  ? 31  C   A "O2'" 1 
ATOM   630  C  "C1'" . C   A 1 30 ? -14.104 -0.333  -8.722  1.00 31.61  ? 31  C   A "C1'" 1 
ATOM   631  N  N1    . C   A 1 30 ? -14.420 -0.080  -7.288  1.00 27.51  ? 31  C   A N1    1 
ATOM   632  C  C2    . C   A 1 30 ? -14.958 1.188   -6.986  1.00 31.71  ? 31  C   A C2    1 
ATOM   633  O  O2    . C   A 1 30 ? -15.137 2.002   -7.899  1.00 36.60  ? 31  C   A O2    1 
ATOM   634  N  N3    . C   A 1 30 ? -15.286 1.545   -5.721  1.00 33.56  ? 31  C   A N3    1 
ATOM   635  C  C4    . C   A 1 30 ? -15.090 0.685   -4.741  1.00 31.64  ? 31  C   A C4    1 
ATOM   636  N  N4    . C   A 1 30 ? -15.423 1.118   -3.534  1.00 29.88  ? 31  C   A N4    1 
ATOM   637  C  C5    . C   A 1 30 ? -14.553 -0.615  -4.992  1.00 30.87  ? 31  C   A C5    1 
ATOM   638  C  C6    . C   A 1 30 ? -14.226 -0.959  -6.269  1.00 28.80  ? 31  C   A C6    1 
ATOM   639  P  P     . C   A 1 31 ? -9.595  0.762   -8.811  1.00 31.23  ? 32  C   A P     1 
ATOM   640  O  OP1   . C   A 1 31 ? -8.337  1.047   -9.530  1.00 33.07  ? 32  C   A OP1   1 
ATOM   641  O  OP2   . C   A 1 31 ? -9.616  0.116   -7.485  1.00 32.33  ? 32  C   A OP2   1 
ATOM   642  O  "O5'" . C   A 1 31 ? -10.345 2.165   -8.774  1.00 34.51  ? 32  C   A "O5'" 1 
ATOM   643  C  "C5'" . C   A 1 31 ? -10.435 2.950   -9.946  1.00 29.45  ? 32  C   A "C5'" 1 
ATOM   644  C  "C4'" . C   A 1 31 ? -10.753 4.387   -9.622  1.00 30.33  ? 32  C   A "C4'" 1 
ATOM   645  O  "O4'" . C   A 1 31 ? -12.101 4.478   -9.099  1.00 35.79  ? 32  C   A "O4'" 1 
ATOM   646  C  "C3'" . C   A 1 31 ? -9.908  5.061   -8.550  1.00 27.94  ? 32  C   A "C3'" 1 
ATOM   647  O  "O3'" . C   A 1 31 ? -8.669  5.533   -9.032  1.00 31.34  ? 32  C   A "O3'" 1 
ATOM   648  C  "C2'" . C   A 1 31 ? -10.816 6.195   -8.112  1.00 30.24  ? 32  C   A "C2'" 1 
ATOM   649  O  "O2'" . C   A 1 31 ? -10.815 7.217   -9.089  1.00 31.64  ? 32  C   A "O2'" 1 
ATOM   650  C  "C1'" . C   A 1 31 ? -12.176 5.519   -8.152  1.00 30.54  ? 32  C   A "C1'" 1 
ATOM   651  N  N1    . C   A 1 31 ? -12.500 4.940   -6.845  1.00 27.68  ? 32  C   A N1    1 
ATOM   652  C  C2    . C   A 1 31 ? -13.040 5.787   -5.910  1.00 33.00  ? 32  C   A C2    1 
ATOM   653  O  O2    . C   A 1 31 ? -13.229 6.970   -6.241  1.00 32.60  ? 32  C   A O2    1 
ATOM   654  N  N3    . C   A 1 31 ? -13.339 5.294   -4.687  1.00 34.13  ? 32  C   A N3    1 
ATOM   655  C  C4    . C   A 1 31 ? -13.098 4.009   -4.436  1.00 31.14  ? 32  C   A C4    1 
ATOM   656  N  N4    . C   A 1 31 ? -13.380 3.532   -3.237  1.00 30.67  ? 32  C   A N4    1 
ATOM   657  C  C5    . C   A 1 31 ? -12.543 3.134   -5.389  1.00 30.57  ? 32  C   A C5    1 
ATOM   658  C  C6    . C   A 1 31 ? -12.263 3.642   -6.576  1.00 30.18  ? 32  C   A C6    1 
ATOM   659  P  P     . U   A 1 32 ? -7.391  5.657   -8.069  1.00 35.02  ? 33  U   A P     1 
ATOM   660  O  OP1   . U   A 1 32 ? -6.249  6.111   -8.901  1.00 31.63  ? 33  U   A OP1   1 
ATOM   661  O  OP2   . U   A 1 32 ? -7.328  4.368   -7.337  1.00 29.89  ? 33  U   A OP2   1 
ATOM   662  O  "O5'" . U   A 1 32 ? -7.695  6.914   -7.132  1.00 30.64  ? 33  U   A "O5'" 1 
ATOM   663  C  "C5'" . U   A 1 32 ? -8.027  8.171   -7.697  1.00 24.08  ? 33  U   A "C5'" 1 
ATOM   664  C  "C4'" . U   A 1 32 ? -8.455  9.144   -6.642  1.00 27.27  ? 33  U   A "C4'" 1 
ATOM   665  O  "O4'" . U   A 1 32 ? -9.774  8.830   -6.133  1.00 30.28  ? 33  U   A "O4'" 1 
ATOM   666  C  "C3'" . U   A 1 32 ? -7.596  9.193   -5.405  1.00 25.03  ? 33  U   A "C3'" 1 
ATOM   667  O  "O3'" . U   A 1 32 ? -6.450  9.947   -5.675  1.00 22.10  ? 33  U   A "O3'" 1 
ATOM   668  C  "C2'" . U   A 1 32 ? -8.534  9.855   -4.404  1.00 26.16  ? 33  U   A "C2'" 1 
ATOM   669  O  "O2'" . U   A 1 32 ? -8.642  11.232  -4.703  1.00 31.65  ? 33  U   A "O2'" 1 
ATOM   670  C  "C1'" . U   A 1 32 ? -9.870  9.227   -4.781  1.00 26.66  ? 33  U   A "C1'" 1 
ATOM   671  N  N1    . U   A 1 32 ? -10.167 8.051   -3.932  1.00 31.78  ? 33  U   A N1    1 
ATOM   672  C  C2    . U   A 1 32 ? -10.950 8.213   -2.796  1.00 27.62  ? 33  U   A C2    1 
ATOM   673  O  O2    . U   A 1 32 ? -11.440 9.251   -2.463  1.00 26.84  ? 33  U   A O2    1 
ATOM   674  N  N3    . U   A 1 32 ? -11.156 7.097   -2.032  1.00 31.09  ? 33  U   A N3    1 
ATOM   675  C  C4    . U   A 1 32 ? -10.678 5.829   -2.276  1.00 29.22  ? 33  U   A C4    1 
ATOM   676  O  O4    . U   A 1 32 ? -10.962 4.912   -1.505  1.00 28.10  ? 33  U   A O4    1 
ATOM   677  C  C5    . U   A 1 32 ? -9.889  5.728   -3.465  1.00 29.84  ? 33  U   A C5    1 
ATOM   678  C  C6    . U   A 1 32 ? -9.656  6.799   -4.235  1.00 30.78  ? 33  U   A C6    1 
ATOM   679  P  P     . A   A 1 33 ? -5.125  9.865   -4.789  1.00 32.67  ? 34  A   A P     1 
ATOM   680  O  OP1   . A   A 1 33 ? -5.382  10.477  -3.447  1.00 31.48  ? 34  A   A OP1   1 
ATOM   681  O  OP2   . A   A 1 33 ? -4.080  10.538  -5.618  1.00 30.83  ? 34  A   A OP2   1 
ATOM   682  O  "O5'" . A   A 1 33 ? -4.824  8.310   -4.702  1.00 24.84  ? 34  A   A "O5'" 1 
ATOM   683  C  "C5'" . A   A 1 33 ? -3.568  7.808   -4.273  1.00 22.17  ? 34  A   A "C5'" 1 
ATOM   684  C  "C4'" . A   A 1 33 ? -3.661  6.357   -3.854  1.00 27.98  ? 34  A   A "C4'" 1 
ATOM   685  O  "O4'" . A   A 1 33 ? -4.382  6.259   -2.596  1.00 26.86  ? 34  A   A "O4'" 1 
ATOM   686  C  "C3'" . A   A 1 33 ? -4.397  5.451   -4.820  1.00 28.59  ? 34  A   A "C3'" 1 
ATOM   687  O  "O3'" . A   A 1 33 ? -3.944  4.113   -4.637  1.00 34.52  ? 34  A   A "O3'" 1 
ATOM   688  C  "C2'" . A   A 1 33 ? -5.822  5.521   -4.295  1.00 27.03  ? 34  A   A "C2'" 1 
ATOM   689  O  "O2'" . A   A 1 33 ? -6.600  4.417   -4.656  1.00 31.01  ? 34  A   A "O2'" 1 
ATOM   690  C  "C1'" . A   A 1 33 ? -5.592  5.549   -2.793  1.00 28.52  ? 34  A   A "C1'" 1 
ATOM   691  N  N9    . A   A 1 33 ? -6.616  6.260   -2.019  1.00 31.15  ? 34  A   A N9    1 
ATOM   692  C  C8    . A   A 1 33 ? -7.055  7.552   -2.162  1.00 30.29  ? 34  A   A C8    1 
ATOM   693  N  N7    . A   A 1 33 ? -7.939  7.917   -1.259  1.00 31.97  ? 34  A   A N7    1 
ATOM   694  C  C5    . A   A 1 33 ? -8.093  6.792   -0.454  1.00 32.15  ? 34  A   A C5    1 
ATOM   695  C  C6    . A   A 1 33 ? -8.876  6.502   0.693   1.00 29.82  ? 34  A   A C6    1 
ATOM   696  N  N6    . A   A 1 33 ? -9.718  7.331   1.299   1.00 28.19  ? 34  A   A N6    1 
ATOM   697  N  N1    . A   A 1 33 ? -8.763  5.287   1.250   1.00 30.15  ? 34  A   A N1    1 
ATOM   698  C  C2    . A   A 1 33 ? -7.931  4.418   0.674   1.00 31.74  ? 34  A   A C2    1 
ATOM   699  N  N3    . A   A 1 33 ? -7.143  4.563   -0.388  1.00 31.35  ? 34  A   A N3    1 
ATOM   700  C  C4    . A   A 1 33 ? -7.270  5.783   -0.913  1.00 31.07  ? 34  A   A C4    1 
ATOM   701  P  P     . A   A 1 34 ? -2.698  3.501   -5.447  1.00 35.85  ? 35  A   A P     1 
ATOM   702  O  OP1   . A   A 1 34 ? -1.834  4.655   -5.798  1.00 34.36  ? 35  A   A OP1   1 
ATOM   703  O  OP2   . A   A 1 34 ? -3.165  2.522   -6.514  1.00 30.97  ? 35  A   A OP2   1 
ATOM   704  O  "O5'" . A   A 1 34 ? -1.948  2.666   -4.314  1.00 29.41  ? 35  A   A "O5'" 1 
ATOM   705  C  "C5'" . A   A 1 34 ? -1.250  3.309   -3.254  1.00 30.58  ? 35  A   A "C5'" 1 
ATOM   706  C  "C4'" . A   A 1 34 ? -0.292  2.354   -2.588  1.00 32.31  ? 35  A   A "C4'" 1 
ATOM   707  O  "O4'" . A   A 1 34 ? -1.051  1.183   -2.202  1.00 30.75  ? 35  A   A "O4'" 1 
ATOM   708  C  "C3'" . A   A 1 34 ? 0.847   1.840   -3.479  1.00 30.84  ? 35  A   A "C3'" 1 
ATOM   709  O  "O3'" . A   A 1 34 ? 1.944   1.426   -2.678  1.00 28.93  ? 35  A   A "O3'" 1 
ATOM   710  C  "C2'" . A   A 1 34 ? 0.258   0.569   -4.056  1.00 30.97  ? 35  A   A "C2'" 1 
ATOM   711  O  "O2'" . A   A 1 34 ? 1.260   -0.321  -4.497  1.00 29.09  ? 35  A   A "O2'" 1 
ATOM   712  C  "C1'" . A   A 1 34 ? -0.518  0.040   -2.843  1.00 29.78  ? 35  A   A "C1'" 1 
ATOM   713  N  N9    . A   A 1 34 ? -1.621  -0.892  -3.122  1.00 26.27  ? 35  A   A N9    1 
ATOM   714  C  C8    . A   A 1 34 ? -2.479  -0.942  -4.182  1.00 29.42  ? 35  A   A C8    1 
ATOM   715  N  N7    . A   A 1 34 ? -3.350  -1.928  -4.128  1.00 29.55  ? 35  A   A N7    1 
ATOM   716  C  C5    . A   A 1 34 ? -3.060  -2.565  -2.924  1.00 29.96  ? 35  A   A C5    1 
ATOM   717  C  C6    . A   A 1 34 ? -3.623  -3.674  -2.244  1.00 28.04  ? 35  A   A C6    1 
ATOM   718  N  N6    . A   A 1 34 ? -4.631  -4.404  -2.689  1.00 26.36  ? 35  A   A N6    1 
ATOM   719  N  N1    . A   A 1 34 ? -3.098  -4.048  -1.070  1.00 29.02  ? 35  A   A N1    1 
ATOM   720  C  C2    . A   A 1 34 ? -2.069  -3.347  -0.586  1.00 29.31  ? 35  A   A C2    1 
ATOM   721  N  N3    . A   A 1 34 ? -1.462  -2.292  -1.127  1.00 30.13  ? 35  A   A N3    1 
ATOM   722  C  C4    . A   A 1 34 ? -1.998  -1.941  -2.309  1.00 27.25  ? 35  A   A C4    1 
ATOM   723  P  P     . G   A 1 35 ? 3.291   2.276   -2.590  1.00 29.21  ? 36  G   A P     1 
ATOM   724  O  OP1   . G   A 1 35 ? 3.556   2.491   -1.156  1.00 32.61  ? 36  G   A OP1   1 
ATOM   725  O  OP2   . G   A 1 35 ? 3.209   3.399   -3.546  1.00 33.39  ? 36  G   A OP2   1 
ATOM   726  O  "O5'" . G   A 1 35 ? 4.455   1.270   -3.000  1.00 31.73  ? 36  G   A "O5'" 1 
ATOM   727  C  "C5'" . G   A 1 35 ? 4.559   0.734   -4.315  1.00 33.12  ? 36  G   A "C5'" 1 
ATOM   728  C  "C4'" . G   A 1 35 ? 5.608   -0.344  -4.377  1.00 29.17  ? 36  G   A "C4'" 1 
ATOM   729  O  "O4'" . G   A 1 35 ? 6.880   0.197   -3.943  1.00 32.01  ? 36  G   A "O4'" 1 
ATOM   730  C  "C3'" . G   A 1 35 ? 5.357   -1.520  -3.459  1.00 31.77  ? 36  G   A "C3'" 1 
ATOM   731  O  "O3'" . G   A 1 35 ? 4.600   -2.503  -4.120  1.00 38.88  ? 36  G   A "O3'" 1 
ATOM   732  C  "C2'" . G   A 1 35 ? 6.755   -2.023  -3.144  1.00 30.22  ? 36  G   A "C2'" 1 
ATOM   733  O  "O2'" . G   A 1 35 ? 7.217   -2.847  -4.201  1.00 27.84  ? 36  G   A "O2'" 1 
ATOM   734  C  "C1'" . G   A 1 35 ? 7.566   -0.743  -3.167  1.00 30.44  ? 36  G   A "C1'" 1 
ATOM   735  N  N9    . G   A 1 35 ? 7.803   -0.165  -1.840  1.00 30.61  ? 36  G   A N9    1 
ATOM   736  C  C8    . G   A 1 35 ? 7.689   1.165   -1.599  1.00 32.93  ? 36  G   A C8    1 
ATOM   737  N  N7    . G   A 1 35 ? 7.991   1.483   -0.374  1.00 32.80  ? 36  G   A N7    1 
ATOM   738  C  C5    . G   A 1 35 ? 8.340   0.286   0.210   1.00 27.42  ? 36  G   A C5    1 
ATOM   739  C  C6    . G   A 1 35 ? 8.772   0.031   1.514   1.00 32.60  ? 36  G   A C6    1 
ATOM   740  O  O6    . G   A 1 35 ? 8.930   0.830   2.440   1.00 40.08  ? 36  G   A O6    1 
ATOM   741  N  N1    . G   A 1 35 ? 9.038   -1.301  1.726   1.00 31.99  ? 36  G   A N1    1 
ATOM   742  C  C2    . G   A 1 35 ? 8.919   -2.267  0.793   1.00 29.54  ? 36  G   A C2    1 
ATOM   743  N  N2    . G   A 1 35 ? 9.236   -3.487  1.217   1.00 29.95  ? 36  G   A N2    1 
ATOM   744  N  N3    . G   A 1 35 ? 8.526   -2.040  -0.442  1.00 31.64  ? 36  G   A N3    1 
ATOM   745  C  C4    . G   A 1 35 ? 8.246   -0.744  -0.671  1.00 29.40  ? 36  G   A C4    1 
ATOM   746  P  P     . C   A 1 36 ? 3.160   -2.956  -3.608  1.00 33.17  ? 37  C   A P     1 
ATOM   747  O  OP1   . C   A 1 36 ? 2.573   -3.679  -4.761  1.00 34.20  ? 37  C   A OP1   1 
ATOM   748  O  OP2   . C   A 1 36 ? 2.533   -1.735  -3.025  1.00 32.43  ? 37  C   A OP2   1 
ATOM   749  O  "O5'" . C   A 1 36 ? 3.446   -4.032  -2.472  1.00 28.74  ? 37  C   A "O5'" 1 
ATOM   750  C  "C5'" . C   A 1 36 ? 4.224   -5.190  -2.697  1.00 27.87  ? 37  C   A "C5'" 1 
ATOM   751  C  "C4'" . C   A 1 36 ? 4.692   -5.782  -1.387  1.00 31.70  ? 37  C   A "C4'" 1 
ATOM   752  O  "O4'" . C   A 1 36 ? 5.762   -4.984  -0.819  1.00 31.73  ? 37  C   A "O4'" 1 
ATOM   753  C  "C3'" . C   A 1 36 ? 3.669   -5.853  -0.267  1.00 30.85  ? 37  C   A "C3'" 1 
ATOM   754  O  "O3'" . C   A 1 36 ? 2.794   -6.948  -0.413  1.00 35.07  ? 37  C   A "O3'" 1 
ATOM   755  C  "C2'" . C   A 1 36 ? 4.537   -5.943  0.981   1.00 31.21  ? 37  C   A "C2'" 1 
ATOM   756  O  "O2'" . C   A 1 36 ? 4.998   -7.268  1.178   1.00 33.70  ? 37  C   A "O2'" 1 
ATOM   757  C  "C1'" . C   A 1 36 ? 5.740   -5.091  0.585   1.00 30.35  ? 37  C   A "C1'" 1 
ATOM   758  N  N1    . C   A 1 36 ? 5.709   -3.749  1.187   1.00 30.44  ? 37  C   A N1    1 
ATOM   759  C  C2    . C   A 1 36 ? 6.122   -3.673  2.506   1.00 32.30  ? 37  C   A C2    1 
ATOM   760  O  O2    . C   A 1 36 ? 6.464   -4.714  3.076   1.00 35.19  ? 37  C   A O2    1 
ATOM   761  N  N3    . C   A 1 36 ? 6.162   -2.494  3.132   1.00 30.72  ? 37  C   A N3    1 
ATOM   762  C  C4    . C   A 1 36 ? 5.789   -1.412  2.477   1.00 32.49  ? 37  C   A C4    1 
ATOM   763  N  N4    . C   A 1 36 ? 5.846   -0.258  3.145   1.00 36.35  ? 37  C   A N4    1 
ATOM   764  C  C5    . C   A 1 36 ? 5.355   -1.457  1.123   1.00 28.82  ? 37  C   A C5    1 
ATOM   765  C  C6    . C   A 1 36 ? 5.338   -2.636  0.505   1.00 29.38  ? 37  C   A C6    1 
ATOM   766  P  P     . C   A 1 37 ? 1.821   -7.403  0.783   1.00 36.88  ? 38  C   A P     1 
ATOM   767  O  OP1   . C   A 1 37 ? 1.234   -6.222  1.469   1.00 39.26  ? 38  C   A OP1   1 
ATOM   768  O  OP2   . C   A 1 37 ? 2.569   -8.366  1.640   1.00 34.61  ? 38  C   A OP2   1 
ATOM   769  O  "O5'" . C   A 1 37 ? 0.671   -8.156  -0.020  1.00 33.50  ? 38  C   A "O5'" 1 
ATOM   770  C  "C5'" . C   A 1 37 ? -0.429  -8.772  0.630   1.00 36.05  ? 38  C   A "C5'" 1 
ATOM   771  C  "C4'" . C   A 1 37 ? -1.487  -9.172  -0.371  1.00 30.84  ? 38  C   A "C4'" 1 
ATOM   772  O  "O4'" . C   A 1 37 ? -2.241  -7.997  -0.759  1.00 31.26  ? 38  C   A "O4'" 1 
ATOM   773  C  "C3'" . C   A 1 37 ? -0.961  -9.728  -1.679  1.00 27.93  ? 38  C   A "C3'" 1 
ATOM   774  O  "O3'" . C   A 1 37 ? -0.665  -11.101 -1.590  1.00 26.93  ? 38  C   A "O3'" 1 
ATOM   775  C  "C2'" . C   A 1 37 ? -2.080  -9.396  -2.657  1.00 35.03  ? 38  C   A "C2'" 1 
ATOM   776  O  "O2'" . C   A 1 37 ? -3.159  -10.311 -2.526  1.00 40.63  ? 38  C   A "O2'" 1 
ATOM   777  C  "C1'" . C   A 1 37 ? -2.563  -8.054  -2.125  1.00 28.98  ? 38  C   A "C1'" 1 
ATOM   778  N  N1    . C   A 1 37 ? -1.937  -6.895  -2.793  1.00 29.24  ? 38  C   A N1    1 
ATOM   779  C  C2    . C   A 1 37 ? -2.456  -6.476  -4.009  1.00 28.16  ? 38  C   A C2    1 
ATOM   780  O  O2    . C   A 1 37 ? -3.366  -7.124  -4.479  1.00 28.79  ? 38  C   A O2    1 
ATOM   781  N  N3    . C   A 1 37 ? -1.948  -5.399  -4.650  1.00 30.53  ? 38  C   A N3    1 
ATOM   782  C  C4    . C   A 1 37 ? -0.922  -4.735  -4.098  1.00 32.71  ? 38  C   A C4    1 
ATOM   783  N  N4    . C   A 1 37 ? -0.436  -3.690  -4.766  1.00 31.88  ? 38  C   A N4    1 
ATOM   784  C  C5    . C   A 1 37 ? -0.358  -5.120  -2.837  1.00 31.26  ? 38  C   A C5    1 
ATOM   785  C  C6    . C   A 1 37 ? -0.897  -6.195  -2.212  1.00 31.93  ? 38  C   A C6    1 
ATOM   786  P  P     . C   A 1 38 ? 0.441   -11.794 -2.531  1.00 40.60  ? 39  C   A P     1 
ATOM   787  O  OP1   . C   A 1 38 ? 0.363   -13.254 -2.313  1.00 35.74  ? 39  C   A OP1   1 
ATOM   788  O  OP2   . C   A 1 38 ? 1.751   -11.100 -2.422  1.00 34.41  ? 39  C   A OP2   1 
ATOM   789  O  "O5'" . C   A 1 38 ? -0.093  -11.550 -4.015  1.00 38.35  ? 39  C   A "O5'" 1 
ATOM   790  C  "C5'" . C   A 1 38 ? -0.746  -12.582 -4.724  1.00 30.89  ? 39  C   A "C5'" 1 
ATOM   791  C  "C4'" . C   A 1 38 ? -0.992  -12.224 -6.174  1.00 34.22  ? 39  C   A "C4'" 1 
ATOM   792  O  "O4'" . C   A 1 38 ? -1.739  -10.982 -6.311  1.00 32.58  ? 39  C   A "O4'" 1 
ATOM   793  C  "C3'" . C   A 1 38 ? 0.225   -11.982 -7.033  1.00 37.87  ? 39  C   A "C3'" 1 
ATOM   794  O  "O3'" . C   A 1 38 ? 0.934   -13.158 -7.360  1.00 38.08  ? 39  C   A "O3'" 1 
ATOM   795  C  "C2'" . C   A 1 38 ? -0.380  -11.281 -8.235  1.00 35.06  ? 39  C   A "C2'" 1 
ATOM   796  O  "O2'" . C   A 1 38 ? -1.018  -12.225 -9.077  1.00 36.08  ? 39  C   A "O2'" 1 
ATOM   797  C  "C1'" . C   A 1 38 ? -1.437  -10.395 -7.558  1.00 32.31  ? 39  C   A "C1'" 1 
ATOM   798  N  N1    . C   A 1 38 ? -0.877  -9.051  -7.330  1.00 34.43  ? 39  C   A N1    1 
ATOM   799  C  C2    . C   A 1 38 ? -0.764  -8.178  -8.438  1.00 35.22  ? 39  C   A C2    1 
ATOM   800  O  O2    . C   A 1 38 ? -1.204  -8.517  -9.561  1.00 31.74  ? 39  C   A O2    1 
ATOM   801  N  N3    . C   A 1 38 ? -0.191  -6.960  -8.261  1.00 32.35  ? 39  C   A N3    1 
ATOM   802  C  C4    . C   A 1 38 ? 0.246   -6.620  -7.050  1.00 31.95  ? 39  C   A C4    1 
ATOM   803  N  N4    . C   A 1 38 ? 0.774   -5.406  -6.927  1.00 34.30  ? 39  C   A N4    1 
ATOM   804  C  C5    . C   A 1 38 ? 0.172   -7.493  -5.922  1.00 32.66  ? 39  C   A C5    1 
ATOM   805  C  C6    . C   A 1 38 ? -0.388  -8.702  -6.107  1.00 33.89  ? 39  C   A C6    1 
ATOM   806  P  P     . C   A 1 39 ? 2.535   -13.118 -7.358  1.00 33.66  ? 40  C   A P     1 
ATOM   807  O  OP1   . C   A 1 39 ? 2.991   -14.533 -7.365  1.00 42.48  ? 40  C   A OP1   1 
ATOM   808  O  OP2   . C   A 1 39 ? 2.995   -12.255 -6.242  1.00 30.57  ? 40  C   A OP2   1 
ATOM   809  O  "O5'" . C   A 1 39 ? 2.862   -12.536 -8.795  1.00 33.88  ? 40  C   A "O5'" 1 
ATOM   810  C  "C5'" . C   A 1 39 ? 2.247   -13.147 -9.904  1.00 33.35  ? 40  C   A "C5'" 1 
ATOM   811  C  "C4'" . C   A 1 39 ? 2.303   -12.292 -11.135 1.00 33.97  ? 40  C   A "C4'" 1 
ATOM   812  O  "O4'" . C   A 1 39 ? 1.500   -11.095 -10.992 1.00 36.38  ? 40  C   A "O4'" 1 
ATOM   813  C  "C3'" . C   A 1 39 ? 3.656   -11.770 -11.540 1.00 33.54  ? 40  C   A "C3'" 1 
ATOM   814  O  "O3'" . C   A 1 39 ? 4.452   -12.790 -12.139 1.00 41.65  ? 40  C   A "O3'" 1 
ATOM   815  C  "C2'" . C   A 1 39 ? 3.269   -10.658 -12.502 1.00 33.00  ? 40  C   A "C2'" 1 
ATOM   816  O  "O2'" . C   A 1 39 ? 2.879   -11.222 -13.738 1.00 35.84  ? 40  C   A "O2'" 1 
ATOM   817  C  "C1'" . C   A 1 39 ? 2.018   -10.081 -11.820 1.00 31.62  ? 40  C   A "C1'" 1 
ATOM   818  N  N1    . C   A 1 39 ? 2.355   -8.892  -10.996 1.00 33.86  ? 40  C   A N1    1 
ATOM   819  C  C2    . C   A 1 39 ? 2.464   -7.673  -11.645 1.00 32.66  ? 40  C   A C2    1 
ATOM   820  O  O2    . C   A 1 39 ? 2.214   -7.621  -12.851 1.00 33.84  ? 40  C   A O2    1 
ATOM   821  N  N3    . C   A 1 39 ? 2.824   -6.571  -10.947 1.00 33.83  ? 40  C   A N3    1 
ATOM   822  C  C4    . C   A 1 39 ? 3.082   -6.641  -9.649  1.00 32.21  ? 40  C   A C4    1 
ATOM   823  N  N4    . C   A 1 39 ? 3.423   -5.504  -9.050  1.00 29.66  ? 40  C   A N4    1 
ATOM   824  C  C5    . C   A 1 39 ? 3.000   -7.873  -8.936  1.00 30.66  ? 40  C   A C5    1 
ATOM   825  C  C6    . C   A 1 39 ? 2.646   -8.957  -9.647  1.00 34.46  ? 40  C   A C6    1 
ATOM   826  P  P     . U   A 1 40 ? 6.053   -12.776 -12.019 1.00 37.56  ? 41  U   A P     1 
ATOM   827  O  OP1   . U   A 1 40 ? 6.416   -11.443 -12.589 1.00 39.53  ? 41  U   A OP1   1 
ATOM   828  O  OP2   . U   A 1 40 ? 6.632   -14.026 -12.644 1.00 41.50  ? 41  U   A OP2   1 
ATOM   829  O  "O5'" . U   A 1 40 ? 6.305   -12.729 -10.440 1.00 32.46  ? 41  U   A "O5'" 1 
ATOM   830  C  "C5'" . U   A 1 40 ? 7.602   -12.782 -9.863  1.00 31.28  ? 41  U   A "C5'" 1 
ATOM   831  C  "C4'" . U   A 1 40 ? 7.658   -12.097 -8.513  1.00 36.03  ? 41  U   A "C4'" 1 
ATOM   832  O  "O4'" . U   A 1 40 ? 7.856   -10.670 -8.705  1.00 39.00  ? 41  U   A "O4'" 1 
ATOM   833  C  "C3'" . U   A 1 40 ? 6.418   -12.226 -7.635  1.00 37.53  ? 41  U   A "C3'" 1 
ATOM   834  O  "O3'" . U   A 1 40 ? 6.804   -12.101 -6.259  1.00 38.00  ? 41  U   A "O3'" 1 
ATOM   835  C  "C2'" . U   A 1 40 ? 5.613   -10.985 -8.035  1.00 36.72  ? 41  U   A "C2'" 1 
ATOM   836  O  "O2'" . U   A 1 40 ? 4.695   -10.572 -7.051  1.00 36.48  ? 41  U   A "O2'" 1 
ATOM   837  C  "C1'" . U   A 1 40 ? 6.722   -9.948  -8.234  1.00 33.64  ? 41  U   A "C1'" 1 
ATOM   838  N  N1    . U   A 1 40 ? 6.459   -8.890  -9.237  1.00 34.80  ? 41  U   A N1    1 
ATOM   839  C  C2    . U   A 1 40 ? 6.679   -7.558  -8.881  1.00 31.95  ? 41  U   A C2    1 
ATOM   840  O  O2    . U   A 1 40 ? 7.010   -7.218  -7.774  1.00 31.69  ? 41  U   A O2    1 
ATOM   841  N  N3    . U   A 1 40 ? 6.488   -6.604  -9.849  1.00 31.23  ? 41  U   A N3    1 
ATOM   842  C  C4    . U   A 1 40 ? 6.106   -6.833  -11.153 1.00 33.32  ? 41  U   A C4    1 
ATOM   843  O  O4    . U   A 1 40 ? 5.985   -5.862  -11.912 1.00 32.97  ? 41  U   A O4    1 
ATOM   844  C  C5    . U   A 1 40 ? 5.911   -8.224  -11.477 1.00 30.39  ? 41  U   A C5    1 
ATOM   845  C  C6    . U   A 1 40 ? 6.107   -9.180  -10.548 1.00 33.66  ? 41  U   A C6    1 
ATOM   846  P  P     . A   A 1 41 ? 7.412   -13.331 -5.406  1.00 37.17  ? 42  A   A P     1 
ATOM   847  O  OP1   . A   A 1 41 ? 7.974   -14.399 -6.264  1.00 47.77  ? 42  A   A OP1   1 
ATOM   848  O  OP2   . A   A 1 41 ? 6.422   -13.714 -4.367  1.00 35.77  ? 42  A   A OP2   1 
ATOM   849  O  "O5'" . A   A 1 41 ? 8.661   -12.701 -4.678  1.00 29.16  ? 42  A   A "O5'" 1 
ATOM   850  C  "C5'" . A   A 1 41 ? 9.684   -13.536 -4.189  1.00 35.04  ? 42  A   A "C5'" 1 
ATOM   851  C  "C4'" . A   A 1 41 ? 10.572  -12.771 -3.256  1.00 34.90  ? 42  A   A "C4'" 1 
ATOM   852  O  "O4'" . A   A 1 41 ? 11.265  -11.742 -4.001  1.00 37.15  ? 42  A   A "O4'" 1 
ATOM   853  C  "C3'" . A   A 1 41 ? 9.825   -12.032 -2.168  1.00 33.14  ? 42  A   A "C3'" 1 
ATOM   854  O  "O3'" . A   A 1 41 ? 9.637   -12.863 -1.042  1.00 32.06  ? 42  A   A "O3'" 1 
ATOM   855  C  "C2'" . A   A 1 41 ? 10.702  -10.808 -1.892  1.00 36.20  ? 42  A   A "C2'" 1 
ATOM   856  O  "O2'" . A   A 1 41 ? 11.762  -11.127 -0.998  1.00 38.46  ? 42  A   A "O2'" 1 
ATOM   857  C  "C1'" . A   A 1 41 ? 11.323  -10.547 -3.258  1.00 36.98  ? 42  A   A "C1'" 1 
ATOM   858  N  N9    . A   A 1 41 ? 10.667  -9.504  -4.067  1.00 35.71  ? 42  A   A N9    1 
ATOM   859  C  C8    . A   A 1 41 ? 9.682   -9.745  -4.995  1.00 38.26  ? 42  A   A C8    1 
ATOM   860  N  N7    . A   A 1 41 ? 9.283   -8.688  -5.652  1.00 36.08  ? 42  A   A N7    1 
ATOM   861  C  C5    . A   A 1 41 ? 10.083  -7.693  -5.133  1.00 34.44  ? 42  A   A C5    1 
ATOM   862  C  C6    . A   A 1 41 ? 10.136  -6.344  -5.438  1.00 34.90  ? 42  A   A C6    1 
ATOM   863  N  N6    . A   A 1 41 ? 9.345   -5.839  -6.369  1.00 31.00  ? 42  A   A N6    1 
ATOM   864  N  N1    . A   A 1 41 ? 11.028  -5.570  -4.757  1.00 39.64  ? 42  A   A N1    1 
ATOM   865  C  C2    . A   A 1 41 ? 11.821  -6.145  -3.834  1.00 35.43  ? 42  A   A C2    1 
ATOM   866  N  N3    . A   A 1 41 ? 11.855  -7.426  -3.465  1.00 37.59  ? 42  A   A N3    1 
ATOM   867  C  C4    . A   A 1 41 ? 10.954  -8.160  -4.161  1.00 35.25  ? 42  A   A C4    1 
ATOM   868  P  P     . A   A 1 42 ? 8.245   -12.905 -0.273  1.00 34.51  ? 43  A   A P     1 
ATOM   869  O  OP1   . A   A 1 42 ? 8.211   -14.094 0.608   1.00 46.77  ? 43  A   A OP1   1 
ATOM   870  O  OP2   . A   A 1 42 ? 7.133   -12.723 -1.274  1.00 31.86  ? 43  A   A OP2   1 
ATOM   871  O  "O5'" . A   A 1 42 ? 8.331   -11.685 0.731   1.00 34.70  ? 43  A   A "O5'" 1 
ATOM   872  C  "C5'" . A   A 1 42 ? 9.491   -11.406 1.496   1.00 32.81  ? 43  A   A "C5'" 1 
ATOM   873  C  "C4'" . A   A 1 42 ? 9.478   -9.960  1.939   1.00 36.25  ? 43  A   A "C4'" 1 
ATOM   874  O  "O4'" . A   A 1 42 ? 9.786   -9.107  0.802   1.00 38.31  ? 43  A   A "O4'" 1 
ATOM   875  C  "C3'" . A   A 1 42 ? 8.134   -9.451  2.447   1.00 34.08  ? 43  A   A "C3'" 1 
ATOM   876  O  "O3'" . A   A 1 42 ? 7.975   -9.682  3.836   1.00 33.02  ? 43  A   A "O3'" 1 
ATOM   877  C  "C2'" . A   A 1 42 ? 8.156   -7.967  2.104   1.00 33.95  ? 43  A   A "C2'" 1 
ATOM   878  O  "O2'" . A   A 1 42 ? 8.854   -7.253  3.117   1.00 33.60  ? 43  A   A "O2'" 1 
ATOM   879  C  "C1'" . A   A 1 42 ? 9.008   -7.934  0.836   1.00 32.40  ? 43  A   A "C1'" 1 
ATOM   880  N  N9    . A   A 1 42 ? 8.261   -7.846  -0.436  1.00 34.96  ? 43  A   A N9    1 
ATOM   881  C  C8    . A   A 1 42 ? 7.427   -8.752  -1.039  1.00 34.57  ? 43  A   A C8    1 
ATOM   882  N  N7    . A   A 1 42 ? 6.987   -8.375  -2.222  1.00 31.00  ? 43  A   A N7    1 
ATOM   883  C  C5    . A   A 1 42 ? 7.567   -7.147  -2.415  1.00 29.20  ? 43  A   A C5    1 
ATOM   884  C  C6    . A   A 1 42 ? 7.508   -6.231  -3.461  1.00 31.01  ? 43  A   A C6    1 
ATOM   885  N  N6    . A   A 1 42 ? 6.794   -6.389  -4.570  1.00 32.89  ? 43  A   A N6    1 
ATOM   886  N  N1    . A   A 1 42 ? 8.224   -5.105  -3.349  1.00 34.40  ? 43  A   A N1    1 
ATOM   887  C  C2    . A   A 1 42 ? 8.957   -4.913  -2.255  1.00 33.83  ? 43  A   A C2    1 
ATOM   888  N  N3    . A   A 1 42 ? 9.086   -5.706  -1.206  1.00 34.18  ? 43  A   A N3    1 
ATOM   889  C  C4    . A   A 1 42 ? 8.366   -6.821  -1.349  1.00 32.50  ? 43  A   A C4    1 
ATOM   890  P  P     . U   A 1 43 ? 6.648   -10.382 4.410   1.00 34.23  ? 44  U   A P     1 
ATOM   891  O  OP1   . U   A 1 43 ? 6.705   -10.226 5.875   1.00 39.78  ? 44  U   A OP1   1 
ATOM   892  O  OP2   . U   A 1 43 ? 6.446   -11.687 3.737   1.00 37.78  ? 44  U   A OP2   1 
ATOM   893  O  "O5'" . U   A 1 43 ? 5.437   -9.497  3.905   1.00 34.27  ? 44  U   A "O5'" 1 
ATOM   894  C  "C5'" . U   A 1 43 ? 5.293   -8.160  4.330   1.00 35.76  ? 44  U   A "C5'" 1 
ATOM   895  C  "C4'" . U   A 1 43 ? 4.318   -8.048  5.461   1.00 33.85  ? 44  U   A "C4'" 1 
ATOM   896  O  "O4'" . U   A 1 43 ? 4.428   -6.716  6.037   1.00 35.94  ? 44  U   A "O4'" 1 
ATOM   897  C  "C3'" . U   A 1 43 ? 2.843   -8.218  5.102   1.00 36.73  ? 44  U   A "C3'" 1 
ATOM   898  O  "O3'" . U   A 1 43 ? 2.199   -8.580  6.320   1.00 43.36  ? 44  U   A "O3'" 1 
ATOM   899  C  "C2'" . U   A 1 43 ? 2.430   -6.778  4.829   1.00 37.44  ? 44  U   A "C2'" 1 
ATOM   900  O  "O2'" . U   A 1 43 ? 1.036   -6.566  4.894   1.00 43.58  ? 44  U   A "O2'" 1 
ATOM   901  C  "C1'" . U   A 1 43 ? 3.158   -6.083  5.980   1.00 38.49  ? 44  U   A "C1'" 1 
ATOM   902  N  N1    . U   A 1 43 ? 3.365   -4.631  5.878   1.00 36.35  ? 44  U   A N1    1 
ATOM   903  C  C2    . U   A 1 43 ? 3.821   -4.012  7.038   1.00 38.66  ? 44  U   A C2    1 
ATOM   904  O  O2    . U   A 1 43 ? 4.027   -4.621  8.080   1.00 40.24  ? 44  U   A O2    1 
ATOM   905  N  N3    . U   A 1 43 ? 4.036   -2.667  6.959   1.00 34.88  ? 44  U   A N3    1 
ATOM   906  C  C4    . U   A 1 43 ? 3.846   -1.878  5.854   1.00 37.32  ? 44  U   A C4    1 
ATOM   907  O  O4    . U   A 1 43 ? 4.092   -0.662  5.901   1.00 39.51  ? 44  U   A O4    1 
ATOM   908  C  C5    . U   A 1 43 ? 3.358   -2.589  4.712   1.00 36.72  ? 44  U   A C5    1 
ATOM   909  C  C6    . U   A 1 43 ? 3.148   -3.909  4.745   1.00 35.82  ? 44  U   A C6    1 
ATOM   910  P  P     . U   A 1 44 ? 1.276   -9.869  6.502   1.00 45.08  ? 45  U   A P     1 
ATOM   911  O  OP1   . U   A 1 44 ? 2.057   -11.103 6.214   1.00 38.64  ? 45  U   A OP1   1 
ATOM   912  O  OP2   . U   A 1 44 ? -0.019  -9.599  5.824   1.00 56.91  ? 45  U   A OP2   1 
ATOM   913  O  "O5'" . U   A 1 44 ? 0.922   -9.796  8.043   1.00 37.18  ? 45  U   A "O5'" 1 
ATOM   914  C  "C5'" . U   A 1 44 ? 0.000   -8.845  8.527   1.00 39.38  ? 45  U   A "C5'" 1 
ATOM   915  C  "C4'" . U   A 1 44 ? 0.559   -8.132  9.716   1.00 38.55  ? 45  U   A "C4'" 1 
ATOM   916  O  "O4'" . U   A 1 44 ? 1.498   -7.129  9.262   1.00 41.62  ? 45  U   A "O4'" 1 
ATOM   917  C  "C3'" . U   A 1 44 ? -0.443  -7.358  10.550  1.00 41.08  ? 45  U   A "C3'" 1 
ATOM   918  O  "O3'" . U   A 1 44 ? -1.094  -8.179  11.496  1.00 43.72  ? 45  U   A "O3'" 1 
ATOM   919  C  "C2'" . U   A 1 44 ? 0.414   -6.284  11.202  1.00 41.14  ? 45  U   A "C2'" 1 
ATOM   920  O  "O2'" . U   A 1 44 ? 1.082   -6.811  12.331  1.00 44.08  ? 45  U   A "O2'" 1 
ATOM   921  C  "C1'" . U   A 1 44 ? 1.460   -6.010  10.121  1.00 36.89  ? 45  U   A "C1'" 1 
ATOM   922  N  N1    . U   A 1 44 ? 1.194   -4.779  9.334   1.00 20.00  ? 45  U   A N1    1 
ATOM   923  C  C2    . U   A 1 44 ? 1.427   -3.585  9.984   1.00 20.00  ? 45  U   A C2    1 
ATOM   924  O  O2    . U   A 1 44 ? 1.802   -3.527  11.142  1.00 20.00  ? 45  U   A O2    1 
ATOM   925  N  N3    . U   A 1 44 ? 1.206   -2.450  9.228   1.00 20.00  ? 45  U   A N3    1 
ATOM   926  C  C4    . U   A 1 44 ? 0.783   -2.404  7.921   1.00 20.00  ? 45  U   A C4    1 
ATOM   927  O  O4    . U   A 1 44 ? 0.619   -1.321  7.345   1.00 20.00  ? 45  U   A O4    1 
ATOM   928  C  C5    . U   A 1 44 ? 0.560   -3.700  7.324   1.00 20.00  ? 45  U   A C5    1 
ATOM   929  C  C6    . U   A 1 44 ? 0.771   -4.829  8.029   1.00 20.00  ? 45  U   A C6    1 
ATOM   930  P  P     . C   A 1 45 ? -2.688  -8.115  11.688  1.00 45.84  ? 46  C   A P     1 
ATOM   931  O  OP1   . C   A 1 45 ? -3.189  -9.423  12.178  1.00 42.50  ? 46  C   A OP1   1 
ATOM   932  O  OP2   . C   A 1 45 ? -3.243  -7.526  10.443  1.00 48.81  ? 46  C   A OP2   1 
ATOM   933  O  "O5'" . C   A 1 45 ? -2.893  -7.076  12.860  1.00 39.00  ? 46  C   A "O5'" 1 
ATOM   934  C  "C5'" . C   A 1 45 ? -2.119  -7.158  14.032  1.00 40.37  ? 46  C   A "C5'" 1 
ATOM   935  C  "C4'" . C   A 1 45 ? -2.028  -5.802  14.656  1.00 39.45  ? 46  C   A "C4'" 1 
ATOM   936  O  "O4'" . C   A 1 45 ? -1.124  -4.972  13.893  1.00 44.15  ? 46  C   A "O4'" 1 
ATOM   937  C  "C3'" . C   A 1 45 ? -3.321  -5.031  14.624  1.00 47.05  ? 46  C   A "C3'" 1 
ATOM   938  O  "O3'" . C   A 1 45 ? -4.208  -5.478  15.634  1.00 54.59  ? 46  C   A "O3'" 1 
ATOM   939  C  "C2'" . C   A 1 45 ? -2.847  -3.583  14.757  1.00 49.47  ? 46  C   A "C2'" 1 
ATOM   940  O  "O2'" . C   A 1 45 ? -2.597  -3.240  16.116  1.00 51.38  ? 46  C   A "O2'" 1 
ATOM   941  C  "C1'" . C   A 1 45 ? -1.516  -3.622  13.991  1.00 42.76  ? 46  C   A "C1'" 1 
ATOM   942  N  N1    . C   A 1 45 ? -1.625  -3.043  12.628  1.00 39.56  ? 46  C   A N1    1 
ATOM   943  C  C2    . C   A 1 45 ? -1.359  -1.667  12.472  1.00 42.64  ? 46  C   A C2    1 
ATOM   944  O  O2    . C   A 1 45 ? -1.031  -1.016  13.480  1.00 40.46  ? 46  C   A O2    1 
ATOM   945  N  N3    . C   A 1 45 ? -1.446  -1.073  11.254  1.00 37.23  ? 46  C   A N3    1 
ATOM   946  C  C4    . C   A 1 45 ? -1.796  -1.824  10.212  1.00 39.23  ? 46  C   A C4    1 
ATOM   947  N  N4    . C   A 1 45 ? -1.892  -1.225  9.008   1.00 38.32  ? 46  C   A N4    1 
ATOM   948  C  C5    . C   A 1 45 ? -2.070  -3.225  10.355  1.00 36.55  ? 46  C   A C5    1 
ATOM   949  C  C6    . C   A 1 45 ? -1.973  -3.798  11.558  1.00 34.61  ? 46  C   A C6    1 
ATOM   950  P  P     . A   A 1 46 ? -5.746  -5.040  15.638  1.00 50.44  ? 47  A   A P     1 
ATOM   951  O  OP1   . A   A 1 46 ? -6.367  -5.712  16.823  1.00 47.19  ? 47  A   A OP1   1 
ATOM   952  O  OP2   . A   A 1 46 ? -6.336  -5.318  14.299  1.00 54.38  ? 47  A   A OP2   1 
ATOM   953  O  "O5'" . A   A 1 46 ? -5.643  -3.477  15.888  1.00 37.43  ? 47  A   A "O5'" 1 
ATOM   954  C  "C5'" . A   A 1 46 ? -6.491  -2.576  15.216  1.00 42.27  ? 47  A   A "C5'" 1 
ATOM   955  C  "C4'" . A   A 1 46 ? -5.959  -1.181  15.335  1.00 40.17  ? 47  A   A "C4'" 1 
ATOM   956  O  "O4'" . A   A 1 46 ? -4.682  -1.084  14.651  1.00 47.98  ? 47  A   A "O4'" 1 
ATOM   957  C  "C3'" . A   A 1 46 ? -6.810  -0.131  14.669  1.00 40.21  ? 47  A   A "C3'" 1 
ATOM   958  O  "O3'" . A   A 1 46 ? -7.879  0.264   15.493  1.00 45.96  ? 47  A   A "O3'" 1 
ATOM   959  C  "C2'" . A   A 1 46 ? -5.805  0.978   14.380  1.00 41.82  ? 47  A   A "C2'" 1 
ATOM   960  O  "O2'" . A   A 1 46 ? -5.494  1.720   15.551  1.00 41.58  ? 47  A   A "O2'" 1 
ATOM   961  C  "C1'" . A   A 1 46 ? -4.585  0.161   13.984  1.00 41.13  ? 47  A   A "C1'" 1 
ATOM   962  N  N9    . A   A 1 46 ? -4.564  -0.087  12.529  1.00 38.73  ? 47  A   A N9    1 
ATOM   963  C  C8    . A   A 1 46 ? -4.666  -1.284  11.840  1.00 37.98  ? 47  A   A C8    1 
ATOM   964  N  N7    . A   A 1 46 ? -4.644  -1.132  10.530  1.00 38.17  ? 47  A   A N7    1 
ATOM   965  C  C5    . A   A 1 46 ? -4.497  0.255   10.361  1.00 35.38  ? 47  A   A C5    1 
ATOM   966  C  C6    . A   A 1 46 ? -4.379  1.084   9.242   1.00 32.78  ? 47  A   A C6    1 
ATOM   967  N  N6    . A   A 1 46 ? -4.375  0.655   7.989   1.00 32.07  ? 47  A   A N6    1 
ATOM   968  N  N1    . A   A 1 46 ? -4.258  2.412   9.437   1.00 37.46  ? 47  A   A N1    1 
ATOM   969  C  C2    . A   A 1 46 ? -4.234  2.898   10.677  1.00 36.24  ? 47  A   A C2    1 
ATOM   970  N  N3    . A   A 1 46 ? -4.326  2.214   11.809  1.00 37.77  ? 47  A   A N3    1 
ATOM   971  C  C4    . A   A 1 46 ? -4.457  0.898   11.579  1.00 36.14  ? 47  A   A C4    1 
ATOM   972  P  P     . G   A 1 47 ? -9.396  0.042   15.033  1.00 47.35  ? 48  G   A P     1 
ATOM   973  O  OP1   . G   A 1 47 ? -10.118 0.388   16.284  1.00 50.06  ? 48  G   A OP1   1 
ATOM   974  O  OP2   . G   A 1 47 ? -9.694  -1.291  14.437  1.00 31.22  ? 48  G   A OP2   1 
ATOM   975  O  "O5'" . G   A 1 47 ? -9.605  1.213   13.976  1.00 35.76  ? 48  G   A "O5'" 1 
ATOM   976  C  "C5'" . G   A 1 47 ? -9.093  2.495   14.252  1.00 30.59  ? 48  G   A "C5'" 1 
ATOM   977  C  "C4'" . G   A 1 47 ? -8.849  3.258   12.982  1.00 39.21  ? 48  G   A "C4'" 1 
ATOM   978  O  "O4'" . G   A 1 47 ? -7.755  2.678   12.226  1.00 42.79  ? 48  G   A "O4'" 1 
ATOM   979  C  "C3'" . G   A 1 47 ? -9.999  3.285   12.002  1.00 39.01  ? 48  G   A "C3'" 1 
ATOM   980  O  "O3'" . G   A 1 47 ? -10.940 4.271   12.371  1.00 40.11  ? 48  G   A "O3'" 1 
ATOM   981  C  "C2'" . G   A 1 47 ? -9.306  3.605   10.688  1.00 39.05  ? 48  G   A "C2'" 1 
ATOM   982  O  "O2'" . G   A 1 47 ? -9.033  4.994   10.637  1.00 42.19  ? 48  G   A "O2'" 1 
ATOM   983  C  "C1'" . G   A 1 47 ? -7.975  2.865   10.845  1.00 35.73  ? 48  G   A "C1'" 1 
ATOM   984  N  N9    . G   A 1 47 ? -7.997  1.543   10.214  1.00 32.95  ? 48  G   A N9    1 
ATOM   985  C  C8    . G   A 1 47 ? -8.352  0.399   10.862  1.00 33.12  ? 48  G   A C8    1 
ATOM   986  N  N7    . G   A 1 47 ? -8.292  -0.646  10.097  1.00 32.41  ? 48  G   A N7    1 
ATOM   987  C  C5    . G   A 1 47 ? -7.874  -0.165  8.871   1.00 30.90  ? 48  G   A C5    1 
ATOM   988  C  C6    . G   A 1 47 ? -7.641  -0.870  7.662   1.00 28.90  ? 48  G   A C6    1 
ATOM   989  O  O6    . G   A 1 47 ? -7.771  -2.076  7.448   1.00 29.51  ? 48  G   A O6    1 
ATOM   990  N  N1    . G   A 1 47 ? -7.224  -0.026  6.652   1.00 25.59  ? 48  G   A N1    1 
ATOM   991  C  C2    . G   A 1 47 ? -7.063  1.329   6.781   1.00 30.60  ? 48  G   A C2    1 
ATOM   992  N  N2    . G   A 1 47 ? -6.652  1.933   5.661   1.00 32.51  ? 48  G   A N2    1 
ATOM   993  N  N3    . G   A 1 47 ? -7.280  2.029   7.902   1.00 32.85  ? 48  G   A N3    1 
ATOM   994  C  C4    . G   A 1 47 ? -7.683  1.204   8.914   1.00 34.78  ? 48  G   A C4    1 
ATOM   995  P  P     . A   A 1 48 ? -12.366 3.836   12.939  1.00 40.00  ? 49  A   A P     1 
ATOM   996  O  OP1   . A   A 1 48 ? -12.325 3.785   14.412  1.00 37.73  ? 49  A   A OP1   1 
ATOM   997  O  OP2   . A   A 1 48 ? -12.726 2.579   12.209  1.00 48.45  ? 49  A   A OP2   1 
ATOM   998  O  "O5'" . A   A 1 48 ? -13.315 5.003   12.461  1.00 28.51  ? 49  A   A "O5'" 1 
ATOM   999  C  "C5'" . A   A 1 48 ? -13.813 5.022   11.141  1.00 32.02  ? 49  A   A "C5'" 1 
ATOM   1000 C  "C4'" . A   A 1 48 ? -13.502 6.337   10.503  1.00 34.71  ? 49  A   A "C4'" 1 
ATOM   1001 O  "O4'" . A   A 1 48 ? -12.104 6.383   10.118  1.00 36.65  ? 49  A   A "O4'" 1 
ATOM   1002 C  "C3'" . A   A 1 48 ? -14.251 6.659   9.230   1.00 34.63  ? 49  A   A "C3'" 1 
ATOM   1003 O  "O3'" . A   A 1 48 ? -15.529 7.178   9.545   1.00 32.18  ? 49  A   A "O3'" 1 
ATOM   1004 C  "C2'" . A   A 1 48 ? -13.342 7.693   8.592   1.00 33.71  ? 49  A   A "C2'" 1 
ATOM   1005 O  "O2'" . A   A 1 48 ? -13.541 8.930   9.266   1.00 34.59  ? 49  A   A "O2'" 1 
ATOM   1006 C  "C1'" . A   A 1 48 ? -11.956 7.155   8.965   1.00 27.81  ? 49  A   A "C1'" 1 
ATOM   1007 N  N9    . A   A 1 48 ? -11.407 6.254   7.959   1.00 30.92  ? 49  A   A N9    1 
ATOM   1008 C  C8    . A   A 1 48 ? -11.145 4.927   8.138   1.00 31.19  ? 49  A   A C8    1 
ATOM   1009 N  N7    . A   A 1 48 ? -10.673 4.364   7.049   1.00 32.10  ? 49  A   A N7    1 
ATOM   1010 C  C5    . A   A 1 48 ? -10.593 5.397   6.118   1.00 30.91  ? 49  A   A C5    1 
ATOM   1011 C  C6    . A   A 1 48 ? -10.154 5.476   4.784   1.00 32.16  ? 49  A   A C6    1 
ATOM   1012 N  N6    . A   A 1 48 ? -9.675  4.454   4.067   1.00 30.15  ? 49  A   A N6    1 
ATOM   1013 N  N1    . A   A 1 48 ? -10.218 6.675   4.173   1.00 32.47  ? 49  A   A N1    1 
ATOM   1014 C  C2    . A   A 1 48 ? -10.666 7.716   4.854   1.00 29.89  ? 49  A   A C2    1 
ATOM   1015 N  N3    . A   A 1 48 ? -11.117 7.771   6.100   1.00 32.60  ? 49  A   A N3    1 
ATOM   1016 C  C4    . A   A 1 48 ? -11.035 6.570   6.681   1.00 32.38  ? 49  A   A C4    1 
ATOM   1017 P  P     . A   A 1 49 ? -16.805 6.981   8.593   1.00 31.43  ? 50  A   A P     1 
ATOM   1018 O  OP1   . A   A 1 49 ? -17.992 7.470   9.322   1.00 33.50  ? 50  A   A OP1   1 
ATOM   1019 O  OP2   . A   A 1 49 ? -16.892 5.558   8.172   1.00 34.33  ? 50  A   A OP2   1 
ATOM   1020 O  "O5'" . A   A 1 49 ? -16.506 8.015   7.408   1.00 34.91  ? 50  A   A "O5'" 1 
ATOM   1021 C  "C5'" . A   A 1 49 ? -16.149 9.361   7.704   1.00 29.54  ? 50  A   A "C5'" 1 
ATOM   1022 C  "C4'" . A   A 1 49 ? -15.803 10.149  6.467   1.00 29.10  ? 50  A   A "C4'" 1 
ATOM   1023 O  "O4'" . A   A 1 49 ? -14.434 9.887   6.058   1.00 34.79  ? 50  A   A "O4'" 1 
ATOM   1024 C  "C3'" . A   A 1 49 ? -16.601 9.816   5.231   1.00 32.63  ? 50  A   A "C3'" 1 
ATOM   1025 O  "O3'" . A   A 1 49 ? -17.894 10.362  5.252   1.00 32.40  ? 50  A   A "O3'" 1 
ATOM   1026 C  "C2'" . A   A 1 49 ? -15.709 10.368  4.122   1.00 35.39  ? 50  A   A "C2'" 1 
ATOM   1027 O  "O2'" . A   A 1 49 ? -15.769 11.786  4.075   1.00 34.81  ? 50  A   A "O2'" 1 
ATOM   1028 C  "C1'" . A   A 1 49 ? -14.331 9.987   4.653   1.00 30.59  ? 50  A   A "C1'" 1 
ATOM   1029 N  N9    . A   A 1 49 ? -13.888 8.700   4.104   1.00 28.16  ? 50  A   A N9    1 
ATOM   1030 C  C8    . A   A 1 49 ? -13.836 7.473   4.712   1.00 31.82  ? 50  A   A C8    1 
ATOM   1031 N  N7    . A   A 1 49 ? -13.382 6.523   3.916   1.00 31.85  ? 50  A   A N7    1 
ATOM   1032 C  C5    . A   A 1 49 ? -13.110 7.185   2.708   1.00 31.25  ? 50  A   A C5    1 
ATOM   1033 C  C6    . A   A 1 49 ? -12.607 6.749   1.455   1.00 29.03  ? 50  A   A C6    1 
ATOM   1034 N  N6    . A   A 1 49 ? -12.259 5.491   1.144   1.00 23.66  ? 50  A   A N6    1 
ATOM   1035 N  N1    . A   A 1 49 ? -12.493 7.676   0.491   1.00 30.04  ? 50  A   A N1    1 
ATOM   1036 C  C2    . A   A 1 49 ? -12.833 8.944   0.759   1.00 31.28  ? 50  A   A C2    1 
ATOM   1037 N  N3    . A   A 1 49 ? -13.297 9.475   1.880   1.00 30.25  ? 50  A   A N3    1 
ATOM   1038 C  C4    . A   A 1 49 ? -13.434 8.523   2.818   1.00 29.52  ? 50  A   A C4    1 
ATOM   1039 P  P     . G   A 1 50 ? -19.038 9.721   4.341   1.00 30.73  ? 51  G   A P     1 
ATOM   1040 O  OP1   . G   A 1 50 ? -20.286 10.459  4.642   1.00 44.86  ? 51  G   A OP1   1 
ATOM   1041 O  OP2   . G   A 1 50 ? -18.936 8.241   4.431   1.00 30.14  ? 51  G   A OP2   1 
ATOM   1042 O  "O5'" . G   A 1 50 ? -18.700 10.206  2.874   1.00 33.30  ? 51  G   A "O5'" 1 
ATOM   1043 C  "C5'" . G   A 1 50 ? -19.204 11.429  2.381   1.00 30.50  ? 51  G   A "C5'" 1 
ATOM   1044 C  "C4'" . G   A 1 50 ? -18.642 11.708  1.012   1.00 34.81  ? 51  G   A "C4'" 1 
ATOM   1045 O  "O4'" . G   A 1 50 ? -17.225 11.410  0.982   1.00 34.69  ? 51  G   A "O4'" 1 
ATOM   1046 C  "C3'" . G   A 1 50 ? -19.197 10.845  -0.088  1.00 34.91  ? 51  G   A "C3'" 1 
ATOM   1047 O  "O3'" . G   A 1 50 ? -20.459 11.278  -0.529  1.00 36.53  ? 51  G   A "O3'" 1 
ATOM   1048 C  "C2'" . G   A 1 50 ? -18.125 10.941  -1.144  1.00 31.91  ? 51  G   A "C2'" 1 
ATOM   1049 O  "O2'" . G   A 1 50 ? -18.193 12.199  -1.770  1.00 32.62  ? 51  G   A "O2'" 1 
ATOM   1050 C  "C1'" . G   A 1 50 ? -16.873 10.904  -0.284  1.00 32.00  ? 51  G   A "C1'" 1 
ATOM   1051 N  N9    . G   A 1 50 ? -16.412 9.517   -0.142  1.00 32.77  ? 51  G   A N9    1 
ATOM   1052 C  C8    . G   A 1 50 ? -16.606 8.654   0.910   1.00 34.90  ? 51  G   A C8    1 
ATOM   1053 N  N7    . G   A 1 50 ? -16.092 7.466   0.700   1.00 35.61  ? 51  G   A N7    1 
ATOM   1054 C  C5    . G   A 1 50 ? -15.537 7.555   -0.580  1.00 33.05  ? 51  G   A C5    1 
ATOM   1055 C  C6    . G   A 1 50 ? -14.857 6.589   -1.371  1.00 32.38  ? 51  G   A C6    1 
ATOM   1056 O  O6    . G   A 1 50 ? -14.585 5.413   -1.109  1.00 34.41  ? 51  G   A O6    1 
ATOM   1057 N  N1    . G   A 1 50 ? -14.479 7.090   -2.598  1.00 30.63  ? 51  G   A N1    1 
ATOM   1058 C  C2    . G   A 1 50 ? -14.728 8.362   -3.022  1.00 31.88  ? 51  G   A C2    1 
ATOM   1059 N  N2    . G   A 1 50 ? -14.266 8.647   -4.240  1.00 32.46  ? 51  G   A N2    1 
ATOM   1060 N  N3    . G   A 1 50 ? -15.362 9.281   -2.321  1.00 31.48  ? 51  G   A N3    1 
ATOM   1061 C  C4    . G   A 1 50 ? -15.731 8.812   -1.108  1.00 32.79  ? 51  G   A C4    1 
ATOM   1062 P  P     . G   A 1 51 ? -21.571 10.178  -0.841  1.00 34.60  ? 52  G   A P     1 
ATOM   1063 O  OP1   . G   A 1 51 ? -22.840 10.928  -0.946  1.00 48.81  ? 52  G   A OP1   1 
ATOM   1064 O  OP2   . G   A 1 51 ? -21.417 9.001   0.072   1.00 28.22  ? 52  G   A OP2   1 
ATOM   1065 O  "O5'" . G   A 1 51 ? -21.205 9.703   -2.304  1.00 35.22  ? 52  G   A "O5'" 1 
ATOM   1066 C  "C5'" . G   A 1 51 ? -20.964 10.666  -3.293  1.00 34.86  ? 52  G   A "C5'" 1 
ATOM   1067 C  "C4'" . G   A 1 51 ? -20.184 10.082  -4.425  1.00 34.75  ? 52  G   A "C4'" 1 
ATOM   1068 O  "O4'" . G   A 1 51 ? -18.839 9.731   -4.004  1.00 40.63  ? 52  G   A "O4'" 1 
ATOM   1069 C  "C3'" . G   A 1 51 ? -20.693 8.792   -4.993  1.00 38.33  ? 52  G   A "C3'" 1 
ATOM   1070 O  "O3'" . G   A 1 51 ? -21.892 8.932   -5.734  1.00 39.55  ? 52  G   A "O3'" 1 
ATOM   1071 C  "C2'" . G   A 1 51 ? -19.485 8.355   -5.810  1.00 35.96  ? 52  G   A "C2'" 1 
ATOM   1072 O  "O2'" . G   A 1 51 ? -19.371 9.217   -6.915  1.00 31.30  ? 52  G   A "O2'" 1 
ATOM   1073 C  "C1'" . G   A 1 51 ? -18.355 8.684   -4.829  1.00 33.31  ? 52  G   A "C1'" 1 
ATOM   1074 N  N9    . G   A 1 51 ? -18.081 7.533   -3.963  1.00 35.13  ? 52  G   A N9    1 
ATOM   1075 C  C8    . G   A 1 51 ? -18.503 7.416   -2.651  1.00 37.30  ? 52  G   A C8    1 
ATOM   1076 N  N7    . G   A 1 51 ? -18.189 6.265   -2.094  1.00 36.90  ? 52  G   A N7    1 
ATOM   1077 C  C5    . G   A 1 51 ? -17.540 5.565   -3.112  1.00 34.99  ? 52  G   A C5    1 
ATOM   1078 C  C6    . G   A 1 51 ? -16.998 4.255   -3.077  1.00 33.37  ? 52  G   A C6    1 
ATOM   1079 O  O6    . G   A 1 51 ? -16.995 3.479   -2.080  1.00 40.53  ? 52  G   A O6    1 
ATOM   1080 N  N1    . G   A 1 51 ? -16.447 3.939   -4.329  1.00 33.17  ? 52  G   A N1    1 
ATOM   1081 C  C2    . G   A 1 51 ? -16.426 4.797   -5.432  1.00 33.64  ? 52  G   A C2    1 
ATOM   1082 N  N2    . G   A 1 51 ? -15.860 4.381   -6.569  1.00 30.98  ? 52  G   A N2    1 
ATOM   1083 N  N3    . G   A 1 51 ? -16.933 6.017   -5.456  1.00 32.95  ? 52  G   A N3    1 
ATOM   1084 C  C4    . G   A 1 51 ? -17.471 6.337   -4.272  1.00 34.14  ? 52  G   A C4    1 
ATOM   1085 P  P     . G   A 1 52 ? -22.903 7.690   -5.848  1.00 38.59  ? 53  G   A P     1 
ATOM   1086 O  OP1   . G   A 1 52 ? -24.034 8.192   -6.653  1.00 48.45  ? 53  G   A OP1   1 
ATOM   1087 O  OP2   . G   A 1 52 ? -23.124 7.063   -4.536  1.00 36.55  ? 53  G   A OP2   1 
ATOM   1088 O  "O5'" . G   A 1 52 ? -22.107 6.591   -6.690  1.00 37.43  ? 53  G   A "O5'" 1 
ATOM   1089 C  "C5'" . G   A 1 52 ? -21.824 6.786   -8.064  1.00 35.46  ? 53  G   A "C5'" 1 
ATOM   1090 C  "C4'" . G   A 1 52 ? -21.095 5.606   -8.652  1.00 36.19  ? 53  G   A "C4'" 1 
ATOM   1091 O  "O4'" . G   A 1 52 ? -19.854 5.362   -7.924  1.00 40.38  ? 53  G   A "O4'" 1 
ATOM   1092 C  "C3'" . G   A 1 52 ? -21.817 4.281   -8.576  1.00 34.13  ? 53  G   A "C3'" 1 
ATOM   1093 O  "O3'" . G   A 1 52 ? -22.820 4.153   -9.556  1.00 37.45  ? 53  G   A "O3'" 1 
ATOM   1094 C  "C2'" . G   A 1 52 ? -20.672 3.269   -8.701  1.00 37.55  ? 53  G   A "C2'" 1 
ATOM   1095 O  "O2'" . G   A 1 52 ? -20.241 3.113   -10.041 1.00 42.09  ? 53  G   A "O2'" 1 
ATOM   1096 C  "C1'" . G   A 1 52 ? -19.561 3.973   -7.923  1.00 37.32  ? 53  G   A "C1'" 1 
ATOM   1097 N  N9    . G   A 1 52 ? -19.538 3.498   -6.532  1.00 37.84  ? 53  G   A N9    1 
ATOM   1098 C  C8    . G   A 1 52 ? -20.042 4.206   -5.471  1.00 35.70  ? 53  G   A C8    1 
ATOM   1099 N  N7    . G   A 1 52 ? -19.924 3.539   -4.360  1.00 39.70  ? 53  G   A N7    1 
ATOM   1100 C  C5    . G   A 1 52 ? -19.326 2.329   -4.702  1.00 35.53  ? 53  G   A C5    1 
ATOM   1101 C  C6    . G   A 1 52 ? -18.963 1.223   -3.876  1.00 38.28  ? 53  G   A C6    1 
ATOM   1102 O  O6    . G   A 1 52 ? -19.089 1.117   -2.638  1.00 40.85  ? 53  G   A O6    1 
ATOM   1103 N  N1    . G   A 1 52 ? -18.379 0.189   -4.618  1.00 35.81  ? 53  G   A N1    1 
ATOM   1104 C  C2    . G   A 1 52 ? -18.171 0.241   -5.980  1.00 35.37  ? 53  G   A C2    1 
ATOM   1105 N  N2    . G   A 1 52 ? -17.612 -0.855  -6.500  1.00 33.97  ? 53  G   A N2    1 
ATOM   1106 N  N3    . G   A 1 52 ? -18.501 1.272   -6.762  1.00 36.14  ? 53  G   A N3    1 
ATOM   1107 C  C4    . G   A 1 52 ? -19.079 2.279   -6.058  1.00 36.25  ? 53  G   A C4    1 
ATOM   1108 P  P     . A   A 1 53 ? -24.255 3.510   -9.195  1.00 35.48  ? 54  A   A P     1 
ATOM   1109 O  OP1   . A   A 1 53 ? -25.139 3.649   -10.384 1.00 39.17  ? 54  A   A OP1   1 
ATOM   1110 O  OP2   . A   A 1 53 ? -24.749 4.103   -7.940  1.00 34.28  ? 54  A   A OP2   1 
ATOM   1111 O  "O5'" . A   A 1 53 ? -23.936 1.969   -8.974  1.00 31.96  ? 54  A   A "O5'" 1 
ATOM   1112 C  "C5'" . A   A 1 53 ? -23.374 1.184   -10.010 1.00 29.97  ? 54  A   A "C5'" 1 
ATOM   1113 C  "C4'" . A   A 1 53 ? -22.822 -0.102  -9.461  1.00 30.44  ? 54  A   A "C4'" 1 
ATOM   1114 O  "O4'" . A   A 1 53 ? -21.724 0.178   -8.549  1.00 35.28  ? 54  A   A "O4'" 1 
ATOM   1115 C  "C3'" . A   A 1 53 ? -23.779 -0.919  -8.616  1.00 30.91  ? 54  A   A "C3'" 1 
ATOM   1116 O  "O3'" . A   A 1 53 ? -24.705 -1.660  -9.384  1.00 37.75  ? 54  A   A "O3'" 1 
ATOM   1117 C  "C2'" . A   A 1 53 ? -22.824 -1.769  -7.790  1.00 35.55  ? 54  A   A "C2'" 1 
ATOM   1118 O  "O2'" . A   A 1 53 ? -22.203 -2.775  -8.581  1.00 38.77  ? 54  A   A "O2'" 1 
ATOM   1119 C  "C1'" . A   A 1 53 ? -21.759 -0.741  -7.469  1.00 36.02  ? 54  A   A "C1'" 1 
ATOM   1120 N  N9    . A   A 1 53 ? -22.066 -0.014  -6.220  1.00 37.43  ? 54  A   A N9    1 
ATOM   1121 C  C8    . A   A 1 53 ? -22.624 1.236   -6.057  1.00 35.49  ? 54  A   A C8    1 
ATOM   1122 N  N7    . A   A 1 53 ? -22.739 1.598   -4.796  1.00 37.78  ? 54  A   A N7    1 
ATOM   1123 C  C5    . A   A 1 53 ? -22.237 0.506   -4.083  1.00 37.51  ? 54  A   A C5    1 
ATOM   1124 C  C6    . A   A 1 53 ? -22.080 0.236   -2.705  1.00 34.17  ? 54  A   A C6    1 
ATOM   1125 N  N6    . A   A 1 53 ? -22.418 1.071   -1.739  1.00 34.81  ? 54  A   A N6    1 
ATOM   1126 N  N1    . A   A 1 53 ? -21.556 -0.938  -2.326  1.00 32.63  ? 54  A   A N1    1 
ATOM   1127 C  C2    . A   A 1 53 ? -21.214 -1.792  -3.298  1.00 32.86  ? 54  A   A C2    1 
ATOM   1128 N  N3    . A   A 1 53 ? -21.304 -1.664  -4.615  1.00 31.92  ? 54  A   A N3    1 
ATOM   1129 C  C4    . A   A 1 53 ? -21.825 -0.485  -4.950  1.00 34.53  ? 54  A   A C4    1 
ATOM   1130 P  P     . A   A 1 54 ? -26.159 -2.037  -8.822  1.00 39.25  ? 55  A   A P     1 
ATOM   1131 O  OP1   . A   A 1 54 ? -26.822 -2.880  -9.847  1.00 37.40  ? 55  A   A OP1   1 
ATOM   1132 O  OP2   . A   A 1 54 ? -26.885 -0.787  -8.393  1.00 34.76  ? 55  A   A OP2   1 
ATOM   1133 O  "O5'" . A   A 1 54 ? -25.816 -3.067  -7.669  1.00 31.34  ? 55  A   A "O5'" 1 
ATOM   1134 C  "C5'" . A   A 1 54 ? -25.299 -4.334  -8.021  1.00 35.76  ? 55  A   A "C5'" 1 
ATOM   1135 C  "C4'" . A   A 1 54 ? -24.947 -5.166  -6.816  1.00 36.46  ? 55  A   A "C4'" 1 
ATOM   1136 O  "O4'" . A   A 1 54 ? -23.933 -4.499  -6.032  1.00 34.34  ? 55  A   A "O4'" 1 
ATOM   1137 C  "C3'" . A   A 1 54 ? -26.064 -5.415  -5.816  1.00 35.17  ? 55  A   A "C3'" 1 
ATOM   1138 O  "O3'" . A   A 1 54 ? -26.975 -6.426  -6.232  1.00 37.35  ? 55  A   A "O3'" 1 
ATOM   1139 C  "C2'" . A   A 1 54 ? -25.286 -5.778  -4.567  1.00 34.21  ? 55  A   A "C2'" 1 
ATOM   1140 O  "O2'" . A   A 1 54 ? -24.804 -7.114  -4.649  1.00 36.56  ? 55  A   A "O2'" 1 
ATOM   1141 C  "C1'" . A   A 1 54 ? -24.103 -4.815  -4.668  1.00 32.51  ? 55  A   A "C1'" 1 
ATOM   1142 N  N9    . A   A 1 54 ? -24.383 -3.584  -3.908  1.00 33.40  ? 55  A   A N9    1 
ATOM   1143 C  C8    . A   A 1 54 ? -24.991 -2.421  -4.306  1.00 35.65  ? 55  A   A C8    1 
ATOM   1144 N  N7    . A   A 1 54 ? -25.150 -1.538  -3.339  1.00 34.66  ? 55  A   A N7    1 
ATOM   1145 C  C5    . A   A 1 54 ? -24.635 -2.171  -2.214  1.00 31.18  ? 55  A   A C5    1 
ATOM   1146 C  C6    . A   A 1 54 ? -24.489 -1.784  -0.864  1.00 30.23  ? 55  A   A C6    1 
ATOM   1147 N  N6    . A   A 1 54 ? -24.864 -0.612  -0.376  1.00 31.67  ? 55  A   A N6    1 
ATOM   1148 N  N1    . A   A 1 54 ? -23.905 -2.646  0.000   1.00 31.29  ? 55  A   A N1    1 
ATOM   1149 C  C2    . A   A 1 54 ? -23.511 -3.837  -0.469  1.00 31.90  ? 55  A   A C2    1 
ATOM   1150 N  N3    . A   A 1 54 ? -23.597 -4.332  -1.710  1.00 34.10  ? 55  A   A N3    1 
ATOM   1151 C  C4    . A   A 1 54 ? -24.165 -3.433  -2.552  1.00 34.91  ? 55  A   A C4    1 
HETATM 1152 MG MG    . MG  B 2 .  ? -2.192  1.198   4.493   1.00 29.90  ? 101 MG  A MG    1 
HETATM 1153 MG MG    . MG  C 2 .  ? 5.524   -13.073 -2.589  1.00 21.30  ? 102 MG  A MG    1 
HETATM 1154 MG MG    . MG  D 2 .  ? -3.265  1.384   -8.295  1.00 31.86  ? 103 MG  A MG    1 
HETATM 1155 MG MG    . MG  E 2 .  ? 3.586   -0.793  -9.709  1.00 41.52  ? 104 MG  A MG    1 
HETATM 1156 MG MG    . MG  F 2 .  ? -17.352 3.457   0.025   1.00 50.57  ? 105 MG  A MG    1 
HETATM 1157 MG MG    . MG  G 2 .  ? -8.856  -0.439  -10.906 1.00 44.07  ? 106 MG  A MG    1 
HETATM 1158 MG MG    . MG  H 2 .  ? -0.436  5.044   1.558   1.00 43.68  ? 107 MG  A MG    1 
HETATM 1159 MG MG    . MG  I 2 .  ? -28.079 0.919   -8.450  1.00 43.39  ? 108 MG  A MG    1 
HETATM 1160 K  K     . K   J 3 .  ? 12.999  3.521   2.573   1.00 68.77  ? 109 K   A K     1 
HETATM 1161 O  O     . HOH K 4 .  ? 2.772   -1.846  -8.106  1.00 28.57  ? 202 HOH A O     1 
HETATM 1162 O  O     . HOH K 4 .  ? 4.918   -11.692 -1.196  1.00 34.46  ? 203 HOH A O     1 
HETATM 1163 O  O     . HOH K 4 .  ? 6.303   -11.210 -3.043  1.00 32.27  ? 204 HOH A O     1 
HETATM 1164 O  O     . HOH K 4 .  ? -10.885 -3.902  -2.629  1.00 33.36  ? 205 HOH A O     1 
HETATM 1165 O  O     . HOH K 4 .  ? -0.653  2.532   4.839   1.00 33.50  ? 206 HOH A O     1 
HETATM 1166 O  O     . HOH K 4 .  ? 3.722   -12.474 -3.398  1.00 30.72  ? 207 HOH A O     1 
HETATM 1167 O  O     . HOH K 4 .  ? -7.951  0.987   -12.107 1.00 30.54  ? 208 HOH A O     1 
HETATM 1168 O  O     . HOH K 4 .  ? 4.181   1.208   -9.580  1.00 36.35  ? 209 HOH A O     1 
HETATM 1169 O  O     . HOH K 4 .  ? -1.421  0.409   6.240   1.00 32.88  ? 210 HOH A O     1 
HETATM 1170 O  O     . HOH K 4 .  ? -18.749 2.460   1.181   1.00 39.30  ? 211 HOH A O     1 
HETATM 1171 O  O     . HOH K 4 .  ? -1.582  0.241   -7.925  1.00 31.07  ? 212 HOH A O     1 
HETATM 1172 O  O     . HOH K 4 .  ? -23.735 4.780   -2.900  1.00 32.47  ? 213 HOH A O     1 
HETATM 1173 O  O     . HOH K 4 .  ? 5.094   -14.785 -1.520  1.00 32.58  ? 214 HOH A O     1 
HETATM 1174 O  O     . HOH K 4 .  ? 1.528   -0.629  -9.436  1.00 24.79  ? 215 HOH A O     1 
HETATM 1175 O  O     . HOH K 4 .  ? -18.637 5.011   0.561   1.00 30.46  ? 216 HOH A O     1 
HETATM 1176 O  O     . HOH K 4 .  ? 5.183   -0.571  -8.398  1.00 32.94  ? 217 HOH A O     1 
HETATM 1177 O  O     . HOH K 4 .  ? -0.908  -0.128  3.584   1.00 37.31  ? 218 HOH A O     1 
HETATM 1178 O  O     . HOH K 4 .  ? -16.670 4.619   1.620   1.00 36.46  ? 219 HOH A O     1 
HETATM 1179 O  O     . HOH K 4 .  ? 2.665   -0.058  -8.008  1.00 28.23  ? 220 HOH A O     1 
# 
loop_
_pdbx_poly_seq_scheme.asym_id 
_pdbx_poly_seq_scheme.entity_id 
_pdbx_poly_seq_scheme.seq_id 
_pdbx_poly_seq_scheme.mon_id 
_pdbx_poly_seq_scheme.ndb_seq_num 
_pdbx_poly_seq_scheme.pdb_seq_num 
_pdbx_poly_seq_scheme.auth_seq_num 
_pdbx_poly_seq_scheme.pdb_mon_id 
_pdbx_poly_seq_scheme.auth_mon_id 
_pdbx_poly_seq_scheme.pdb_strand_id 
_pdbx_poly_seq_scheme.pdb_ins_code 
_pdbx_poly_seq_scheme.hetero 
A 1 1  U   1  1  1  U   U   A . n 
A 1 2  U   2  2  2  U   U   A . n 
A 1 3  U   3  3  3  U   U   A . n 
A 1 4  U   4  4  4  U   U   A . n 
A 1 5  OMU 5  5  5  OMU OMU A . n 
A 1 6  A   6  6  6  A   A   A . n 
A 1 7  A   7  7  7  A   A   A . n 
A 1 8  U   8  8  8  U   U   A . n 
A 1 9  G   9  9  9  G   G   A . n 
A 1 10 A   10 10 10 A   A   A . n 
A 1 11 A   11 11 11 A   A   A . n 
A 1 12 G   12 12 12 G   G   A . n 
A 1 13 C   13 13 13 C   C   A . n 
A 1 14 C   14 14 14 C   C   A . n 
A 1 15 A   15 15 15 A   A   A . n 
A 1 16 C   16 16 16 C   C   A . n 
A 1 17 A   17 17 17 A   A   A . n 
A 1 18 G   18 18 18 G   G   A . n 
A 1 19 G   19 19 19 G   G   A . n 
A 1 20 C   20 21 21 C   C   A . n 
A 1 21 U   21 22 22 U   U   A . n 
A 1 22 G   22 23 23 G   G   A . n 
A 1 23 U   23 24 24 U   U   A . n 
A 1 24 G   24 25 25 G   G   A . n 
A 1 25 A   25 26 26 A   A   A . n 
A 1 26 G   26 27 27 G   G   A . n 
A 1 27 G   27 28 28 G   G   A . n 
A 1 28 G   28 29 29 G   G   A . n 
A 1 29 U   29 30 30 U   U   A . n 
A 1 30 C   30 31 31 C   C   A . n 
A 1 31 C   31 32 32 C   C   A . n 
A 1 32 U   32 33 33 U   U   A . n 
A 1 33 A   33 34 34 A   A   A . n 
A 1 34 A   34 35 35 A   A   A . n 
A 1 35 G   35 36 36 G   G   A . n 
A 1 36 C   36 37 37 C   C   A . n 
A 1 37 C   37 38 38 C   C   A . n 
A 1 38 C   38 39 39 C   C   A . n 
A 1 39 C   39 40 40 C   C   A . n 
A 1 40 U   40 41 41 U   U   A . n 
A 1 41 A   41 42 42 A   A   A . n 
A 1 42 A   42 43 43 A   A   A . n 
A 1 43 U   43 44 44 U   U   A . n 
A 1 44 U   44 45 45 U   U   A . n 
A 1 45 C   45 46 46 C   C   A . n 
A 1 46 A   46 47 47 A   A   A . n 
A 1 47 G   47 48 48 G   G   A . n 
A 1 48 A   48 49 49 A   A   A . n 
A 1 49 A   49 50 50 A   A   A . n 
A 1 50 G   50 51 51 G   G   A . n 
A 1 51 G   51 52 52 G   G   A . n 
A 1 52 G   52 53 53 G   G   A . n 
A 1 53 A   53 54 54 A   A   A . n 
A 1 54 A   54 55 55 A   A   A . n 
# 
loop_
_pdbx_nonpoly_scheme.asym_id 
_pdbx_nonpoly_scheme.entity_id 
_pdbx_nonpoly_scheme.mon_id 
_pdbx_nonpoly_scheme.ndb_seq_num 
_pdbx_nonpoly_scheme.pdb_seq_num 
_pdbx_nonpoly_scheme.auth_seq_num 
_pdbx_nonpoly_scheme.pdb_mon_id 
_pdbx_nonpoly_scheme.auth_mon_id 
_pdbx_nonpoly_scheme.pdb_strand_id 
_pdbx_nonpoly_scheme.pdb_ins_code 
B 2 MG  1  101 5  MG  MG  A . 
C 2 MG  1  102 9  MG  MG  A . 
D 2 MG  1  103 13 MG  MG  A . 
E 2 MG  1  104 14 MG  MG  A . 
F 2 MG  1  105 15 MG  MG  A . 
G 2 MG  1  106 16 MG  MG  A . 
H 2 MG  1  107 17 MG  MG  A . 
I 2 MG  1  108 19 MG  MG  A . 
J 3 K   1  109 1  K   K   A . 
K 4 HOH 1  202 14 HOH HOH A . 
K 4 HOH 2  203 22 HOH HOH A . 
K 4 HOH 3  204 23 HOH HOH A . 
K 4 HOH 4  205 19 HOH HOH A . 
K 4 HOH 5  206 3  HOH HOH A . 
K 4 HOH 6  207 21 HOH HOH A . 
K 4 HOH 7  208 4  HOH HOH A . 
K 4 HOH 8  209 13 HOH HOH A . 
K 4 HOH 9  210 1  HOH HOH A . 
K 4 HOH 10 211 16 HOH HOH A . 
K 4 HOH 11 212 7  HOH HOH A . 
K 4 HOH 12 213 24 HOH HOH A . 
K 4 HOH 13 214 20 HOH HOH A . 
K 4 HOH 14 215 11 HOH HOH A . 
K 4 HOH 15 216 15 HOH HOH A . 
K 4 HOH 16 217 12 HOH HOH A . 
K 4 HOH 17 218 2  HOH HOH A . 
K 4 HOH 18 219 18 HOH HOH A . 
K 4 HOH 19 220 10 HOH HOH A . 
# 
_pdbx_struct_assembly.id                   1 
_pdbx_struct_assembly.details              author_and_software_defined_assembly 
_pdbx_struct_assembly.method_details       PISA 
_pdbx_struct_assembly.oligomeric_details   monomeric 
_pdbx_struct_assembly.oligomeric_count     1 
# 
_pdbx_struct_assembly_gen.assembly_id       1 
_pdbx_struct_assembly_gen.oper_expression   1 
_pdbx_struct_assembly_gen.asym_id_list      A,B,C,D,E,F,G,H,I,J,K 
# 
_pdbx_struct_oper_list.id                   1 
_pdbx_struct_oper_list.type                 'identity operation' 
_pdbx_struct_oper_list.name                 1_555 
_pdbx_struct_oper_list.symmetry_operation   x,y,z 
_pdbx_struct_oper_list.matrix[1][1]         1.0000000000 
_pdbx_struct_oper_list.matrix[1][2]         0.0000000000 
_pdbx_struct_oper_list.matrix[1][3]         0.0000000000 
_pdbx_struct_oper_list.vector[1]            0.0000000000 
_pdbx_struct_oper_list.matrix[2][1]         0.0000000000 
_pdbx_struct_oper_list.matrix[2][2]         1.0000000000 
_pdbx_struct_oper_list.matrix[2][3]         0.0000000000 
_pdbx_struct_oper_list.vector[2]            0.0000000000 
_pdbx_struct_oper_list.matrix[3][1]         0.0000000000 
_pdbx_struct_oper_list.matrix[3][2]         0.0000000000 
_pdbx_struct_oper_list.matrix[3][3]         1.0000000000 
_pdbx_struct_oper_list.vector[3]            0.0000000000 
# 
loop_
_pdbx_struct_conn_angle.id 
_pdbx_struct_conn_angle.ptnr1_label_atom_id 
_pdbx_struct_conn_angle.ptnr1_label_alt_id 
_pdbx_struct_conn_angle.ptnr1_label_asym_id 
_pdbx_struct_conn_angle.ptnr1_label_comp_id 
_pdbx_struct_conn_angle.ptnr1_label_seq_id 
_pdbx_struct_conn_angle.ptnr1_auth_atom_id 
_pdbx_struct_conn_angle.ptnr1_auth_asym_id 
_pdbx_struct_conn_angle.ptnr1_auth_comp_id 
_pdbx_struct_conn_angle.ptnr1_auth_seq_id 
_pdbx_struct_conn_angle.ptnr1_PDB_ins_code 
_pdbx_struct_conn_angle.ptnr1_symmetry 
_pdbx_struct_conn_angle.ptnr2_label_atom_id 
_pdbx_struct_conn_angle.ptnr2_label_alt_id 
_pdbx_struct_conn_angle.ptnr2_label_asym_id 
_pdbx_struct_conn_angle.ptnr2_label_comp_id 
_pdbx_struct_conn_angle.ptnr2_label_seq_id 
_pdbx_struct_conn_angle.ptnr2_auth_atom_id 
_pdbx_struct_conn_angle.ptnr2_auth_asym_id 
_pdbx_struct_conn_angle.ptnr2_auth_comp_id 
_pdbx_struct_conn_angle.ptnr2_auth_seq_id 
_pdbx_struct_conn_angle.ptnr2_PDB_ins_code 
_pdbx_struct_conn_angle.ptnr2_symmetry 
_pdbx_struct_conn_angle.ptnr3_label_atom_id 
_pdbx_struct_conn_angle.ptnr3_label_alt_id 
_pdbx_struct_conn_angle.ptnr3_label_asym_id 
_pdbx_struct_conn_angle.ptnr3_label_comp_id 
_pdbx_struct_conn_angle.ptnr3_label_seq_id 
_pdbx_struct_conn_angle.ptnr3_auth_atom_id 
_pdbx_struct_conn_angle.ptnr3_auth_asym_id 
_pdbx_struct_conn_angle.ptnr3_auth_comp_id 
_pdbx_struct_conn_angle.ptnr3_auth_seq_id 
_pdbx_struct_conn_angle.ptnr3_PDB_ins_code 
_pdbx_struct_conn_angle.ptnr3_symmetry 
_pdbx_struct_conn_angle.value 
_pdbx_struct_conn_angle.value_esd 
1  OP1   ? A A   6  ? A A   6   ? 1_555 MG ? B MG . ? A MG 101 ? 1_555 OP2   ? A A   7  ? A A   7   ? 1_555 98.5  ? 
2  OP1   ? A A   6  ? A A   6   ? 1_555 MG ? B MG . ? A MG 101 ? 1_555 O4    ? A U   8  ? A U   8   ? 1_555 98.3  ? 
3  OP2   ? A A   7  ? A A   7   ? 1_555 MG ? B MG . ? A MG 101 ? 1_555 O4    ? A U   8  ? A U   8   ? 1_555 86.8  ? 
4  OP1   ? A A   6  ? A A   6   ? 1_555 MG ? B MG . ? A MG 101 ? 1_555 O     ? K HOH .  ? A HOH 206 ? 1_555 173.9 ? 
5  OP2   ? A A   7  ? A A   7   ? 1_555 MG ? B MG . ? A MG 101 ? 1_555 O     ? K HOH .  ? A HOH 206 ? 1_555 84.1  ? 
6  O4    ? A U   8  ? A U   8   ? 1_555 MG ? B MG . ? A MG 101 ? 1_555 O     ? K HOH .  ? A HOH 206 ? 1_555 76.3  ? 
7  OP1   ? A A   6  ? A A   6   ? 1_555 MG ? B MG . ? A MG 101 ? 1_555 O     ? K HOH .  ? A HOH 210 ? 1_555 96.3  ? 
8  OP2   ? A A   7  ? A A   7   ? 1_555 MG ? B MG . ? A MG 101 ? 1_555 O     ? K HOH .  ? A HOH 210 ? 1_555 160.9 ? 
9  O4    ? A U   8  ? A U   8   ? 1_555 MG ? B MG . ? A MG 101 ? 1_555 O     ? K HOH .  ? A HOH 210 ? 1_555 79.3  ? 
10 O     ? K HOH .  ? A HOH 206 ? 1_555 MG ? B MG . ? A MG 101 ? 1_555 O     ? K HOH .  ? A HOH 210 ? 1_555 80.0  ? 
11 OP1   ? A A   6  ? A A   6   ? 1_555 MG ? B MG . ? A MG 101 ? 1_555 O     ? K HOH .  ? A HOH 218 ? 1_555 93.0  ? 
12 OP2   ? A A   7  ? A A   7   ? 1_555 MG ? B MG . ? A MG 101 ? 1_555 O     ? K HOH .  ? A HOH 218 ? 1_555 107.1 ? 
13 O4    ? A U   8  ? A U   8   ? 1_555 MG ? B MG . ? A MG 101 ? 1_555 O     ? K HOH .  ? A HOH 218 ? 1_555 160.6 ? 
14 O     ? K HOH .  ? A HOH 206 ? 1_555 MG ? B MG . ? A MG 101 ? 1_555 O     ? K HOH .  ? A HOH 218 ? 1_555 91.4  ? 
15 O     ? K HOH .  ? A HOH 210 ? 1_555 MG ? B MG . ? A MG 101 ? 1_555 O     ? K HOH .  ? A HOH 218 ? 1_555 83.9  ? 
16 OP1   ? A A   7  ? A A   7   ? 1_555 MG ? H MG . ? A MG 107 ? 1_555 "O5'" ? A A   7  ? A A   7   ? 1_555 68.2  ? 
17 OP1   ? A A   7  ? A A   7   ? 1_555 MG ? H MG . ? A MG 107 ? 1_555 OP2   ? A U   8  ? A U   8   ? 1_555 153.9 ? 
18 "O5'" ? A A   7  ? A A   7   ? 1_555 MG ? H MG . ? A MG 107 ? 1_555 OP2   ? A U   8  ? A U   8   ? 1_555 101.8 ? 
19 O6    ? A G   26 ? A G   27  ? 1_555 MG ? E MG . ? A MG 104 ? 1_555 O     ? K HOH .  ? A HOH 202 ? 1_555 67.6  ? 
20 O6    ? A G   26 ? A G   27  ? 1_555 MG ? E MG . ? A MG 104 ? 1_555 O     ? K HOH .  ? A HOH 209 ? 1_555 166.0 ? 
21 O     ? K HOH .  ? A HOH 202 ? 1_555 MG ? E MG . ? A MG 104 ? 1_555 O     ? K HOH .  ? A HOH 209 ? 1_555 123.2 ? 
22 O6    ? A G   26 ? A G   27  ? 1_555 MG ? E MG . ? A MG 104 ? 1_555 O     ? K HOH .  ? A HOH 215 ? 1_555 91.4  ? 
23 O     ? K HOH .  ? A HOH 202 ? 1_555 MG ? E MG . ? A MG 104 ? 1_555 O     ? K HOH .  ? A HOH 215 ? 1_555 63.4  ? 
24 O     ? K HOH .  ? A HOH 209 ? 1_555 MG ? E MG . ? A MG 104 ? 1_555 O     ? K HOH .  ? A HOH 215 ? 1_555 101.4 ? 
25 O6    ? A G   26 ? A G   27  ? 1_555 MG ? E MG . ? A MG 104 ? 1_555 O     ? K HOH .  ? A HOH 217 ? 1_555 106.5 ? 
26 O     ? K HOH .  ? A HOH 202 ? 1_555 MG ? E MG . ? A MG 104 ? 1_555 O     ? K HOH .  ? A HOH 217 ? 1_555 82.5  ? 
27 O     ? K HOH .  ? A HOH 209 ? 1_555 MG ? E MG . ? A MG 104 ? 1_555 O     ? K HOH .  ? A HOH 217 ? 1_555 68.9  ? 
28 O     ? K HOH .  ? A HOH 215 ? 1_555 MG ? E MG . ? A MG 104 ? 1_555 O     ? K HOH .  ? A HOH 217 ? 1_555 131.9 ? 
29 O6    ? A G   26 ? A G   27  ? 1_555 MG ? E MG . ? A MG 104 ? 1_555 O     ? K HOH .  ? A HOH 220 ? 1_555 117.9 ? 
30 O     ? K HOH .  ? A HOH 202 ? 1_555 MG ? E MG . ? A MG 104 ? 1_555 O     ? K HOH .  ? A HOH 220 ? 1_555 51.2  ? 
31 O     ? K HOH .  ? A HOH 209 ? 1_555 MG ? E MG . ? A MG 104 ? 1_555 O     ? K HOH .  ? A HOH 220 ? 1_555 74.7  ? 
32 O     ? K HOH .  ? A HOH 215 ? 1_555 MG ? E MG . ? A MG 104 ? 1_555 O     ? K HOH .  ? A HOH 220 ? 1_555 54.8  ? 
33 O     ? K HOH .  ? A HOH 217 ? 1_555 MG ? E MG . ? A MG 104 ? 1_555 O     ? K HOH .  ? A HOH 220 ? 1_555 77.6  ? 
34 O4    ? A U   29 ? A U   30  ? 1_555 MG ? D MG . ? A MG 103 ? 1_555 OP2   ? A A   34 ? A A   35  ? 1_555 99.9  ? 
35 O4    ? A U   29 ? A U   30  ? 1_555 MG ? D MG . ? A MG 103 ? 1_555 O     ? K HOH .  ? A HOH 212 ? 1_555 84.8  ? 
36 OP2   ? A A   34 ? A A   35  ? 1_555 MG ? D MG . ? A MG 103 ? 1_555 O     ? K HOH .  ? A HOH 212 ? 1_555 96.2  ? 
37 OP2   ? A U   29 ? A U   30  ? 1_555 MG ? G MG . ? A MG 106 ? 1_555 "O3'" ? A C   30 ? A C   31  ? 1_555 123.4 ? 
38 OP2   ? A U   29 ? A U   30  ? 1_555 MG ? G MG . ? A MG 106 ? 1_555 OP1   ? A C   31 ? A C   32  ? 1_555 155.6 ? 
39 "O3'" ? A C   30 ? A C   31  ? 1_555 MG ? G MG . ? A MG 106 ? 1_555 OP1   ? A C   31 ? A C   32  ? 1_555 73.9  ? 
40 OP2   ? A U   29 ? A U   30  ? 1_555 MG ? G MG . ? A MG 106 ? 1_555 O     ? K HOH .  ? A HOH 208 ? 1_555 99.9  ? 
41 "O3'" ? A C   30 ? A C   31  ? 1_555 MG ? G MG . ? A MG 106 ? 1_555 O     ? K HOH .  ? A HOH 208 ? 1_555 126.7 ? 
42 OP1   ? A C   31 ? A C   32  ? 1_555 MG ? G MG . ? A MG 106 ? 1_555 O     ? K HOH .  ? A HOH 208 ? 1_555 77.5  ? 
43 OP2   ? A U   40 ? A U   41  ? 1_555 MG ? I MG . ? A MG 108 ? 3_454 OP2   ? A A   54 ? A A   55  ? 1_555 23.1  ? 
44 OP2   ? A A   41 ? A A   42  ? 1_555 MG ? C MG . ? A MG 102 ? 1_555 OP2   ? A A   42 ? A A   43  ? 1_555 104.7 ? 
45 OP2   ? A A   41 ? A A   42  ? 1_555 MG ? C MG . ? A MG 102 ? 1_555 O     ? K HOH .  ? A HOH 203 ? 1_555 155.4 ? 
46 OP2   ? A A   42 ? A A   43  ? 1_555 MG ? C MG . ? A MG 102 ? 1_555 O     ? K HOH .  ? A HOH 203 ? 1_555 72.0  ? 
47 OP2   ? A A   41 ? A A   42  ? 1_555 MG ? C MG . ? A MG 102 ? 1_555 O     ? K HOH .  ? A HOH 204 ? 1_555 85.8  ? 
48 OP2   ? A A   42 ? A A   43  ? 1_555 MG ? C MG . ? A MG 102 ? 1_555 O     ? K HOH .  ? A HOH 204 ? 1_555 72.5  ? 
49 O     ? K HOH .  ? A HOH 203 ? 1_555 MG ? C MG . ? A MG 102 ? 1_555 O     ? K HOH .  ? A HOH 204 ? 1_555 69.8  ? 
50 OP2   ? A A   41 ? A A   42  ? 1_555 MG ? C MG . ? A MG 102 ? 1_555 O     ? K HOH .  ? A HOH 207 ? 1_555 97.5  ? 
51 OP2   ? A A   42 ? A A   43  ? 1_555 MG ? C MG . ? A MG 102 ? 1_555 O     ? K HOH .  ? A HOH 207 ? 1_555 149.6 ? 
52 O     ? K HOH .  ? A HOH 203 ? 1_555 MG ? C MG . ? A MG 102 ? 1_555 O     ? K HOH .  ? A HOH 207 ? 1_555 79.2  ? 
53 O     ? K HOH .  ? A HOH 204 ? 1_555 MG ? C MG . ? A MG 102 ? 1_555 O     ? K HOH .  ? A HOH 207 ? 1_555 88.9  ? 
54 OP2   ? A A   41 ? A A   42  ? 1_555 MG ? C MG . ? A MG 102 ? 1_555 O     ? K HOH .  ? A HOH 214 ? 1_555 106.0 ? 
55 OP2   ? A A   42 ? A A   43  ? 1_555 MG ? C MG . ? A MG 102 ? 1_555 O     ? K HOH .  ? A HOH 214 ? 1_555 88.5  ? 
56 O     ? K HOH .  ? A HOH 203 ? 1_555 MG ? C MG . ? A MG 102 ? 1_555 O     ? K HOH .  ? A HOH 214 ? 1_555 98.3  ? 
57 O     ? K HOH .  ? A HOH 204 ? 1_555 MG ? C MG . ? A MG 102 ? 1_555 O     ? K HOH .  ? A HOH 214 ? 1_555 159.9 ? 
58 O     ? K HOH .  ? A HOH 207 ? 1_555 MG ? C MG . ? A MG 102 ? 1_555 O     ? K HOH .  ? A HOH 214 ? 1_555 105.2 ? 
59 O6    ? A G   51 ? A G   52  ? 1_555 MG ? F MG . ? A MG 105 ? 1_555 O     ? K HOH .  ? A HOH 211 ? 1_555 131.9 ? 
60 O6    ? A G   51 ? A G   52  ? 1_555 MG ? F MG . ? A MG 105 ? 1_555 O     ? K HOH .  ? A HOH 216 ? 1_555 110.4 ? 
61 O     ? K HOH .  ? A HOH 211 ? 1_555 MG ? F MG . ? A MG 105 ? 1_555 O     ? K HOH .  ? A HOH 216 ? 1_555 78.4  ? 
62 O6    ? A G   51 ? A G   52  ? 1_555 MG ? F MG . ? A MG 105 ? 1_555 O     ? K HOH .  ? A HOH 219 ? 1_555 133.9 ? 
63 O     ? K HOH .  ? A HOH 211 ? 1_555 MG ? F MG . ? A MG 105 ? 1_555 O     ? K HOH .  ? A HOH 219 ? 1_555 93.6  ? 
64 O     ? K HOH .  ? A HOH 216 ? 1_555 MG ? F MG . ? A MG 105 ? 1_555 O     ? K HOH .  ? A HOH 219 ? 1_555 65.8  ? 
# 
loop_
_pdbx_audit_revision_history.ordinal 
_pdbx_audit_revision_history.data_content_type 
_pdbx_audit_revision_history.major_revision 
_pdbx_audit_revision_history.minor_revision 
_pdbx_audit_revision_history.revision_date 
1 'Structure model' 1 0 2015-10-28 
2 'Structure model' 1 1 2016-01-27 
3 'Structure model' 1 2 2023-09-27 
# 
_pdbx_audit_revision_details.ordinal             1 
_pdbx_audit_revision_details.revision_ordinal    1 
_pdbx_audit_revision_details.data_content_type   'Structure model' 
_pdbx_audit_revision_details.provider            repository 
_pdbx_audit_revision_details.type                'Initial release' 
_pdbx_audit_revision_details.description         ? 
_pdbx_audit_revision_details.details             ? 
# 
loop_
_pdbx_audit_revision_group.ordinal 
_pdbx_audit_revision_group.revision_ordinal 
_pdbx_audit_revision_group.data_content_type 
_pdbx_audit_revision_group.group 
1 2 'Structure model' 'Database references'    
2 3 'Structure model' 'Data collection'        
3 3 'Structure model' 'Database references'    
4 3 'Structure model' 'Derived calculations'   
5 3 'Structure model' 'Refinement description' 
# 
loop_
_pdbx_audit_revision_category.ordinal 
_pdbx_audit_revision_category.revision_ordinal 
_pdbx_audit_revision_category.data_content_type 
_pdbx_audit_revision_category.category 
1 3 'Structure model' chem_comp_atom                
2 3 'Structure model' chem_comp_bond                
3 3 'Structure model' citation                      
4 3 'Structure model' database_2                    
5 3 'Structure model' pdbx_initial_refinement_model 
6 3 'Structure model' pdbx_struct_conn_angle        
7 3 'Structure model' pdbx_struct_oper_list         
8 3 'Structure model' struct_conn                   
# 
loop_
_pdbx_audit_revision_item.ordinal 
_pdbx_audit_revision_item.revision_ordinal 
_pdbx_audit_revision_item.data_content_type 
_pdbx_audit_revision_item.item 
1  3 'Structure model' '_citation.journal_id_CSD'                    
2  3 'Structure model' '_database_2.pdbx_DOI'                        
3  3 'Structure model' '_database_2.pdbx_database_accession'         
4  3 'Structure model' '_pdbx_struct_conn_angle.ptnr1_auth_comp_id'  
5  3 'Structure model' '_pdbx_struct_conn_angle.ptnr1_auth_seq_id'   
6  3 'Structure model' '_pdbx_struct_conn_angle.ptnr1_label_asym_id' 
7  3 'Structure model' '_pdbx_struct_conn_angle.ptnr1_label_atom_id' 
8  3 'Structure model' '_pdbx_struct_conn_angle.ptnr1_label_comp_id' 
9  3 'Structure model' '_pdbx_struct_conn_angle.ptnr1_label_seq_id'  
10 3 'Structure model' '_pdbx_struct_conn_angle.ptnr2_auth_seq_id'   
11 3 'Structure model' '_pdbx_struct_conn_angle.ptnr2_label_asym_id' 
12 3 'Structure model' '_pdbx_struct_conn_angle.ptnr2_symmetry'      
13 3 'Structure model' '_pdbx_struct_conn_angle.ptnr3_auth_comp_id'  
14 3 'Structure model' '_pdbx_struct_conn_angle.ptnr3_auth_seq_id'   
15 3 'Structure model' '_pdbx_struct_conn_angle.ptnr3_label_asym_id' 
16 3 'Structure model' '_pdbx_struct_conn_angle.ptnr3_label_atom_id' 
17 3 'Structure model' '_pdbx_struct_conn_angle.ptnr3_label_comp_id' 
18 3 'Structure model' '_pdbx_struct_conn_angle.ptnr3_label_seq_id'  
19 3 'Structure model' '_pdbx_struct_conn_angle.value'               
20 3 'Structure model' '_pdbx_struct_oper_list.symmetry_operation'   
21 3 'Structure model' '_struct_conn.pdbx_dist_value'                
22 3 'Structure model' '_struct_conn.ptnr1_auth_comp_id'             
23 3 'Structure model' '_struct_conn.ptnr1_auth_seq_id'              
24 3 'Structure model' '_struct_conn.ptnr1_label_asym_id'            
25 3 'Structure model' '_struct_conn.ptnr1_label_atom_id'            
26 3 'Structure model' '_struct_conn.ptnr1_label_comp_id'            
27 3 'Structure model' '_struct_conn.ptnr1_label_seq_id'             
28 3 'Structure model' '_struct_conn.ptnr2_auth_comp_id'             
29 3 'Structure model' '_struct_conn.ptnr2_auth_seq_id'              
30 3 'Structure model' '_struct_conn.ptnr2_label_asym_id'            
31 3 'Structure model' '_struct_conn.ptnr2_label_atom_id'            
32 3 'Structure model' '_struct_conn.ptnr2_label_comp_id'            
33 3 'Structure model' '_struct_conn.ptnr2_symmetry'                 
# 
loop_
_software.citation_id 
_software.classification 
_software.compiler_name 
_software.compiler_version 
_software.contact_author 
_software.contact_author_email 
_software.date 
_software.description 
_software.dependencies 
_software.hardware 
_software.language 
_software.location 
_software.mods 
_software.name 
_software.os 
_software.os_version 
_software.type 
_software.version 
_software.pdbx_ordinal 
? refinement       ? ? ? ? ? ? ? ? ? ? ? PHENIX ? ? ? 1.9_1692 1 
? 'data reduction' ? ? ? ? ? ? ? ? ? ? ? XDS    ? ? ? .        2 
? 'data scaling'   ? ? ? ? ? ? ? ? ? ? ? XDS    ? ? ? .        3 
? phasing          ? ? ? ? ? ? ? ? ? ? ? PHASER ? ? ? .        4 
# 
loop_
_pdbx_validate_close_contact.id 
_pdbx_validate_close_contact.PDB_model_num 
_pdbx_validate_close_contact.auth_atom_id_1 
_pdbx_validate_close_contact.auth_asym_id_1 
_pdbx_validate_close_contact.auth_comp_id_1 
_pdbx_validate_close_contact.auth_seq_id_1 
_pdbx_validate_close_contact.PDB_ins_code_1 
_pdbx_validate_close_contact.label_alt_id_1 
_pdbx_validate_close_contact.auth_atom_id_2 
_pdbx_validate_close_contact.auth_asym_id_2 
_pdbx_validate_close_contact.auth_comp_id_2 
_pdbx_validate_close_contact.auth_seq_id_2 
_pdbx_validate_close_contact.PDB_ins_code_2 
_pdbx_validate_close_contact.label_alt_id_2 
_pdbx_validate_close_contact.dist 
1 1 O A HOH 202 ? ? O A HOH 220 ? ? 1.79 
2 1 O A HOH 215 ? ? O A HOH 220 ? ? 1.91 
3 1 O A HOH 202 ? ? O A HOH 215 ? ? 2.19 
# 
loop_
_pdbx_validate_rmsd_angle.id 
_pdbx_validate_rmsd_angle.PDB_model_num 
_pdbx_validate_rmsd_angle.auth_atom_id_1 
_pdbx_validate_rmsd_angle.auth_asym_id_1 
_pdbx_validate_rmsd_angle.auth_comp_id_1 
_pdbx_validate_rmsd_angle.auth_seq_id_1 
_pdbx_validate_rmsd_angle.PDB_ins_code_1 
_pdbx_validate_rmsd_angle.label_alt_id_1 
_pdbx_validate_rmsd_angle.auth_atom_id_2 
_pdbx_validate_rmsd_angle.auth_asym_id_2 
_pdbx_validate_rmsd_angle.auth_comp_id_2 
_pdbx_validate_rmsd_angle.auth_seq_id_2 
_pdbx_validate_rmsd_angle.PDB_ins_code_2 
_pdbx_validate_rmsd_angle.label_alt_id_2 
_pdbx_validate_rmsd_angle.auth_atom_id_3 
_pdbx_validate_rmsd_angle.auth_asym_id_3 
_pdbx_validate_rmsd_angle.auth_comp_id_3 
_pdbx_validate_rmsd_angle.auth_seq_id_3 
_pdbx_validate_rmsd_angle.PDB_ins_code_3 
_pdbx_validate_rmsd_angle.label_alt_id_3 
_pdbx_validate_rmsd_angle.angle_value 
_pdbx_validate_rmsd_angle.angle_target_value 
_pdbx_validate_rmsd_angle.angle_deviation 
_pdbx_validate_rmsd_angle.angle_standard_deviation 
_pdbx_validate_rmsd_angle.linker_flag 
1  1 "O4'" A A 6  ? ? "C1'" A A 6  ? ? N9 A A 6  ? ? 113.90 108.50 5.40  0.70 N 
2  1 C4    A A 6  ? ? C5    A A 6  ? ? N7 A A 6  ? ? 113.82 110.70 3.12  0.50 N 
3  1 C5    A A 6  ? ? N7    A A 6  ? ? C8 A A 6  ? ? 99.82  103.90 -4.08 0.50 N 
4  1 N7    A A 6  ? ? C8    A A 6  ? ? N9 A A 6  ? ? 116.92 113.80 3.12  0.50 N 
5  1 C6    A A 6  ? ? C5    A A 6  ? ? N7 A A 6  ? ? 128.00 132.30 -4.30 0.70 N 
6  1 N1    A A 6  ? ? C6    A A 6  ? ? N6 A A 6  ? ? 123.07 118.60 4.47  0.60 N 
7  1 C8    A A 7  ? ? N9    A A 7  ? ? C4 A A 7  ? ? 108.56 105.80 2.76  0.40 N 
8  1 "O4'" A G 19 ? ? "C1'" A G 19 ? ? N9 A G 19 ? ? 115.50 108.50 7.00  0.70 N 
9  1 N3    A G 19 ? ? C4    A G 19 ? ? C5 A G 19 ? ? 125.48 128.60 -3.12 0.50 N 
10 1 N7    A G 19 ? ? C8    A G 19 ? ? N9 A G 19 ? ? 116.76 113.10 3.66  0.50 N 
11 1 C8    A G 19 ? ? N9    A G 19 ? ? C4 A G 19 ? ? 102.98 106.40 -3.42 0.40 N 
12 1 C4    A G 27 ? ? C5    A G 27 ? ? N7 A G 27 ? ? 113.96 110.80 3.16  0.40 N 
13 1 N1    A G 27 ? ? C6    A G 27 ? ? O6 A G 27 ? ? 123.70 119.90 3.80  0.60 N 
14 1 C5    A G 27 ? ? C6    A G 27 ? ? O6 A G 27 ? ? 122.79 128.60 -5.81 0.60 N 
15 1 C8    A G 29 ? ? N9    A G 29 ? ? C4 A G 29 ? ? 108.97 106.40 2.57  0.40 N 
16 1 N1    A G 52 ? ? C6    A G 52 ? ? O6 A G 52 ? ? 124.39 119.90 4.49  0.60 N 
# 
_pdbx_unobs_or_zero_occ_atoms.id               1 
_pdbx_unobs_or_zero_occ_atoms.PDB_model_num    1 
_pdbx_unobs_or_zero_occ_atoms.polymer_flag     Y 
_pdbx_unobs_or_zero_occ_atoms.occupancy_flag   1 
_pdbx_unobs_or_zero_occ_atoms.auth_asym_id     A 
_pdbx_unobs_or_zero_occ_atoms.auth_comp_id     G 
_pdbx_unobs_or_zero_occ_atoms.auth_seq_id      19 
_pdbx_unobs_or_zero_occ_atoms.PDB_ins_code     ? 
_pdbx_unobs_or_zero_occ_atoms.auth_atom_id     "O3'" 
_pdbx_unobs_or_zero_occ_atoms.label_alt_id     ? 
_pdbx_unobs_or_zero_occ_atoms.label_asym_id    A 
_pdbx_unobs_or_zero_occ_atoms.label_comp_id    G 
_pdbx_unobs_or_zero_occ_atoms.label_seq_id     19 
_pdbx_unobs_or_zero_occ_atoms.label_atom_id    "O3'" 
# 
loop_
_chem_comp_atom.comp_id 
_chem_comp_atom.atom_id 
_chem_comp_atom.type_symbol 
_chem_comp_atom.pdbx_aromatic_flag 
_chem_comp_atom.pdbx_stereo_config 
_chem_comp_atom.pdbx_ordinal 
A   OP3    O  N N 1   
A   P      P  N N 2   
A   OP1    O  N N 3   
A   OP2    O  N N 4   
A   "O5'"  O  N N 5   
A   "C5'"  C  N N 6   
A   "C4'"  C  N R 7   
A   "O4'"  O  N N 8   
A   "C3'"  C  N S 9   
A   "O3'"  O  N N 10  
A   "C2'"  C  N R 11  
A   "O2'"  O  N N 12  
A   "C1'"  C  N R 13  
A   N9     N  Y N 14  
A   C8     C  Y N 15  
A   N7     N  Y N 16  
A   C5     C  Y N 17  
A   C6     C  Y N 18  
A   N6     N  N N 19  
A   N1     N  Y N 20  
A   C2     C  Y N 21  
A   N3     N  Y N 22  
A   C4     C  Y N 23  
A   HOP3   H  N N 24  
A   HOP2   H  N N 25  
A   "H5'"  H  N N 26  
A   "H5''" H  N N 27  
A   "H4'"  H  N N 28  
A   "H3'"  H  N N 29  
A   "HO3'" H  N N 30  
A   "H2'"  H  N N 31  
A   "HO2'" H  N N 32  
A   "H1'"  H  N N 33  
A   H8     H  N N 34  
A   H61    H  N N 35  
A   H62    H  N N 36  
A   H2     H  N N 37  
C   OP3    O  N N 38  
C   P      P  N N 39  
C   OP1    O  N N 40  
C   OP2    O  N N 41  
C   "O5'"  O  N N 42  
C   "C5'"  C  N N 43  
C   "C4'"  C  N R 44  
C   "O4'"  O  N N 45  
C   "C3'"  C  N S 46  
C   "O3'"  O  N N 47  
C   "C2'"  C  N R 48  
C   "O2'"  O  N N 49  
C   "C1'"  C  N R 50  
C   N1     N  N N 51  
C   C2     C  N N 52  
C   O2     O  N N 53  
C   N3     N  N N 54  
C   C4     C  N N 55  
C   N4     N  N N 56  
C   C5     C  N N 57  
C   C6     C  N N 58  
C   HOP3   H  N N 59  
C   HOP2   H  N N 60  
C   "H5'"  H  N N 61  
C   "H5''" H  N N 62  
C   "H4'"  H  N N 63  
C   "H3'"  H  N N 64  
C   "HO3'" H  N N 65  
C   "H2'"  H  N N 66  
C   "HO2'" H  N N 67  
C   "H1'"  H  N N 68  
C   H41    H  N N 69  
C   H42    H  N N 70  
C   H5     H  N N 71  
C   H6     H  N N 72  
G   OP3    O  N N 73  
G   P      P  N N 74  
G   OP1    O  N N 75  
G   OP2    O  N N 76  
G   "O5'"  O  N N 77  
G   "C5'"  C  N N 78  
G   "C4'"  C  N R 79  
G   "O4'"  O  N N 80  
G   "C3'"  C  N S 81  
G   "O3'"  O  N N 82  
G   "C2'"  C  N R 83  
G   "O2'"  O  N N 84  
G   "C1'"  C  N R 85  
G   N9     N  Y N 86  
G   C8     C  Y N 87  
G   N7     N  Y N 88  
G   C5     C  Y N 89  
G   C6     C  N N 90  
G   O6     O  N N 91  
G   N1     N  N N 92  
G   C2     C  N N 93  
G   N2     N  N N 94  
G   N3     N  N N 95  
G   C4     C  Y N 96  
G   HOP3   H  N N 97  
G   HOP2   H  N N 98  
G   "H5'"  H  N N 99  
G   "H5''" H  N N 100 
G   "H4'"  H  N N 101 
G   "H3'"  H  N N 102 
G   "HO3'" H  N N 103 
G   "H2'"  H  N N 104 
G   "HO2'" H  N N 105 
G   "H1'"  H  N N 106 
G   H8     H  N N 107 
G   H1     H  N N 108 
G   H21    H  N N 109 
G   H22    H  N N 110 
HOH O      O  N N 111 
HOH H1     H  N N 112 
HOH H2     H  N N 113 
K   K      K  N N 114 
MG  MG     MG N N 115 
OMU N1     N  N N 116 
OMU C2     C  N N 117 
OMU N3     N  N N 118 
OMU C4     C  N N 119 
OMU C5     C  N N 120 
OMU C6     C  N N 121 
OMU O2     O  N N 122 
OMU O4     O  N N 123 
OMU "C1'"  C  N R 124 
OMU "C2'"  C  N R 125 
OMU "O2'"  O  N N 126 
OMU CM2    C  N N 127 
OMU "C3'"  C  N R 128 
OMU "C4'"  C  N R 129 
OMU "O3'"  O  N N 130 
OMU "O4'"  O  N N 131 
OMU "C5'"  C  N N 132 
OMU "O5'"  O  N N 133 
OMU P      P  N N 134 
OMU OP1    O  N N 135 
OMU OP2    O  N N 136 
OMU OP3    O  N N 137 
OMU HN3    H  N N 138 
OMU H5     H  N N 139 
OMU H6     H  N N 140 
OMU "H1'"  H  N N 141 
OMU "H2'"  H  N N 142 
OMU HM21   H  N N 143 
OMU HM22   H  N N 144 
OMU HM23   H  N N 145 
OMU "H3'"  H  N N 146 
OMU "H4'"  H  N N 147 
OMU "HO3'" H  N N 148 
OMU "H5'"  H  N N 149 
OMU "H5''" H  N N 150 
OMU HOP2   H  N N 151 
OMU HOP3   H  N N 152 
U   OP3    O  N N 153 
U   P      P  N N 154 
U   OP1    O  N N 155 
U   OP2    O  N N 156 
U   "O5'"  O  N N 157 
U   "C5'"  C  N N 158 
U   "C4'"  C  N R 159 
U   "O4'"  O  N N 160 
U   "C3'"  C  N S 161 
U   "O3'"  O  N N 162 
U   "C2'"  C  N R 163 
U   "O2'"  O  N N 164 
U   "C1'"  C  N R 165 
U   N1     N  N N 166 
U   C2     C  N N 167 
U   O2     O  N N 168 
U   N3     N  N N 169 
U   C4     C  N N 170 
U   O4     O  N N 171 
U   C5     C  N N 172 
U   C6     C  N N 173 
U   HOP3   H  N N 174 
U   HOP2   H  N N 175 
U   "H5'"  H  N N 176 
U   "H5''" H  N N 177 
U   "H4'"  H  N N 178 
U   "H3'"  H  N N 179 
U   "HO3'" H  N N 180 
U   "H2'"  H  N N 181 
U   "HO2'" H  N N 182 
U   "H1'"  H  N N 183 
U   H3     H  N N 184 
U   H5     H  N N 185 
U   H6     H  N N 186 
# 
loop_
_chem_comp_bond.comp_id 
_chem_comp_bond.atom_id_1 
_chem_comp_bond.atom_id_2 
_chem_comp_bond.value_order 
_chem_comp_bond.pdbx_aromatic_flag 
_chem_comp_bond.pdbx_stereo_config 
_chem_comp_bond.pdbx_ordinal 
A   OP3   P      sing N N 1   
A   OP3   HOP3   sing N N 2   
A   P     OP1    doub N N 3   
A   P     OP2    sing N N 4   
A   P     "O5'"  sing N N 5   
A   OP2   HOP2   sing N N 6   
A   "O5'" "C5'"  sing N N 7   
A   "C5'" "C4'"  sing N N 8   
A   "C5'" "H5'"  sing N N 9   
A   "C5'" "H5''" sing N N 10  
A   "C4'" "O4'"  sing N N 11  
A   "C4'" "C3'"  sing N N 12  
A   "C4'" "H4'"  sing N N 13  
A   "O4'" "C1'"  sing N N 14  
A   "C3'" "O3'"  sing N N 15  
A   "C3'" "C2'"  sing N N 16  
A   "C3'" "H3'"  sing N N 17  
A   "O3'" "HO3'" sing N N 18  
A   "C2'" "O2'"  sing N N 19  
A   "C2'" "C1'"  sing N N 20  
A   "C2'" "H2'"  sing N N 21  
A   "O2'" "HO2'" sing N N 22  
A   "C1'" N9     sing N N 23  
A   "C1'" "H1'"  sing N N 24  
A   N9    C8     sing Y N 25  
A   N9    C4     sing Y N 26  
A   C8    N7     doub Y N 27  
A   C8    H8     sing N N 28  
A   N7    C5     sing Y N 29  
A   C5    C6     sing Y N 30  
A   C5    C4     doub Y N 31  
A   C6    N6     sing N N 32  
A   C6    N1     doub Y N 33  
A   N6    H61    sing N N 34  
A   N6    H62    sing N N 35  
A   N1    C2     sing Y N 36  
A   C2    N3     doub Y N 37  
A   C2    H2     sing N N 38  
A   N3    C4     sing Y N 39  
C   OP3   P      sing N N 40  
C   OP3   HOP3   sing N N 41  
C   P     OP1    doub N N 42  
C   P     OP2    sing N N 43  
C   P     "O5'"  sing N N 44  
C   OP2   HOP2   sing N N 45  
C   "O5'" "C5'"  sing N N 46  
C   "C5'" "C4'"  sing N N 47  
C   "C5'" "H5'"  sing N N 48  
C   "C5'" "H5''" sing N N 49  
C   "C4'" "O4'"  sing N N 50  
C   "C4'" "C3'"  sing N N 51  
C   "C4'" "H4'"  sing N N 52  
C   "O4'" "C1'"  sing N N 53  
C   "C3'" "O3'"  sing N N 54  
C   "C3'" "C2'"  sing N N 55  
C   "C3'" "H3'"  sing N N 56  
C   "O3'" "HO3'" sing N N 57  
C   "C2'" "O2'"  sing N N 58  
C   "C2'" "C1'"  sing N N 59  
C   "C2'" "H2'"  sing N N 60  
C   "O2'" "HO2'" sing N N 61  
C   "C1'" N1     sing N N 62  
C   "C1'" "H1'"  sing N N 63  
C   N1    C2     sing N N 64  
C   N1    C6     sing N N 65  
C   C2    O2     doub N N 66  
C   C2    N3     sing N N 67  
C   N3    C4     doub N N 68  
C   C4    N4     sing N N 69  
C   C4    C5     sing N N 70  
C   N4    H41    sing N N 71  
C   N4    H42    sing N N 72  
C   C5    C6     doub N N 73  
C   C5    H5     sing N N 74  
C   C6    H6     sing N N 75  
G   OP3   P      sing N N 76  
G   OP3   HOP3   sing N N 77  
G   P     OP1    doub N N 78  
G   P     OP2    sing N N 79  
G   P     "O5'"  sing N N 80  
G   OP2   HOP2   sing N N 81  
G   "O5'" "C5'"  sing N N 82  
G   "C5'" "C4'"  sing N N 83  
G   "C5'" "H5'"  sing N N 84  
G   "C5'" "H5''" sing N N 85  
G   "C4'" "O4'"  sing N N 86  
G   "C4'" "C3'"  sing N N 87  
G   "C4'" "H4'"  sing N N 88  
G   "O4'" "C1'"  sing N N 89  
G   "C3'" "O3'"  sing N N 90  
G   "C3'" "C2'"  sing N N 91  
G   "C3'" "H3'"  sing N N 92  
G   "O3'" "HO3'" sing N N 93  
G   "C2'" "O2'"  sing N N 94  
G   "C2'" "C1'"  sing N N 95  
G   "C2'" "H2'"  sing N N 96  
G   "O2'" "HO2'" sing N N 97  
G   "C1'" N9     sing N N 98  
G   "C1'" "H1'"  sing N N 99  
G   N9    C8     sing Y N 100 
G   N9    C4     sing Y N 101 
G   C8    N7     doub Y N 102 
G   C8    H8     sing N N 103 
G   N7    C5     sing Y N 104 
G   C5    C6     sing N N 105 
G   C5    C4     doub Y N 106 
G   C6    O6     doub N N 107 
G   C6    N1     sing N N 108 
G   N1    C2     sing N N 109 
G   N1    H1     sing N N 110 
G   C2    N2     sing N N 111 
G   C2    N3     doub N N 112 
G   N2    H21    sing N N 113 
G   N2    H22    sing N N 114 
G   N3    C4     sing N N 115 
HOH O     H1     sing N N 116 
HOH O     H2     sing N N 117 
OMU N1    C2     sing N N 118 
OMU N1    C6     sing N N 119 
OMU N1    "C1'"  sing N N 120 
OMU C2    N3     sing N N 121 
OMU C2    O2     doub N N 122 
OMU N3    C4     sing N N 123 
OMU N3    HN3    sing N N 124 
OMU C4    C5     sing N N 125 
OMU C4    O4     doub N N 126 
OMU C5    C6     doub N N 127 
OMU C5    H5     sing N N 128 
OMU C6    H6     sing N N 129 
OMU "C1'" "C2'"  sing N N 130 
OMU "C1'" "O4'"  sing N N 131 
OMU "C1'" "H1'"  sing N N 132 
OMU "C2'" "O2'"  sing N N 133 
OMU "C2'" "C3'"  sing N N 134 
OMU "C2'" "H2'"  sing N N 135 
OMU "O2'" CM2    sing N N 136 
OMU CM2   HM21   sing N N 137 
OMU CM2   HM22   sing N N 138 
OMU CM2   HM23   sing N N 139 
OMU "C3'" "C4'"  sing N N 140 
OMU "C3'" "O3'"  sing N N 141 
OMU "C3'" "H3'"  sing N N 142 
OMU "C4'" "O4'"  sing N N 143 
OMU "C4'" "C5'"  sing N N 144 
OMU "C4'" "H4'"  sing N N 145 
OMU "O3'" "HO3'" sing N N 146 
OMU "C5'" "O5'"  sing N N 147 
OMU "C5'" "H5'"  sing N N 148 
OMU "C5'" "H5''" sing N N 149 
OMU "O5'" P      sing N N 150 
OMU P     OP1    doub N N 151 
OMU P     OP2    sing N N 152 
OMU P     OP3    sing N N 153 
OMU OP2   HOP2   sing N N 154 
OMU OP3   HOP3   sing N N 155 
U   OP3   P      sing N N 156 
U   OP3   HOP3   sing N N 157 
U   P     OP1    doub N N 158 
U   P     OP2    sing N N 159 
U   P     "O5'"  sing N N 160 
U   OP2   HOP2   sing N N 161 
U   "O5'" "C5'"  sing N N 162 
U   "C5'" "C4'"  sing N N 163 
U   "C5'" "H5'"  sing N N 164 
U   "C5'" "H5''" sing N N 165 
U   "C4'" "O4'"  sing N N 166 
U   "C4'" "C3'"  sing N N 167 
U   "C4'" "H4'"  sing N N 168 
U   "O4'" "C1'"  sing N N 169 
U   "C3'" "O3'"  sing N N 170 
U   "C3'" "C2'"  sing N N 171 
U   "C3'" "H3'"  sing N N 172 
U   "O3'" "HO3'" sing N N 173 
U   "C2'" "O2'"  sing N N 174 
U   "C2'" "C1'"  sing N N 175 
U   "C2'" "H2'"  sing N N 176 
U   "O2'" "HO2'" sing N N 177 
U   "C1'" N1     sing N N 178 
U   "C1'" "H1'"  sing N N 179 
U   N1    C2     sing N N 180 
U   N1    C6     sing N N 181 
U   C2    O2     doub N N 182 
U   C2    N3     sing N N 183 
U   N3    C4     sing N N 184 
U   N3    H3     sing N N 185 
U   C4    O4     doub N N 186 
U   C4    C5     sing N N 187 
U   C5    C6     doub N N 188 
U   C5    H5     sing N N 189 
U   C6    H6     sing N N 190 
# 
loop_
_ndb_struct_conf_na.entry_id 
_ndb_struct_conf_na.feature 
5DUN 'double helix'         
5DUN 'a-form double helix'  
5DUN 'hairpin loop'         
5DUN 'bulge loop'           
5DUN 'mismatched base pair' 
5DUN 'three-way junction'   
# 
loop_
_ndb_struct_na_base_pair.model_number 
_ndb_struct_na_base_pair.i_label_asym_id 
_ndb_struct_na_base_pair.i_label_comp_id 
_ndb_struct_na_base_pair.i_label_seq_id 
_ndb_struct_na_base_pair.i_symmetry 
_ndb_struct_na_base_pair.j_label_asym_id 
_ndb_struct_na_base_pair.j_label_comp_id 
_ndb_struct_na_base_pair.j_label_seq_id 
_ndb_struct_na_base_pair.j_symmetry 
_ndb_struct_na_base_pair.shear 
_ndb_struct_na_base_pair.stretch 
_ndb_struct_na_base_pair.stagger 
_ndb_struct_na_base_pair.buckle 
_ndb_struct_na_base_pair.propeller 
_ndb_struct_na_base_pair.opening 
_ndb_struct_na_base_pair.pair_number 
_ndb_struct_na_base_pair.pair_name 
_ndb_struct_na_base_pair.i_auth_asym_id 
_ndb_struct_na_base_pair.i_auth_seq_id 
_ndb_struct_na_base_pair.i_PDB_ins_code 
_ndb_struct_na_base_pair.j_auth_asym_id 
_ndb_struct_na_base_pair.j_auth_seq_id 
_ndb_struct_na_base_pair.j_PDB_ins_code 
_ndb_struct_na_base_pair.hbond_type_28 
_ndb_struct_na_base_pair.hbond_type_12 
1 A U 2  1_555 A A 54 1_555 -0.178 -0.002 0.257  18.327  -19.531 -4.849  1  A_U2:A55_A  A 2  ? A 55 ? 20 1  
1 A U 3  1_555 A A 53 1_555 -0.082 0.002  -0.056 25.485  -19.892 6.822   2  A_U3:A54_A  A 3  ? A 54 ? 20 1  
1 A C 30 1_555 A G 51 1_555 -0.841 0.009  0.012  -4.329  -8.861  3.643   3  A_C31:G52_A A 31 ? A 52 ? 19 1  
1 A C 31 1_555 A G 50 1_555 0.051  -0.005 -0.118 -6.213  0.778   2.106   4  A_C32:G51_A A 32 ? A 51 ? 19 1  
1 A U 32 1_555 A A 49 1_555 0.082  0.002  -0.243 14.363  -0.171  2.578   5  A_U33:A50_A A 33 ? A 50 ? 20 1  
1 A A 33 1_555 A A 48 1_555 -1.629 -0.957 0.489  13.044  -15.710 176.322 6  A_A34:A49_A A 34 ? A 49 ? 1  2  
1 A A 7  1_555 A G 47 1_555 -6.898 -4.607 0.128  12.740  -17.740 -10.703 7  A_A7:G48_A  A 7  ? A 48 ? 11 10 
1 A U 8  1_555 A A 46 1_555 0.144  -0.128 0.382  4.269   -19.096 3.409   8  A_U8:A47_A  A 8  ? A 47 ? 20 1  
1 A G 9  1_555 A C 45 1_555 -0.140 -0.385 0.052  -4.062  -17.259 1.394   9  A_G9:C46_A  A 9  ? A 46 ? 19 1  
1 A A 10 1_555 A U 44 1_555 -0.217 -0.337 0.499  0.427   -17.180 -0.231  10 A_A10:U45_A A 10 ? A 45 ? 20 1  
1 A A 11 1_555 A U 43 1_555 0.361  -0.104 0.002  -2.658  -1.418  2.723   11 A_A11:U44_A A 11 ? A 44 ? 20 1  
1 A G 12 1_555 A C 36 1_555 0.210  -0.267 0.323  3.478   -12.175 2.796   12 A_G12:C37_A A 12 ? A 37 ? 19 1  
1 A C 13 1_555 A G 35 1_555 -0.148 -0.158 0.010  4.219   -20.299 2.888   13 A_C13:G36_A A 13 ? A 36 ? 19 1  
1 A C 14 1_555 A G 24 1_555 0.181  -0.143 0.531  -3.085  -10.245 0.521   14 A_C14:G25_A A 14 ? A 25 ? 19 1  
1 A A 15 1_555 A U 23 1_555 0.012  -0.264 0.024  5.196   -14.457 3.088   15 A_A15:U24_A A 15 ? A 24 ? 20 1  
1 A C 16 1_555 A G 22 1_555 -0.104 -0.271 -0.023 2.361   -9.142  1.158   16 A_C16:G23_A A 16 ? A 23 ? 19 1  
1 A A 17 1_555 A U 21 1_555 0.499  -0.007 -0.222 -5.971  -15.490 -0.612  17 A_A17:U22_A A 17 ? A 22 ? 20 1  
1 A G 18 1_555 A C 20 1_555 -1.092 -0.510 0.207  -5.329  -21.838 3.768   18 A_G18:C21_A A 18 ? A 21 ? 19 1  
1 A A 25 1_555 A U 40 1_555 0.141  -3.594 -0.301 10.598  -3.650  158.337 19 A_A26:U41_A A 26 ? A 41 ? ?  ?  
1 A G 26 1_555 A C 39 1_555 0.082  -0.187 0.038  -1.678  -8.775  -4.827  20 A_G27:C40_A A 27 ? A 40 ? 19 1  
1 A G 27 1_555 A C 38 1_555 -0.195 -0.090 0.200  4.689   -7.078  8.975   21 A_G28:C39_A A 28 ? A 39 ? 19 1  
1 A G 28 1_555 A C 37 1_555 -0.123 -0.143 0.045  -11.478 -17.726 4.738   22 A_G29:C38_A A 29 ? A 38 ? 19 1  
1 A U 29 1_555 A A 34 1_555 4.399  -2.616 0.044  -11.621 4.115   -90.205 23 A_U30:A35_A A 30 ? A 35 ? 24 4  
# 
loop_
_ndb_struct_na_base_pair_step.model_number 
_ndb_struct_na_base_pair_step.i_label_asym_id_1 
_ndb_struct_na_base_pair_step.i_label_comp_id_1 
_ndb_struct_na_base_pair_step.i_label_seq_id_1 
_ndb_struct_na_base_pair_step.i_symmetry_1 
_ndb_struct_na_base_pair_step.j_label_asym_id_1 
_ndb_struct_na_base_pair_step.j_label_comp_id_1 
_ndb_struct_na_base_pair_step.j_label_seq_id_1 
_ndb_struct_na_base_pair_step.j_symmetry_1 
_ndb_struct_na_base_pair_step.i_label_asym_id_2 
_ndb_struct_na_base_pair_step.i_label_comp_id_2 
_ndb_struct_na_base_pair_step.i_label_seq_id_2 
_ndb_struct_na_base_pair_step.i_symmetry_2 
_ndb_struct_na_base_pair_step.j_label_asym_id_2 
_ndb_struct_na_base_pair_step.j_label_comp_id_2 
_ndb_struct_na_base_pair_step.j_label_seq_id_2 
_ndb_struct_na_base_pair_step.j_symmetry_2 
_ndb_struct_na_base_pair_step.shift 
_ndb_struct_na_base_pair_step.slide 
_ndb_struct_na_base_pair_step.rise 
_ndb_struct_na_base_pair_step.tilt 
_ndb_struct_na_base_pair_step.roll 
_ndb_struct_na_base_pair_step.twist 
_ndb_struct_na_base_pair_step.x_displacement 
_ndb_struct_na_base_pair_step.y_displacement 
_ndb_struct_na_base_pair_step.helical_rise 
_ndb_struct_na_base_pair_step.inclination 
_ndb_struct_na_base_pair_step.tip 
_ndb_struct_na_base_pair_step.helical_twist 
_ndb_struct_na_base_pair_step.step_number 
_ndb_struct_na_base_pair_step.step_name 
_ndb_struct_na_base_pair_step.i_auth_asym_id_1 
_ndb_struct_na_base_pair_step.i_auth_seq_id_1 
_ndb_struct_na_base_pair_step.i_PDB_ins_code_1 
_ndb_struct_na_base_pair_step.j_auth_asym_id_1 
_ndb_struct_na_base_pair_step.j_auth_seq_id_1 
_ndb_struct_na_base_pair_step.j_PDB_ins_code_1 
_ndb_struct_na_base_pair_step.i_auth_asym_id_2 
_ndb_struct_na_base_pair_step.i_auth_seq_id_2 
_ndb_struct_na_base_pair_step.i_PDB_ins_code_2 
_ndb_struct_na_base_pair_step.j_auth_asym_id_2 
_ndb_struct_na_base_pair_step.j_auth_seq_id_2 
_ndb_struct_na_base_pair_step.j_PDB_ins_code_2 
1 A U 2  1_555 A A 54 1_555 A U 3  1_555 A A 53 1_555 0.528  -1.240 3.076 -1.264   8.215   30.427  -3.644 -1.182 2.636 15.298  
2.354   31.516   1  AA_U2U3:A54A55_AA   A 2  ? A 55 ? A 3  ? A 54 ? 
1 A U 3  1_555 A A 53 1_555 A C 30 1_555 A G 51 1_555 -1.544 -2.440 6.638 -10.497  28.206  79.504  -3.149 0.658  5.816 21.371  
7.953   84.118   2  AA_U3C31:G52A54_AA  A 3  ? A 54 ? A 31 ? A 52 ? 
1 A C 30 1_555 A G 51 1_555 A C 31 1_555 A G 50 1_555 -0.579 -2.067 3.200 0.301    9.683   34.726  -4.577 0.975  2.546 15.845  
-0.492  36.012   3  AA_C31C32:G51G52_AA A 31 ? A 52 ? A 32 ? A 51 ? 
1 A C 31 1_555 A G 50 1_555 A U 32 1_555 A A 49 1_555 0.459  -1.660 2.911 2.456    4.909   26.691  -4.572 -0.451 2.601 10.493  
-5.250  27.240   4  AA_C32U33:A50G51_AA A 32 ? A 51 ? A 33 ? A 50 ? 
1 A U 32 1_555 A A 49 1_555 A A 33 1_555 A A 48 1_555 -0.252 -3.749 0.923 -144.902 98.076  -39.731 1.282  -1.004 2.094 -49.968 
-73.825 -175.272 5  AA_U33A34:A49A50_AA A 33 ? A 50 ? A 34 ? A 49 ? 
1 A A 33 1_555 A A 48 1_555 A A 7  1_555 A G 47 1_555 2.722  -4.777 0.749 147.004  -71.669 16.468  -1.389 0.724  4.601 -38.920 
-79.831 163.715  6  AA_A34A7:G48A49_AA  A 34 ? A 49 ? A 7  ? A 48 ? 
1 A A 7  1_555 A G 47 1_555 A U 8  1_555 A A 46 1_555 0.803  -0.834 3.819 -7.723   5.575   69.735  -0.950 -1.010 3.657 4.853   
6.723   70.300   7  AA_A7U8:A47G48_AA   A 7  ? A 48 ? A 8  ? A 47 ? 
1 A U 8  1_555 A A 46 1_555 A G 9  1_555 A C 45 1_555 -0.983 -1.738 3.132 1.032    13.594  27.680  -5.488 2.020  2.037 26.475  
-2.010  30.796   8  AA_U8G9:C46A47_AA   A 8  ? A 47 ? A 9  ? A 46 ? 
1 A G 9  1_555 A C 45 1_555 A A 10 1_555 A U 44 1_555 0.252  -0.947 2.999 -2.921   8.359   33.445  -2.731 -0.822 2.661 14.217  
4.968   34.565   9  AA_G9A10:U45C46_AA  A 9  ? A 46 ? A 10 ? A 45 ? 
1 A A 10 1_555 A U 44 1_555 A A 11 1_555 A U 43 1_555 0.314  -0.574 3.391 7.150    0.907   34.919  -1.075 0.573  3.372 1.492   
-11.761 35.632   10 AA_A10A11:U44U45_AA A 10 ? A 45 ? A 11 ? A 44 ? 
1 A A 11 1_555 A U 43 1_555 A G 12 1_555 A C 36 1_555 0.569  -2.614 2.975 -0.937   11.372  22.917  -8.246 -1.479 1.503 26.607  
2.193   25.566   11 AA_A11G12:C37U44_AA A 11 ? A 44 ? A 12 ? A 37 ? 
1 A G 12 1_555 A C 36 1_555 A C 13 1_555 A G 35 1_555 0.320  -1.661 3.144 4.011    -1.781  35.604  -2.448 0.042  3.237 -2.899  
-6.528  35.865   12 AA_G12C13:G36C37_AA A 12 ? A 37 ? A 13 ? A 36 ? 
1 A C 13 1_555 A G 35 1_555 A C 14 1_555 A G 24 1_555 -1.270 -1.954 3.504 -8.149   10.860  27.906  -5.797 0.773  2.820 21.016  
15.770  30.974   13 AA_C13C14:G25G36_AA A 13 ? A 36 ? A 14 ? A 25 ? 
1 A C 14 1_555 A G 24 1_555 A A 15 1_555 A U 23 1_555 -0.292 -1.201 2.945 0.666    11.176  29.102  -4.019 0.650  2.329 21.273  
-1.267  31.138   14 AA_C14A15:U24G25_AA A 14 ? A 25 ? A 15 ? A 24 ? 
1 A A 15 1_555 A U 23 1_555 A C 16 1_555 A G 22 1_555 -0.147 -1.072 3.329 -1.707   8.517   32.051  -3.277 -0.024 2.959 15.082  
3.023   33.177   15 AA_A15C16:G23U24_AA A 15 ? A 24 ? A 16 ? A 23 ? 
1 A C 16 1_555 A G 22 1_555 A A 17 1_555 A U 21 1_555 0.501  -1.575 3.441 3.799    8.400   34.515  -3.792 -0.264 3.023 13.854  
-6.266  35.689   16 AA_C16A17:U22G23_AA A 16 ? A 23 ? A 17 ? A 22 ? 
1 A A 17 1_555 A U 21 1_555 A G 18 1_555 A C 20 1_555 0.771  -2.021 3.036 3.177    13.585  23.873  -6.837 -1.009 1.740 29.803  
-6.970  27.600   17 AA_A17G18:C21U22_AA A 17 ? A 22 ? A 18 ? A 21 ? 
1 A A 25 1_555 A U 40 1_555 A G 26 1_555 A C 39 1_555 0.551  -1.182 3.282 0.914    -3.943  128.581 -0.625 -0.299 3.303 -2.188  
-0.507  128.615  18 AA_A26G27:C40U41_AA A 26 ? A 41 ? A 27 ? A 40 ? 
1 A G 26 1_555 A C 39 1_555 A G 27 1_555 A C 38 1_555 0.196  -1.978 2.966 -4.223   9.170   28.163  -5.378 -1.091 2.177 18.123  
8.347   29.883   19 AA_G27G28:C39C40_AA A 27 ? A 40 ? A 28 ? A 39 ? 
1 A G 27 1_555 A C 38 1_555 A G 28 1_555 A C 37 1_555 0.552  -2.037 3.416 2.859    16.087  30.301  -5.733 -0.529 2.138 28.335  
-5.036  34.335   20 AA_G28G29:C38C39_AA A 28 ? A 39 ? A 29 ? A 38 ? 
1 A G 28 1_555 A C 37 1_555 A U 29 1_555 A A 34 1_555 -1.253 -2.212 3.084 5.603    0.140   91.072  -1.551 0.979  3.018 0.098   
-3.922  91.206   21 AA_G29U30:A35C38_AA A 29 ? A 38 ? A 30 ? A 35 ? 
# 
loop_
_pdbx_entity_nonpoly.entity_id 
_pdbx_entity_nonpoly.name 
_pdbx_entity_nonpoly.comp_id 
2 'MAGNESIUM ION' MG  
3 'POTASSIUM ION' K   
4 water           HOH 
# 
_pdbx_initial_refinement_model.id               1 
_pdbx_initial_refinement_model.entity_id_list   ? 
_pdbx_initial_refinement_model.type             'experimental model' 
_pdbx_initial_refinement_model.source_name      PDB 
_pdbx_initial_refinement_model.accession_code   4RGE 
_pdbx_initial_refinement_model.details          ? 
# 
